data_1B0B
# 
_entry.id   1B0B 
# 
_audit_conform.dict_name       mmcif_pdbx.dic 
_audit_conform.dict_version    5.393 
_audit_conform.dict_location   http://mmcif.pdb.org/dictionaries/ascii/mmcif_pdbx.dic 
# 
loop_
_database_2.database_id 
_database_2.database_code 
_database_2.pdbx_database_accession 
_database_2.pdbx_DOI 
PDB   1B0B         pdb_00001b0b 10.2210/pdb1b0b/pdb 
WWPDB D_1000171463 ?            ?                   
# 
loop_
_pdbx_audit_revision_history.ordinal 
_pdbx_audit_revision_history.data_content_type 
_pdbx_audit_revision_history.major_revision 
_pdbx_audit_revision_history.minor_revision 
_pdbx_audit_revision_history.revision_date 
1 'Structure model' 1 0 2000-02-18 
2 'Structure model' 1 1 2008-03-24 
3 'Structure model' 1 2 2011-07-13 
4 'Structure model' 1 3 2024-06-05 
# 
_pdbx_audit_revision_details.ordinal             1 
_pdbx_audit_revision_details.revision_ordinal    1 
_pdbx_audit_revision_details.data_content_type   'Structure model' 
_pdbx_audit_revision_details.provider            repository 
_pdbx_audit_revision_details.type                'Initial release' 
_pdbx_audit_revision_details.description         ? 
_pdbx_audit_revision_details.details             ? 
# 
loop_
_pdbx_audit_revision_group.ordinal 
_pdbx_audit_revision_group.revision_ordinal 
_pdbx_audit_revision_group.data_content_type 
_pdbx_audit_revision_group.group 
1 2 'Structure model' 'Version format compliance' 
2 3 'Structure model' 'Version format compliance' 
3 4 'Structure model' 'Data collection'           
4 4 'Structure model' 'Database references'       
5 4 'Structure model' 'Derived calculations'      
6 4 'Structure model' Other                       
# 
loop_
_pdbx_audit_revision_category.ordinal 
_pdbx_audit_revision_category.revision_ordinal 
_pdbx_audit_revision_category.data_content_type 
_pdbx_audit_revision_category.category 
1 4 'Structure model' chem_comp_atom       
2 4 'Structure model' chem_comp_bond       
3 4 'Structure model' database_2           
4 4 'Structure model' diffrn_source        
5 4 'Structure model' pdbx_database_status 
6 4 'Structure model' struct_conn          
7 4 'Structure model' struct_ref_seq_dif   
8 4 'Structure model' struct_site          
# 
loop_
_pdbx_audit_revision_item.ordinal 
_pdbx_audit_revision_item.revision_ordinal 
_pdbx_audit_revision_item.data_content_type 
_pdbx_audit_revision_item.item 
1  4 'Structure model' '_database_2.pdbx_DOI'                 
2  4 'Structure model' '_database_2.pdbx_database_accession'  
3  4 'Structure model' '_diffrn_source.pdbx_synchrotron_site' 
4  4 'Structure model' '_pdbx_database_status.process_site'   
5  4 'Structure model' '_struct_conn.pdbx_leaving_atom_flag'  
6  4 'Structure model' '_struct_conn.ptnr1_auth_comp_id'      
7  4 'Structure model' '_struct_conn.ptnr1_auth_seq_id'       
8  4 'Structure model' '_struct_conn.ptnr1_label_asym_id'     
9  4 'Structure model' '_struct_conn.ptnr1_label_atom_id'     
10 4 'Structure model' '_struct_conn.ptnr1_label_comp_id'     
11 4 'Structure model' '_struct_conn.ptnr1_label_seq_id'      
12 4 'Structure model' '_struct_conn.ptnr2_auth_comp_id'      
13 4 'Structure model' '_struct_conn.ptnr2_auth_seq_id'       
14 4 'Structure model' '_struct_conn.ptnr2_label_asym_id'     
15 4 'Structure model' '_struct_conn.ptnr2_label_atom_id'     
16 4 'Structure model' '_struct_conn.ptnr2_label_comp_id'     
17 4 'Structure model' '_struct_conn.ptnr2_label_seq_id'      
18 4 'Structure model' '_struct_ref_seq_dif.details'          
19 4 'Structure model' '_struct_site.pdbx_auth_asym_id'       
20 4 'Structure model' '_struct_site.pdbx_auth_comp_id'       
21 4 'Structure model' '_struct_site.pdbx_auth_seq_id'        
# 
_pdbx_database_status.status_code                     REL 
_pdbx_database_status.entry_id                        1B0B 
_pdbx_database_status.recvd_initial_deposition_date   1998-11-06 
_pdbx_database_status.deposit_site                    ? 
_pdbx_database_status.process_site                    BNL 
_pdbx_database_status.status_code_sf                  REL 
_pdbx_database_status.status_code_mr                  ? 
_pdbx_database_status.SG_entry                        ? 
_pdbx_database_status.pdb_format_compatible           Y 
_pdbx_database_status.status_code_cs                  ? 
_pdbx_database_status.status_code_nmr_data            ? 
_pdbx_database_status.methods_development_category    ? 
# 
loop_
_audit_author.name 
_audit_author.pdbx_ordinal 
'Rosano, C.'    1 
'Rizzi, M.'     2 
'Ascenzi, P.'   3 
'Bolognesi, M.' 4 
# 
_citation.id                        primary 
_citation.title                     
'Cyanide binding to Lucina pectinata hemoglobin I and to sperm whale myoglobin: an x-ray crystallographic study.' 
_citation.journal_abbrev            Biophys.J. 
_citation.journal_volume            77 
_citation.page_first                1093 
_citation.page_last                 1099 
_citation.year                      1999 
_citation.journal_id_ASTM           BIOJAU 
_citation.country                   US 
_citation.journal_id_ISSN           0006-3495 
_citation.journal_id_CSD            0030 
_citation.book_publisher            ? 
_citation.pdbx_database_id_PubMed   10423453 
_citation.pdbx_database_id_DOI      ? 
# 
loop_
_citation_author.citation_id 
_citation_author.name 
_citation_author.ordinal 
_citation_author.identifier_ORCID 
primary 'Bolognesi, M.'    1 ? 
primary 'Rosano, C.'       2 ? 
primary 'Losso, R.'        3 ? 
primary 'Borassi, A.'      4 ? 
primary 'Rizzi, M.'        5 ? 
primary 'Wittenberg, J.B.' 6 ? 
primary 'Boffi, A.'        7 ? 
primary 'Ascenzi, P.'      8 ? 
# 
loop_
_entity.id 
_entity.type 
_entity.src_method 
_entity.pdbx_description 
_entity.formula_weight 
_entity.pdbx_number_of_molecules 
_entity.pdbx_ec 
_entity.pdbx_mutation 
_entity.pdbx_fragment 
_entity.details 
1 polymer     nat HEMOGLOBIN                        14829.690 1   ? ? ? ? 
2 non-polymer syn 'CYANIDE ION'                     26.017    1   ? ? ? ? 
3 non-polymer syn 'PROTOPORPHYRIN IX CONTAINING FE' 616.487   1   ? ? ? ? 
4 water       nat water                             18.015    202 ? ? ? ? 
# 
_entity_poly.entity_id                      1 
_entity_poly.type                           'polypeptide(L)' 
_entity_poly.nstd_linkage                   no 
_entity_poly.nstd_monomer                   yes 
_entity_poly.pdbx_seq_one_letter_code       
;(SAC)LSAAQKDNVKSSWAKASAAWGTAGPEFFMALFDAHDDVFAKFSGLFSGAAKGTVKNTPEMAAQAQSFKGLVSNWV
DNLDNAGALEGQCKTFAANHKARGISAGQLEAAFKVLAGFMKSYGGDEGAWTAVAGALMGMIRPDM
;
_entity_poly.pdbx_seq_one_letter_code_can   
;SLSAAQKDNVKSSWAKASAAWGTAGPEFFMALFDAHDDVFAKFSGLFSGAAKGTVKNTPEMAAQAQSFKGLVSNWVDNLD
NAGALEGQCKTFAANHKARGISAGQLEAAFKVLAGFMKSYGGDEGAWTAVAGALMGMIRPDM
;
_entity_poly.pdbx_strand_id                 A 
_entity_poly.pdbx_target_identifier         ? 
# 
loop_
_pdbx_entity_nonpoly.entity_id 
_pdbx_entity_nonpoly.name 
_pdbx_entity_nonpoly.comp_id 
2 'CYANIDE ION'                     CYN 
3 'PROTOPORPHYRIN IX CONTAINING FE' HEM 
4 water                             HOH 
# 
loop_
_entity_poly_seq.entity_id 
_entity_poly_seq.num 
_entity_poly_seq.mon_id 
_entity_poly_seq.hetero 
1 1   SAC n 
1 2   LEU n 
1 3   SER n 
1 4   ALA n 
1 5   ALA n 
1 6   GLN n 
1 7   LYS n 
1 8   ASP n 
1 9   ASN n 
1 10  VAL n 
1 11  LYS n 
1 12  SER n 
1 13  SER n 
1 14  TRP n 
1 15  ALA n 
1 16  LYS n 
1 17  ALA n 
1 18  SER n 
1 19  ALA n 
1 20  ALA n 
1 21  TRP n 
1 22  GLY n 
1 23  THR n 
1 24  ALA n 
1 25  GLY n 
1 26  PRO n 
1 27  GLU n 
1 28  PHE n 
1 29  PHE n 
1 30  MET n 
1 31  ALA n 
1 32  LEU n 
1 33  PHE n 
1 34  ASP n 
1 35  ALA n 
1 36  HIS n 
1 37  ASP n 
1 38  ASP n 
1 39  VAL n 
1 40  PHE n 
1 41  ALA n 
1 42  LYS n 
1 43  PHE n 
1 44  SER n 
1 45  GLY n 
1 46  LEU n 
1 47  PHE n 
1 48  SER n 
1 49  GLY n 
1 50  ALA n 
1 51  ALA n 
1 52  LYS n 
1 53  GLY n 
1 54  THR n 
1 55  VAL n 
1 56  LYS n 
1 57  ASN n 
1 58  THR n 
1 59  PRO n 
1 60  GLU n 
1 61  MET n 
1 62  ALA n 
1 63  ALA n 
1 64  GLN n 
1 65  ALA n 
1 66  GLN n 
1 67  SER n 
1 68  PHE n 
1 69  LYS n 
1 70  GLY n 
1 71  LEU n 
1 72  VAL n 
1 73  SER n 
1 74  ASN n 
1 75  TRP n 
1 76  VAL n 
1 77  ASP n 
1 78  ASN n 
1 79  LEU n 
1 80  ASP n 
1 81  ASN n 
1 82  ALA n 
1 83  GLY n 
1 84  ALA n 
1 85  LEU n 
1 86  GLU n 
1 87  GLY n 
1 88  GLN n 
1 89  CYS n 
1 90  LYS n 
1 91  THR n 
1 92  PHE n 
1 93  ALA n 
1 94  ALA n 
1 95  ASN n 
1 96  HIS n 
1 97  LYS n 
1 98  ALA n 
1 99  ARG n 
1 100 GLY n 
1 101 ILE n 
1 102 SER n 
1 103 ALA n 
1 104 GLY n 
1 105 GLN n 
1 106 LEU n 
1 107 GLU n 
1 108 ALA n 
1 109 ALA n 
1 110 PHE n 
1 111 LYS n 
1 112 VAL n 
1 113 LEU n 
1 114 ALA n 
1 115 GLY n 
1 116 PHE n 
1 117 MET n 
1 118 LYS n 
1 119 SER n 
1 120 TYR n 
1 121 GLY n 
1 122 GLY n 
1 123 ASP n 
1 124 GLU n 
1 125 GLY n 
1 126 ALA n 
1 127 TRP n 
1 128 THR n 
1 129 ALA n 
1 130 VAL n 
1 131 ALA n 
1 132 GLY n 
1 133 ALA n 
1 134 LEU n 
1 135 MET n 
1 136 GLY n 
1 137 MET n 
1 138 ILE n 
1 139 ARG n 
1 140 PRO n 
1 141 ASP n 
1 142 MET n 
# 
_entity_src_nat.entity_id                  1 
_entity_src_nat.pdbx_src_id                1 
_entity_src_nat.pdbx_alt_source_flag       sample 
_entity_src_nat.pdbx_beg_seq_num           ? 
_entity_src_nat.pdbx_end_seq_num           ? 
_entity_src_nat.common_name                ? 
_entity_src_nat.pdbx_organism_scientific   'Lucina pectinata' 
_entity_src_nat.pdbx_ncbi_taxonomy_id      29163 
_entity_src_nat.genus                      Lucina 
_entity_src_nat.species                    ? 
_entity_src_nat.strain                     ? 
_entity_src_nat.tissue                     ? 
_entity_src_nat.tissue_fraction            ? 
_entity_src_nat.pdbx_secretion             ? 
_entity_src_nat.pdbx_fragment              ? 
_entity_src_nat.pdbx_variant               ? 
_entity_src_nat.pdbx_cell_line             ? 
_entity_src_nat.pdbx_atcc                  ? 
_entity_src_nat.pdbx_cellular_location     ? 
_entity_src_nat.pdbx_organ                 ? 
_entity_src_nat.pdbx_organelle             ? 
_entity_src_nat.pdbx_cell                  ? 
_entity_src_nat.pdbx_plasmid_name          ? 
_entity_src_nat.pdbx_plasmid_details       ? 
_entity_src_nat.details                    ? 
# 
loop_
_chem_comp.id 
_chem_comp.type 
_chem_comp.mon_nstd_flag 
_chem_comp.name 
_chem_comp.pdbx_synonyms 
_chem_comp.formula 
_chem_comp.formula_weight 
ALA 'L-peptide linking' y ALANINE                           ?    'C3 H7 N O2'       89.093  
ARG 'L-peptide linking' y ARGININE                          ?    'C6 H15 N4 O2 1'   175.209 
ASN 'L-peptide linking' y ASPARAGINE                        ?    'C4 H8 N2 O3'      132.118 
ASP 'L-peptide linking' y 'ASPARTIC ACID'                   ?    'C4 H7 N O4'       133.103 
CYN non-polymer         . 'CYANIDE ION'                     ?    'C N -1'           26.017  
CYS 'L-peptide linking' y CYSTEINE                          ?    'C3 H7 N O2 S'     121.158 
GLN 'L-peptide linking' y GLUTAMINE                         ?    'C5 H10 N2 O3'     146.144 
GLU 'L-peptide linking' y 'GLUTAMIC ACID'                   ?    'C5 H9 N O4'       147.129 
GLY 'peptide linking'   y GLYCINE                           ?    'C2 H5 N O2'       75.067  
HEM non-polymer         . 'PROTOPORPHYRIN IX CONTAINING FE' HEME 'C34 H32 Fe N4 O4' 616.487 
HIS 'L-peptide linking' y HISTIDINE                         ?    'C6 H10 N3 O2 1'   156.162 
HOH non-polymer         . WATER                             ?    'H2 O'             18.015  
ILE 'L-peptide linking' y ISOLEUCINE                        ?    'C6 H13 N O2'      131.173 
LEU 'L-peptide linking' y LEUCINE                           ?    'C6 H13 N O2'      131.173 
LYS 'L-peptide linking' y LYSINE                            ?    'C6 H15 N2 O2 1'   147.195 
MET 'L-peptide linking' y METHIONINE                        ?    'C5 H11 N O2 S'    149.211 
PHE 'L-peptide linking' y PHENYLALANINE                     ?    'C9 H11 N O2'      165.189 
PRO 'L-peptide linking' y PROLINE                           ?    'C5 H9 N O2'       115.130 
SAC 'L-peptide linking' n N-ACETYL-SERINE                   ?    'C5 H9 N O4'       147.129 
SER 'L-peptide linking' y SERINE                            ?    'C3 H7 N O3'       105.093 
THR 'L-peptide linking' y THREONINE                         ?    'C4 H9 N O3'       119.119 
TRP 'L-peptide linking' y TRYPTOPHAN                        ?    'C11 H12 N2 O2'    204.225 
TYR 'L-peptide linking' y TYROSINE                          ?    'C9 H11 N O3'      181.189 
VAL 'L-peptide linking' y VALINE                            ?    'C5 H11 N O2'      117.146 
# 
loop_
_pdbx_poly_seq_scheme.asym_id 
_pdbx_poly_seq_scheme.entity_id 
_pdbx_poly_seq_scheme.seq_id 
_pdbx_poly_seq_scheme.mon_id 
_pdbx_poly_seq_scheme.ndb_seq_num 
_pdbx_poly_seq_scheme.pdb_seq_num 
_pdbx_poly_seq_scheme.auth_seq_num 
_pdbx_poly_seq_scheme.pdb_mon_id 
_pdbx_poly_seq_scheme.auth_mon_id 
_pdbx_poly_seq_scheme.pdb_strand_id 
_pdbx_poly_seq_scheme.pdb_ins_code 
_pdbx_poly_seq_scheme.hetero 
A 1 1   SAC 1   1   1   SAC SAC A . n 
A 1 2   LEU 2   2   2   LEU LEU A . n 
A 1 3   SER 3   3   3   SER SER A . n 
A 1 4   ALA 4   4   4   ALA ALA A . n 
A 1 5   ALA 5   5   5   ALA ALA A . n 
A 1 6   GLN 6   6   6   GLN GLN A . n 
A 1 7   LYS 7   7   7   LYS LYS A . n 
A 1 8   ASP 8   8   8   ASP ASP A . n 
A 1 9   ASN 9   9   9   ASN ASN A . n 
A 1 10  VAL 10  10  10  VAL VAL A . n 
A 1 11  LYS 11  11  11  LYS LYS A . n 
A 1 12  SER 12  12  12  SER SER A . n 
A 1 13  SER 13  13  13  SER SER A . n 
A 1 14  TRP 14  14  14  TRP TRP A . n 
A 1 15  ALA 15  15  15  ALA ALA A . n 
A 1 16  LYS 16  16  16  LYS LYS A . n 
A 1 17  ALA 17  17  17  ALA ALA A . n 
A 1 18  SER 18  18  18  SER SER A . n 
A 1 19  ALA 19  19  19  ALA ALA A . n 
A 1 20  ALA 20  20  20  ALA ALA A . n 
A 1 21  TRP 21  21  21  TRP TRP A . n 
A 1 22  GLY 22  22  22  GLY GLY A . n 
A 1 23  THR 23  23  23  THR THR A . n 
A 1 24  ALA 24  24  24  ALA ALA A . n 
A 1 25  GLY 25  25  25  GLY GLY A . n 
A 1 26  PRO 26  26  26  PRO PRO A . n 
A 1 27  GLU 27  27  27  GLU GLU A . n 
A 1 28  PHE 28  28  28  PHE PHE A . n 
A 1 29  PHE 29  29  29  PHE PHE A . n 
A 1 30  MET 30  30  30  MET MET A . n 
A 1 31  ALA 31  31  31  ALA ALA A . n 
A 1 32  LEU 32  32  32  LEU LEU A . n 
A 1 33  PHE 33  33  33  PHE PHE A . n 
A 1 34  ASP 34  34  34  ASP ASP A . n 
A 1 35  ALA 35  35  35  ALA ALA A . n 
A 1 36  HIS 36  36  36  HIS HIS A . n 
A 1 37  ASP 37  37  37  ASP ASP A . n 
A 1 38  ASP 38  38  38  ASP ASP A . n 
A 1 39  VAL 39  39  39  VAL VAL A . n 
A 1 40  PHE 40  40  40  PHE PHE A . n 
A 1 41  ALA 41  41  41  ALA ALA A . n 
A 1 42  LYS 42  42  42  LYS LYS A . n 
A 1 43  PHE 43  43  43  PHE PHE A . n 
A 1 44  SER 44  44  44  SER SER A . n 
A 1 45  GLY 45  45  45  GLY GLY A . n 
A 1 46  LEU 46  46  46  LEU LEU A . n 
A 1 47  PHE 47  47  47  PHE PHE A . n 
A 1 48  SER 48  48  48  SER SER A . n 
A 1 49  GLY 49  49  49  GLY GLY A . n 
A 1 50  ALA 50  50  50  ALA ALA A . n 
A 1 51  ALA 51  51  51  ALA ALA A . n 
A 1 52  LYS 52  52  52  LYS LYS A . n 
A 1 53  GLY 53  53  53  GLY GLY A . n 
A 1 54  THR 54  54  54  THR THR A . n 
A 1 55  VAL 55  55  55  VAL VAL A . n 
A 1 56  LYS 56  56  56  LYS LYS A . n 
A 1 57  ASN 57  57  57  ASN ASN A . n 
A 1 58  THR 58  58  58  THR THR A . n 
A 1 59  PRO 59  59  59  PRO PRO A . n 
A 1 60  GLU 60  60  60  GLU GLU A . n 
A 1 61  MET 61  61  61  MET MET A . n 
A 1 62  ALA 62  62  62  ALA ALA A . n 
A 1 63  ALA 63  63  63  ALA ALA A . n 
A 1 64  GLN 64  64  64  GLN GLN A . n 
A 1 65  ALA 65  65  65  ALA ALA A . n 
A 1 66  GLN 66  66  66  GLN GLN A . n 
A 1 67  SER 67  67  67  SER SER A . n 
A 1 68  PHE 68  68  68  PHE PHE A . n 
A 1 69  LYS 69  69  69  LYS LYS A . n 
A 1 70  GLY 70  70  70  GLY GLY A . n 
A 1 71  LEU 71  71  71  LEU LEU A . n 
A 1 72  VAL 72  72  72  VAL VAL A . n 
A 1 73  SER 73  73  73  SER SER A . n 
A 1 74  ASN 74  74  74  ASN ASN A . n 
A 1 75  TRP 75  75  75  TRP TRP A . n 
A 1 76  VAL 76  76  76  VAL VAL A . n 
A 1 77  ASP 77  77  77  ASP ASP A . n 
A 1 78  ASN 78  78  78  ASN ASN A . n 
A 1 79  LEU 79  79  79  LEU LEU A . n 
A 1 80  ASP 80  80  80  ASP ASP A . n 
A 1 81  ASN 81  81  81  ASN ASN A . n 
A 1 82  ALA 82  82  82  ALA ALA A . n 
A 1 83  GLY 83  83  83  GLY GLY A . n 
A 1 84  ALA 84  84  84  ALA ALA A . n 
A 1 85  LEU 85  85  85  LEU LEU A . n 
A 1 86  GLU 86  86  86  GLU GLU A . n 
A 1 87  GLY 87  87  87  GLY GLY A . n 
A 1 88  GLN 88  88  88  GLN GLN A . n 
A 1 89  CYS 89  89  89  CYS CYS A . n 
A 1 90  LYS 90  90  90  LYS LYS A . n 
A 1 91  THR 91  91  91  THR THR A . n 
A 1 92  PHE 92  92  92  PHE PHE A . n 
A 1 93  ALA 93  93  93  ALA ALA A . n 
A 1 94  ALA 94  94  94  ALA ALA A . n 
A 1 95  ASN 95  95  95  ASN ASN A . n 
A 1 96  HIS 96  96  96  HIS HIS A . n 
A 1 97  LYS 97  97  97  LYS LYS A . n 
A 1 98  ALA 98  98  98  ALA ALA A . n 
A 1 99  ARG 99  99  99  ARG ARG A . n 
A 1 100 GLY 100 100 100 GLY GLY A . n 
A 1 101 ILE 101 101 101 ILE ILE A . n 
A 1 102 SER 102 102 102 SER SER A . n 
A 1 103 ALA 103 103 103 ALA ALA A . n 
A 1 104 GLY 104 104 104 GLY GLY A . n 
A 1 105 GLN 105 105 105 GLN GLN A . n 
A 1 106 LEU 106 106 106 LEU LEU A . n 
A 1 107 GLU 107 107 107 GLU GLU A . n 
A 1 108 ALA 108 108 108 ALA ALA A . n 
A 1 109 ALA 109 109 109 ALA ALA A . n 
A 1 110 PHE 110 110 110 PHE PHE A . n 
A 1 111 LYS 111 111 111 LYS LYS A . n 
A 1 112 VAL 112 112 112 VAL VAL A . n 
A 1 113 LEU 113 113 113 LEU LEU A . n 
A 1 114 ALA 114 114 114 ALA ALA A . n 
A 1 115 GLY 115 115 115 GLY GLY A . n 
A 1 116 PHE 116 116 116 PHE PHE A . n 
A 1 117 MET 117 117 117 MET MET A . n 
A 1 118 LYS 118 118 118 LYS LYS A . n 
A 1 119 SER 119 119 119 SER SER A . n 
A 1 120 TYR 120 120 120 TYR TYR A . n 
A 1 121 GLY 121 121 121 GLY GLY A . n 
A 1 122 GLY 122 122 122 GLY GLY A . n 
A 1 123 ASP 123 123 123 ASP ASP A . n 
A 1 124 GLU 124 124 124 GLU GLU A . n 
A 1 125 GLY 125 125 125 GLY GLY A . n 
A 1 126 ALA 126 126 126 ALA ALA A . n 
A 1 127 TRP 127 127 127 TRP TRP A . n 
A 1 128 THR 128 128 128 THR THR A . n 
A 1 129 ALA 129 129 129 ALA ALA A . n 
A 1 130 VAL 130 130 130 VAL VAL A . n 
A 1 131 ALA 131 131 131 ALA ALA A . n 
A 1 132 GLY 132 132 132 GLY GLY A . n 
A 1 133 ALA 133 133 133 ALA ALA A . n 
A 1 134 LEU 134 134 134 LEU LEU A . n 
A 1 135 MET 135 135 135 MET MET A . n 
A 1 136 GLY 136 136 136 GLY GLY A . n 
A 1 137 MET 137 137 137 MET MET A . n 
A 1 138 ILE 138 138 138 ILE ILE A . n 
A 1 139 ARG 139 139 139 ARG ARG A . n 
A 1 140 PRO 140 140 140 PRO PRO A . n 
A 1 141 ASP 141 141 141 ASP ASP A . n 
A 1 142 MET 142 142 142 MET MET A . n 
# 
loop_
_pdbx_nonpoly_scheme.asym_id 
_pdbx_nonpoly_scheme.entity_id 
_pdbx_nonpoly_scheme.mon_id 
_pdbx_nonpoly_scheme.ndb_seq_num 
_pdbx_nonpoly_scheme.pdb_seq_num 
_pdbx_nonpoly_scheme.auth_seq_num 
_pdbx_nonpoly_scheme.pdb_mon_id 
_pdbx_nonpoly_scheme.auth_mon_id 
_pdbx_nonpoly_scheme.pdb_strand_id 
_pdbx_nonpoly_scheme.pdb_ins_code 
B 2 CYN 1   145 145 CYN CYN A . 
C 3 HEM 1   144 144 HEM HEM A . 
D 4 HOH 1   501 501 HOH HOH A . 
D 4 HOH 2   502 502 HOH HOH A . 
D 4 HOH 3   503 503 HOH HOH A . 
D 4 HOH 4   504 504 HOH HOH A . 
D 4 HOH 5   505 505 HOH HOH A . 
D 4 HOH 6   506 506 HOH HOH A . 
D 4 HOH 7   507 507 HOH HOH A . 
D 4 HOH 8   508 508 HOH HOH A . 
D 4 HOH 9   509 509 HOH HOH A . 
D 4 HOH 10  510 510 HOH HOH A . 
D 4 HOH 11  511 511 HOH HOH A . 
D 4 HOH 12  512 512 HOH HOH A . 
D 4 HOH 13  513 513 HOH HOH A . 
D 4 HOH 14  514 514 HOH HOH A . 
D 4 HOH 15  515 515 HOH HOH A . 
D 4 HOH 16  516 516 HOH HOH A . 
D 4 HOH 17  517 517 HOH HOH A . 
D 4 HOH 18  518 518 HOH HOH A . 
D 4 HOH 19  519 519 HOH HOH A . 
D 4 HOH 20  520 520 HOH HOH A . 
D 4 HOH 21  521 521 HOH HOH A . 
D 4 HOH 22  522 522 HOH HOH A . 
D 4 HOH 23  523 523 HOH HOH A . 
D 4 HOH 24  524 524 HOH HOH A . 
D 4 HOH 25  525 525 HOH HOH A . 
D 4 HOH 26  526 526 HOH HOH A . 
D 4 HOH 27  527 527 HOH HOH A . 
D 4 HOH 28  528 528 HOH HOH A . 
D 4 HOH 29  529 529 HOH HOH A . 
D 4 HOH 30  530 530 HOH HOH A . 
D 4 HOH 31  531 531 HOH HOH A . 
D 4 HOH 32  532 532 HOH HOH A . 
D 4 HOH 33  533 533 HOH HOH A . 
D 4 HOH 34  534 534 HOH HOH A . 
D 4 HOH 35  535 535 HOH HOH A . 
D 4 HOH 36  536 536 HOH HOH A . 
D 4 HOH 37  537 537 HOH HOH A . 
D 4 HOH 38  538 538 HOH HOH A . 
D 4 HOH 39  539 539 HOH HOH A . 
D 4 HOH 40  540 540 HOH HOH A . 
D 4 HOH 41  541 541 HOH HOH A . 
D 4 HOH 42  542 542 HOH HOH A . 
D 4 HOH 43  543 543 HOH HOH A . 
D 4 HOH 44  544 544 HOH HOH A . 
D 4 HOH 45  545 545 HOH HOH A . 
D 4 HOH 46  546 546 HOH HOH A . 
D 4 HOH 47  547 547 HOH HOH A . 
D 4 HOH 48  548 548 HOH HOH A . 
D 4 HOH 49  549 549 HOH HOH A . 
D 4 HOH 50  550 550 HOH HOH A . 
D 4 HOH 51  551 551 HOH HOH A . 
D 4 HOH 52  552 552 HOH HOH A . 
D 4 HOH 53  553 553 HOH HOH A . 
D 4 HOH 54  554 554 HOH HOH A . 
D 4 HOH 55  555 555 HOH HOH A . 
D 4 HOH 56  556 556 HOH HOH A . 
D 4 HOH 57  557 557 HOH HOH A . 
D 4 HOH 58  558 558 HOH HOH A . 
D 4 HOH 59  559 559 HOH HOH A . 
D 4 HOH 60  560 560 HOH HOH A . 
D 4 HOH 61  561 561 HOH HOH A . 
D 4 HOH 62  562 562 HOH HOH A . 
D 4 HOH 63  563 563 HOH HOH A . 
D 4 HOH 64  564 564 HOH HOH A . 
D 4 HOH 65  565 565 HOH HOH A . 
D 4 HOH 66  566 566 HOH HOH A . 
D 4 HOH 67  567 567 HOH HOH A . 
D 4 HOH 68  568 568 HOH HOH A . 
D 4 HOH 69  569 569 HOH HOH A . 
D 4 HOH 70  570 570 HOH HOH A . 
D 4 HOH 71  571 571 HOH HOH A . 
D 4 HOH 72  572 572 HOH HOH A . 
D 4 HOH 73  573 573 HOH HOH A . 
D 4 HOH 74  574 574 HOH HOH A . 
D 4 HOH 75  575 575 HOH HOH A . 
D 4 HOH 76  576 576 HOH HOH A . 
D 4 HOH 77  577 577 HOH HOH A . 
D 4 HOH 78  578 578 HOH HOH A . 
D 4 HOH 79  579 579 HOH HOH A . 
D 4 HOH 80  580 580 HOH HOH A . 
D 4 HOH 81  581 581 HOH HOH A . 
D 4 HOH 82  582 582 HOH HOH A . 
D 4 HOH 83  583 583 HOH HOH A . 
D 4 HOH 84  584 584 HOH HOH A . 
D 4 HOH 85  585 585 HOH HOH A . 
D 4 HOH 86  586 586 HOH HOH A . 
D 4 HOH 87  587 587 HOH HOH A . 
D 4 HOH 88  588 588 HOH HOH A . 
D 4 HOH 89  589 589 HOH HOH A . 
D 4 HOH 90  590 590 HOH HOH A . 
D 4 HOH 91  591 591 HOH HOH A . 
D 4 HOH 92  592 592 HOH HOH A . 
D 4 HOH 93  593 593 HOH HOH A . 
D 4 HOH 94  594 594 HOH HOH A . 
D 4 HOH 95  595 595 HOH HOH A . 
D 4 HOH 96  596 596 HOH HOH A . 
D 4 HOH 97  597 597 HOH HOH A . 
D 4 HOH 98  598 598 HOH HOH A . 
D 4 HOH 99  599 599 HOH HOH A . 
D 4 HOH 100 600 600 HOH HOH A . 
D 4 HOH 101 601 601 HOH HOH A . 
D 4 HOH 102 602 602 HOH HOH A . 
D 4 HOH 103 603 603 HOH HOH A . 
D 4 HOH 104 604 604 HOH HOH A . 
D 4 HOH 105 605 605 HOH HOH A . 
D 4 HOH 106 606 606 HOH HOH A . 
D 4 HOH 107 607 607 HOH HOH A . 
D 4 HOH 108 608 608 HOH HOH A . 
D 4 HOH 109 609 609 HOH HOH A . 
D 4 HOH 110 610 610 HOH HOH A . 
D 4 HOH 111 611 611 HOH HOH A . 
D 4 HOH 112 612 612 HOH HOH A . 
D 4 HOH 113 613 613 HOH HOH A . 
D 4 HOH 114 614 614 HOH HOH A . 
D 4 HOH 115 615 615 HOH HOH A . 
D 4 HOH 116 616 616 HOH HOH A . 
D 4 HOH 117 617 617 HOH HOH A . 
D 4 HOH 118 618 618 HOH HOH A . 
D 4 HOH 119 619 619 HOH HOH A . 
D 4 HOH 120 620 620 HOH HOH A . 
D 4 HOH 121 621 621 HOH HOH A . 
D 4 HOH 122 622 622 HOH HOH A . 
D 4 HOH 123 623 623 HOH HOH A . 
D 4 HOH 124 624 624 HOH HOH A . 
D 4 HOH 125 625 625 HOH HOH A . 
D 4 HOH 126 626 626 HOH HOH A . 
D 4 HOH 127 627 627 HOH HOH A . 
D 4 HOH 128 628 628 HOH HOH A . 
D 4 HOH 129 629 629 HOH HOH A . 
D 4 HOH 130 630 630 HOH HOH A . 
D 4 HOH 131 631 631 HOH HOH A . 
D 4 HOH 132 632 632 HOH HOH A . 
D 4 HOH 133 633 633 HOH HOH A . 
D 4 HOH 134 634 634 HOH HOH A . 
D 4 HOH 135 635 635 HOH HOH A . 
D 4 HOH 136 636 636 HOH HOH A . 
D 4 HOH 137 637 637 HOH HOH A . 
D 4 HOH 138 638 638 HOH HOH A . 
D 4 HOH 139 639 639 HOH HOH A . 
D 4 HOH 140 640 640 HOH HOH A . 
D 4 HOH 141 641 641 HOH HOH A . 
D 4 HOH 142 642 642 HOH HOH A . 
D 4 HOH 143 643 643 HOH HOH A . 
D 4 HOH 144 644 644 HOH HOH A . 
D 4 HOH 145 645 645 HOH HOH A . 
D 4 HOH 146 646 646 HOH HOH A . 
D 4 HOH 147 647 647 HOH HOH A . 
D 4 HOH 148 648 648 HOH HOH A . 
D 4 HOH 149 649 649 HOH HOH A . 
D 4 HOH 150 650 650 HOH HOH A . 
D 4 HOH 151 651 651 HOH HOH A . 
D 4 HOH 152 652 652 HOH HOH A . 
D 4 HOH 153 653 653 HOH HOH A . 
D 4 HOH 154 654 654 HOH HOH A . 
D 4 HOH 155 655 655 HOH HOH A . 
D 4 HOH 156 656 656 HOH HOH A . 
D 4 HOH 157 657 657 HOH HOH A . 
D 4 HOH 158 658 658 HOH HOH A . 
D 4 HOH 159 659 659 HOH HOH A . 
D 4 HOH 160 660 660 HOH HOH A . 
D 4 HOH 161 661 661 HOH HOH A . 
D 4 HOH 162 662 662 HOH HOH A . 
D 4 HOH 163 663 663 HOH HOH A . 
D 4 HOH 164 664 664 HOH HOH A . 
D 4 HOH 165 665 665 HOH HOH A . 
D 4 HOH 166 666 666 HOH HOH A . 
D 4 HOH 167 667 667 HOH HOH A . 
D 4 HOH 168 668 668 HOH HOH A . 
D 4 HOH 169 669 669 HOH HOH A . 
D 4 HOH 170 670 670 HOH HOH A . 
D 4 HOH 171 671 671 HOH HOH A . 
D 4 HOH 172 672 672 HOH HOH A . 
D 4 HOH 173 673 673 HOH HOH A . 
D 4 HOH 174 674 674 HOH HOH A . 
D 4 HOH 175 675 675 HOH HOH A . 
D 4 HOH 176 676 676 HOH HOH A . 
D 4 HOH 177 677 677 HOH HOH A . 
D 4 HOH 178 678 678 HOH HOH A . 
D 4 HOH 179 679 679 HOH HOH A . 
D 4 HOH 180 680 680 HOH HOH A . 
D 4 HOH 181 681 681 HOH HOH A . 
D 4 HOH 182 682 682 HOH HOH A . 
D 4 HOH 183 683 683 HOH HOH A . 
D 4 HOH 184 684 684 HOH HOH A . 
D 4 HOH 185 685 685 HOH HOH A . 
D 4 HOH 186 686 686 HOH HOH A . 
D 4 HOH 187 687 687 HOH HOH A . 
D 4 HOH 188 688 688 HOH HOH A . 
D 4 HOH 189 689 689 HOH HOH A . 
D 4 HOH 190 690 690 HOH HOH A . 
D 4 HOH 191 691 691 HOH HOH A . 
D 4 HOH 192 692 692 HOH HOH A . 
D 4 HOH 193 693 693 HOH HOH A . 
D 4 HOH 194 694 694 HOH HOH A . 
D 4 HOH 195 695 695 HOH HOH A . 
D 4 HOH 196 696 696 HOH HOH A . 
D 4 HOH 197 697 697 HOH HOH A . 
D 4 HOH 198 698 698 HOH HOH A . 
D 4 HOH 199 700 700 HOH HOH A . 
D 4 HOH 200 702 702 HOH HOH A . 
D 4 HOH 201 703 703 HOH HOH A . 
D 4 HOH 202 705 705 HOH HOH A . 
# 
loop_
_software.name 
_software.classification 
_software.version 
_software.citation_id 
_software.pdbx_ordinal 
SHELXL-97 'model building' . ? 1 
SHELXL-97 refinement       . ? 2 
DENZO     'data reduction' . ? 3 
SCALEPACK 'data scaling'   . ? 4 
SHELXL-97 phasing          . ? 5 
# 
_cell.entry_id           1B0B 
_cell.length_a           49.440 
_cell.length_b           37.950 
_cell.length_c           41.370 
_cell.angle_alpha        90.00 
_cell.angle_beta         106.19 
_cell.angle_gamma        90.00 
_cell.Z_PDB              2 
_cell.pdbx_unique_axis   ? 
# 
_symmetry.entry_id                         1B0B 
_symmetry.space_group_name_H-M             'P 1 21 1' 
_symmetry.pdbx_full_space_group_name_H-M   ? 
_symmetry.cell_setting                     ? 
_symmetry.Int_Tables_number                4 
# 
_exptl.entry_id          1B0B 
_exptl.method            'X-RAY DIFFRACTION' 
_exptl.crystals_number   1 
# 
_exptl_crystal.id                    1 
_exptl_crystal.density_meas          ? 
_exptl_crystal.density_Matthews      2.33 
_exptl_crystal.density_percent_sol   57 
_exptl_crystal.description           ? 
# 
_exptl_crystal_grow.crystal_id      1 
_exptl_crystal_grow.method          ? 
_exptl_crystal_grow.temp            ? 
_exptl_crystal_grow.temp_details    ? 
_exptl_crystal_grow.pH              6.5 
_exptl_crystal_grow.pdbx_pH_range   ? 
_exptl_crystal_grow.pdbx_details    'pH 6.5' 
# 
_diffrn.id                     1 
_diffrn.ambient_temp           100 
_diffrn.ambient_temp_details   ? 
_diffrn.crystal_id             1 
# 
_diffrn_detector.diffrn_id              1 
_diffrn_detector.detector               ? 
_diffrn_detector.type                   ? 
_diffrn_detector.pdbx_collection_date   1998-07 
_diffrn_detector.details                ? 
# 
_diffrn_radiation.diffrn_id                        1 
_diffrn_radiation.wavelength_id                    1 
_diffrn_radiation.pdbx_monochromatic_or_laue_m_l   M 
_diffrn_radiation.monochromator                    ? 
_diffrn_radiation.pdbx_diffrn_protocol             ? 
_diffrn_radiation.pdbx_scattering_type             x-ray 
# 
_diffrn_radiation_wavelength.id           1 
_diffrn_radiation_wavelength.wavelength   0.980 
_diffrn_radiation_wavelength.wt           1.0 
# 
_diffrn_source.diffrn_id                   1 
_diffrn_source.source                      SYNCHROTRON 
_diffrn_source.type                        'EMBL/DESY, HAMBURG BEAMLINE BW7A' 
_diffrn_source.pdbx_synchrotron_site       'EMBL/DESY, HAMBURG' 
_diffrn_source.pdbx_synchrotron_beamline   BW7A 
_diffrn_source.pdbx_wavelength             0.980 
_diffrn_source.pdbx_wavelength_list        ? 
# 
_reflns.entry_id                     1B0B 
_reflns.observed_criterion_sigma_I   ? 
_reflns.observed_criterion_sigma_F   ? 
_reflns.d_resolution_low             20.0 
_reflns.d_resolution_high            1.43 
_reflns.number_obs                   29097 
_reflns.number_all                   ? 
_reflns.percent_possible_obs         92.3 
_reflns.pdbx_Rmerge_I_obs            0.0470000 
_reflns.pdbx_Rsym_value              ? 
_reflns.pdbx_netI_over_sigmaI        9.1 
_reflns.B_iso_Wilson_estimate        ? 
_reflns.pdbx_redundancy              3.4 
_reflns.pdbx_diffrn_id               1 
_reflns.pdbx_ordinal                 1 
# 
_refine.entry_id                                 1B0B 
_refine.ls_number_reflns_obs                     ? 
_refine.ls_number_reflns_all                     26805 
_refine.pdbx_ls_sigma_I                          ? 
_refine.pdbx_ls_sigma_F                          ? 
_refine.pdbx_data_cutoff_high_absF               ? 
_refine.pdbx_data_cutoff_low_absF                ? 
_refine.pdbx_data_cutoff_high_rms_absF           ? 
_refine.ls_d_res_low                             8.0 
_refine.ls_d_res_high                            1.43 
_refine.ls_percent_reflns_obs                    92.3 
_refine.ls_R_factor_obs                          0.1187000 
_refine.ls_R_factor_all                          ? 
_refine.ls_R_factor_R_work                       ? 
_refine.ls_R_factor_R_free                       0.1698000 
_refine.ls_R_factor_R_free_error                 ? 
_refine.ls_R_factor_R_free_error_details         ? 
_refine.ls_percent_reflns_R_free                 5 
_refine.ls_number_reflns_R_free                  1340 
_refine.ls_number_parameters                     ? 
_refine.ls_number_restraints                     ? 
_refine.occupancy_min                            ? 
_refine.occupancy_max                            ? 
_refine.B_iso_mean                               ? 
_refine.aniso_B[1][1]                            ? 
_refine.aniso_B[2][2]                            ? 
_refine.aniso_B[3][3]                            ? 
_refine.aniso_B[1][2]                            ? 
_refine.aniso_B[1][3]                            ? 
_refine.aniso_B[2][3]                            ? 
_refine.solvent_model_details                    ? 
_refine.solvent_model_param_ksol                 ? 
_refine.solvent_model_param_bsol                 ? 
_refine.pdbx_ls_cross_valid_method               ? 
_refine.details                                  ? 
_refine.pdbx_starting_model                      ? 
_refine.pdbx_method_to_determine_struct          ? 
_refine.pdbx_isotropic_thermal_model             ? 
_refine.pdbx_stereochemistry_target_values       ? 
_refine.pdbx_stereochem_target_val_spec_case     ? 
_refine.pdbx_R_Free_selection_details            ? 
_refine.pdbx_overall_ESU_R                       ? 
_refine.pdbx_overall_ESU_R_Free                  ? 
_refine.overall_SU_ML                            ? 
_refine.overall_SU_B                             ? 
_refine.pdbx_refine_id                           'X-RAY DIFFRACTION' 
_refine.pdbx_diffrn_id                           1 
_refine.pdbx_TLS_residual_ADP_flag               ? 
_refine.correlation_coeff_Fo_to_Fc               ? 
_refine.correlation_coeff_Fo_to_Fc_free          ? 
_refine.pdbx_solvent_vdw_probe_radii             ? 
_refine.pdbx_solvent_ion_probe_radii             ? 
_refine.pdbx_solvent_shrinkage_radii             ? 
_refine.pdbx_overall_phase_error                 ? 
_refine.overall_SU_R_Cruickshank_DPI             ? 
_refine.pdbx_overall_SU_R_free_Cruickshank_DPI   ? 
_refine.pdbx_overall_SU_R_Blow_DPI               ? 
_refine.pdbx_overall_SU_R_free_Blow_DPI          ? 
# 
_refine_analyze.entry_id                        1B0B 
_refine_analyze.Luzzati_coordinate_error_obs    ? 
_refine_analyze.Luzzati_sigma_a_obs             ? 
_refine_analyze.Luzzati_d_res_low_obs           ? 
_refine_analyze.Luzzati_coordinate_error_free   ? 
_refine_analyze.Luzzati_sigma_a_free            ? 
_refine_analyze.Luzzati_d_res_low_free          ? 
_refine_analyze.number_disordered_residues      8 
_refine_analyze.occupancy_sum_hydrogen          ? 
_refine_analyze.occupancy_sum_non_hydrogen      ? 
_refine_analyze.pdbx_refine_id                  'X-RAY DIFFRACTION' 
# 
_refine_hist.pdbx_refine_id                   'X-RAY DIFFRACTION' 
_refine_hist.cycle_id                         LAST 
_refine_hist.pdbx_number_atoms_protein        1060 
_refine_hist.pdbx_number_atoms_nucleic_acid   0 
_refine_hist.pdbx_number_atoms_ligand         45 
_refine_hist.number_atoms_solvent             202 
_refine_hist.number_atoms_total               1307 
_refine_hist.d_res_high                       1.43 
_refine_hist.d_res_low                        8.0 
# 
loop_
_refine_ls_restr.type 
_refine_ls_restr.dev_ideal 
_refine_ls_restr.dev_ideal_target 
_refine_ls_restr.weight 
_refine_ls_restr.number 
_refine_ls_restr.pdbx_refine_id 
_refine_ls_restr.pdbx_restraint_function 
s_bond_d               0.019 ? ? ? 'X-RAY DIFFRACTION' ? 
s_angle_d              0.038 ? ? ? 'X-RAY DIFFRACTION' ? 
s_similar_dist         ?     ? ? ? 'X-RAY DIFFRACTION' ? 
s_from_restr_planes    ?     ? ? ? 'X-RAY DIFFRACTION' ? 
s_zero_chiral_vol      ?     ? ? ? 'X-RAY DIFFRACTION' ? 
s_non_zero_chiral_vol  ?     ? ? ? 'X-RAY DIFFRACTION' ? 
s_anti_bump_dis_restr  ?     ? ? ? 'X-RAY DIFFRACTION' ? 
s_rigid_bond_adp_cmpnt ?     ? ? ? 'X-RAY DIFFRACTION' ? 
s_similar_adp_cmpnt    ?     ? ? ? 'X-RAY DIFFRACTION' ? 
s_approx_iso_adps      ?     ? ? ? 'X-RAY DIFFRACTION' ? 
# 
_pdbx_refine.entry_id                                    1B0B 
_pdbx_refine.R_factor_all_no_cutoff                      ? 
_pdbx_refine.R_factor_obs_no_cutoff                      0.1187000 
_pdbx_refine.free_R_factor_no_cutoff                     0.1698000 
_pdbx_refine.free_R_val_test_set_size_perc_no_cutoff     5 
_pdbx_refine.free_R_val_test_set_ct_no_cutoff            1340 
_pdbx_refine.R_factor_all_4sig_cutoff                    ? 
_pdbx_refine.R_factor_obs_4sig_cutoff                    0.1096000 
_pdbx_refine.free_R_factor_4sig_cutoff                   0.1596000 
_pdbx_refine.free_R_val_test_set_size_perc_4sig_cutoff   ? 
_pdbx_refine.free_R_val_test_set_ct_4sig_cutoff          1132 
_pdbx_refine.number_reflns_obs_4sig_cutoff               21186 
_pdbx_refine.pdbx_refine_id                              'X-RAY DIFFRACTION' 
_pdbx_refine.free_R_error_no_cutoff                      ? 
# 
_struct.entry_id                  1B0B 
_struct.title                     'HEMOGLOBIN I FROM THE CLAM LUCINA PECTINATA, CYANIDE COMPLEX AT 100 KELVIN' 
_struct.pdbx_model_details        ? 
_struct.pdbx_CASP_flag            ? 
_struct.pdbx_model_type_details   ? 
# 
_struct_keywords.entry_id        1B0B 
_struct_keywords.pdbx_keywords   'OXYGEN STORAGE/TRANSPORT' 
_struct_keywords.text            'HEMOPROTEIN, SULFIDE CARRIER, GLOBINS, OXYGEN TRANSPORT, OXYGEN STORAGE-TRANSPORT COMPLEX' 
# 
loop_
_struct_asym.id 
_struct_asym.pdbx_blank_PDB_chainid_flag 
_struct_asym.pdbx_modified 
_struct_asym.entity_id 
_struct_asym.details 
A N N 1 ? 
B N N 2 ? 
C N N 3 ? 
D N N 4 ? 
# 
_struct_ref.id                         1 
_struct_ref.db_name                    UNP 
_struct_ref.db_code                    GLB1_LUCPE 
_struct_ref.entity_id                  1 
_struct_ref.pdbx_db_accession          P41260 
_struct_ref.pdbx_align_begin           1 
_struct_ref.pdbx_seq_one_letter_code   
;SLEAAQKSNVTSSWAKASAAWGTAGPEFFMALFDAHDDVFAKFSGLFSGAAKGTVKNTPEMAAQAQSFKGLVSNWVDNLD
NAGALEGQCKTFAANHKARGISAGQLEAAFKVLSGFMKSYGGDEGAWTAVAGALMGEIEPDM
;
_struct_ref.pdbx_db_isoform            ? 
# 
_struct_ref_seq.align_id                      1 
_struct_ref_seq.ref_id                        1 
_struct_ref_seq.pdbx_PDB_id_code              1B0B 
_struct_ref_seq.pdbx_strand_id                A 
_struct_ref_seq.seq_align_beg                 2 
_struct_ref_seq.pdbx_seq_align_beg_ins_code   ? 
_struct_ref_seq.seq_align_end                 142 
_struct_ref_seq.pdbx_seq_align_end_ins_code   ? 
_struct_ref_seq.pdbx_db_accession             P41260 
_struct_ref_seq.db_align_beg                  2 
_struct_ref_seq.pdbx_db_align_beg_ins_code    ? 
_struct_ref_seq.db_align_end                  142 
_struct_ref_seq.pdbx_db_align_end_ins_code    ? 
_struct_ref_seq.pdbx_auth_seq_align_beg       2 
_struct_ref_seq.pdbx_auth_seq_align_end       142 
# 
loop_
_struct_ref_seq_dif.align_id 
_struct_ref_seq_dif.pdbx_pdb_id_code 
_struct_ref_seq_dif.mon_id 
_struct_ref_seq_dif.pdbx_pdb_strand_id 
_struct_ref_seq_dif.seq_num 
_struct_ref_seq_dif.pdbx_pdb_ins_code 
_struct_ref_seq_dif.pdbx_seq_db_name 
_struct_ref_seq_dif.pdbx_seq_db_accession_code 
_struct_ref_seq_dif.db_mon_id 
_struct_ref_seq_dif.pdbx_seq_db_seq_num 
_struct_ref_seq_dif.details 
_struct_ref_seq_dif.pdbx_auth_seq_num 
_struct_ref_seq_dif.pdbx_ordinal 
1 1B0B SER A 3   ? UNP P41260 GLU 3   'SEE REMARK 999' 3   1 
1 1B0B ASP A 8   ? UNP P41260 SER 8   conflict         8   2 
1 1B0B LYS A 11  ? UNP P41260 THR 11  'SEE REMARK 999' 11  3 
1 1B0B ALA A 114 ? UNP P41260 SER 114 'SEE REMARK 999' 114 4 
1 1B0B MET A 137 ? UNP P41260 GLU 137 'SEE REMARK 999' 137 5 
1 1B0B ARG A 139 ? UNP P41260 GLU 139 'SEE REMARK 999' 139 6 
# 
_pdbx_struct_assembly.id                   1 
_pdbx_struct_assembly.details              author_defined_assembly 
_pdbx_struct_assembly.method_details       ? 
_pdbx_struct_assembly.oligomeric_details   monomeric 
_pdbx_struct_assembly.oligomeric_count     1 
# 
_pdbx_struct_assembly_gen.assembly_id       1 
_pdbx_struct_assembly_gen.oper_expression   1 
_pdbx_struct_assembly_gen.asym_id_list      A,B,C,D 
# 
_pdbx_struct_oper_list.id                   1 
_pdbx_struct_oper_list.type                 'identity operation' 
_pdbx_struct_oper_list.name                 1_555 
_pdbx_struct_oper_list.symmetry_operation   x,y,z 
_pdbx_struct_oper_list.matrix[1][1]         1.0000000000 
_pdbx_struct_oper_list.matrix[1][2]         0.0000000000 
_pdbx_struct_oper_list.matrix[1][3]         0.0000000000 
_pdbx_struct_oper_list.vector[1]            0.0000000000 
_pdbx_struct_oper_list.matrix[2][1]         0.0000000000 
_pdbx_struct_oper_list.matrix[2][2]         1.0000000000 
_pdbx_struct_oper_list.matrix[2][3]         0.0000000000 
_pdbx_struct_oper_list.vector[2]            0.0000000000 
_pdbx_struct_oper_list.matrix[3][1]         0.0000000000 
_pdbx_struct_oper_list.matrix[3][2]         0.0000000000 
_pdbx_struct_oper_list.matrix[3][3]         1.0000000000 
_pdbx_struct_oper_list.vector[3]            0.0000000000 
# 
_struct_biol.id   1 
# 
loop_
_struct_conf.conf_type_id 
_struct_conf.id 
_struct_conf.pdbx_PDB_helix_id 
_struct_conf.beg_label_comp_id 
_struct_conf.beg_label_asym_id 
_struct_conf.beg_label_seq_id 
_struct_conf.pdbx_beg_PDB_ins_code 
_struct_conf.end_label_comp_id 
_struct_conf.end_label_asym_id 
_struct_conf.end_label_seq_id 
_struct_conf.pdbx_end_PDB_ins_code 
_struct_conf.beg_auth_comp_id 
_struct_conf.beg_auth_asym_id 
_struct_conf.beg_auth_seq_id 
_struct_conf.end_auth_comp_id 
_struct_conf.end_auth_asym_id 
_struct_conf.end_auth_seq_id 
_struct_conf.pdbx_PDB_helix_class 
_struct_conf.details 
_struct_conf.pdbx_PDB_helix_length 
HELX_P HELX_P1 1 ALA A 4   ? ALA A 19  ? ALA A 4   ALA A 19  1 ? 16 
HELX_P HELX_P2 2 TRP A 21  ? ALA A 35  ? TRP A 21  ALA A 35  1 ? 15 
HELX_P HELX_P3 3 ASP A 37  ? PHE A 43  ? ASP A 37  PHE A 43  1 ? 7  
HELX_P HELX_P4 4 LYS A 52  ? THR A 54  ? LYS A 52  THR A 54  5 ? 3  
HELX_P HELX_P5 5 PRO A 59  ? ASN A 78  ? PRO A 59  ASN A 78  1 ? 20 
HELX_P HELX_P6 6 ALA A 82  ? ARG A 99  ? ALA A 82  ARG A 99  1 ? 18 
HELX_P HELX_P7 7 ALA A 103 ? TYR A 120 ? ALA A 103 TYR A 120 1 ? 18 
HELX_P HELX_P8 8 GLU A 124 ? ILE A 138 ? GLU A 124 ILE A 138 1 ? 15 
# 
_struct_conf_type.id          HELX_P 
_struct_conf_type.criteria    ? 
_struct_conf_type.reference   ? 
# 
loop_
_struct_conn.id 
_struct_conn.conn_type_id 
_struct_conn.pdbx_leaving_atom_flag 
_struct_conn.pdbx_PDB_id 
_struct_conn.ptnr1_label_asym_id 
_struct_conn.ptnr1_label_comp_id 
_struct_conn.ptnr1_label_seq_id 
_struct_conn.ptnr1_label_atom_id 
_struct_conn.pdbx_ptnr1_label_alt_id 
_struct_conn.pdbx_ptnr1_PDB_ins_code 
_struct_conn.pdbx_ptnr1_standard_comp_id 
_struct_conn.ptnr1_symmetry 
_struct_conn.ptnr2_label_asym_id 
_struct_conn.ptnr2_label_comp_id 
_struct_conn.ptnr2_label_seq_id 
_struct_conn.ptnr2_label_atom_id 
_struct_conn.pdbx_ptnr2_label_alt_id 
_struct_conn.pdbx_ptnr2_PDB_ins_code 
_struct_conn.ptnr1_auth_asym_id 
_struct_conn.ptnr1_auth_comp_id 
_struct_conn.ptnr1_auth_seq_id 
_struct_conn.ptnr2_auth_asym_id 
_struct_conn.ptnr2_auth_comp_id 
_struct_conn.ptnr2_auth_seq_id 
_struct_conn.ptnr2_symmetry 
_struct_conn.pdbx_ptnr3_label_atom_id 
_struct_conn.pdbx_ptnr3_label_seq_id 
_struct_conn.pdbx_ptnr3_label_comp_id 
_struct_conn.pdbx_ptnr3_label_asym_id 
_struct_conn.pdbx_ptnr3_label_alt_id 
_struct_conn.pdbx_ptnr3_PDB_ins_code 
_struct_conn.details 
_struct_conn.pdbx_dist_value 
_struct_conn.pdbx_value_order 
_struct_conn.pdbx_role 
covale1 covale both ? A SAC 1  C   ? ? ? 1_555 A LEU 2 N  ? ? A SAC 1   A LEU 2   1_555 ? ? ? ? ? ? ? 1.333 ? ? 
metalc1 metalc ?    ? A HIS 96 NE2 ? ? ? 1_555 C HEM . FE ? ? A HIS 96  A HEM 144 1_555 ? ? ? ? ? ? ? 2.127 ? ? 
metalc2 metalc ?    ? C HEM .  FE  ? ? ? 1_555 B CYN . C  ? ? A HEM 144 A CYN 145 1_555 ? ? ? ? ? ? ? 1.949 ? ? 
metalc3 metalc ?    ? C HEM .  FE  ? ? ? 1_555 B CYN . N  ? ? A HEM 144 A CYN 145 1_555 ? ? ? ? ? ? ? 3.101 ? ? 
# 
loop_
_struct_conn_type.id 
_struct_conn_type.criteria 
_struct_conn_type.reference 
covale ? ? 
metalc ? ? 
# 
loop_
_pdbx_struct_conn_angle.id 
_pdbx_struct_conn_angle.ptnr1_label_atom_id 
_pdbx_struct_conn_angle.ptnr1_label_alt_id 
_pdbx_struct_conn_angle.ptnr1_label_asym_id 
_pdbx_struct_conn_angle.ptnr1_label_comp_id 
_pdbx_struct_conn_angle.ptnr1_label_seq_id 
_pdbx_struct_conn_angle.ptnr1_auth_atom_id 
_pdbx_struct_conn_angle.ptnr1_auth_asym_id 
_pdbx_struct_conn_angle.ptnr1_auth_comp_id 
_pdbx_struct_conn_angle.ptnr1_auth_seq_id 
_pdbx_struct_conn_angle.ptnr1_PDB_ins_code 
_pdbx_struct_conn_angle.ptnr1_symmetry 
_pdbx_struct_conn_angle.ptnr2_label_atom_id 
_pdbx_struct_conn_angle.ptnr2_label_alt_id 
_pdbx_struct_conn_angle.ptnr2_label_asym_id 
_pdbx_struct_conn_angle.ptnr2_label_comp_id 
_pdbx_struct_conn_angle.ptnr2_label_seq_id 
_pdbx_struct_conn_angle.ptnr2_auth_atom_id 
_pdbx_struct_conn_angle.ptnr2_auth_asym_id 
_pdbx_struct_conn_angle.ptnr2_auth_comp_id 
_pdbx_struct_conn_angle.ptnr2_auth_seq_id 
_pdbx_struct_conn_angle.ptnr2_PDB_ins_code 
_pdbx_struct_conn_angle.ptnr2_symmetry 
_pdbx_struct_conn_angle.ptnr3_label_atom_id 
_pdbx_struct_conn_angle.ptnr3_label_alt_id 
_pdbx_struct_conn_angle.ptnr3_label_asym_id 
_pdbx_struct_conn_angle.ptnr3_label_comp_id 
_pdbx_struct_conn_angle.ptnr3_label_seq_id 
_pdbx_struct_conn_angle.ptnr3_auth_atom_id 
_pdbx_struct_conn_angle.ptnr3_auth_asym_id 
_pdbx_struct_conn_angle.ptnr3_auth_comp_id 
_pdbx_struct_conn_angle.ptnr3_auth_seq_id 
_pdbx_struct_conn_angle.ptnr3_PDB_ins_code 
_pdbx_struct_conn_angle.ptnr3_symmetry 
_pdbx_struct_conn_angle.value 
_pdbx_struct_conn_angle.value_esd 
1  NE2 ? A HIS 96 ? A HIS 96  ? 1_555 FE ? C HEM . ? A HEM 144 ? 1_555 NA ? C HEM . ? A HEM 144 ? 1_555 92.2  ? 
2  NE2 ? A HIS 96 ? A HIS 96  ? 1_555 FE ? C HEM . ? A HEM 144 ? 1_555 NB ? C HEM . ? A HEM 144 ? 1_555 91.0  ? 
3  NA  ? C HEM .  ? A HEM 144 ? 1_555 FE ? C HEM . ? A HEM 144 ? 1_555 NB ? C HEM . ? A HEM 144 ? 1_555 87.5  ? 
4  NE2 ? A HIS 96 ? A HIS 96  ? 1_555 FE ? C HEM . ? A HEM 144 ? 1_555 NC ? C HEM . ? A HEM 144 ? 1_555 86.6  ? 
5  NA  ? C HEM .  ? A HEM 144 ? 1_555 FE ? C HEM . ? A HEM 144 ? 1_555 NC ? C HEM . ? A HEM 144 ? 1_555 176.8 ? 
6  NB  ? C HEM .  ? A HEM 144 ? 1_555 FE ? C HEM . ? A HEM 144 ? 1_555 NC ? C HEM . ? A HEM 144 ? 1_555 89.6  ? 
7  NE2 ? A HIS 96 ? A HIS 96  ? 1_555 FE ? C HEM . ? A HEM 144 ? 1_555 ND ? C HEM . ? A HEM 144 ? 1_555 91.1  ? 
8  NA  ? C HEM .  ? A HEM 144 ? 1_555 FE ? C HEM . ? A HEM 144 ? 1_555 ND ? C HEM . ? A HEM 144 ? 1_555 93.1  ? 
9  NB  ? C HEM .  ? A HEM 144 ? 1_555 FE ? C HEM . ? A HEM 144 ? 1_555 ND ? C HEM . ? A HEM 144 ? 1_555 177.8 ? 
10 NC  ? C HEM .  ? A HEM 144 ? 1_555 FE ? C HEM . ? A HEM 144 ? 1_555 ND ? C HEM . ? A HEM 144 ? 1_555 89.9  ? 
11 NE2 ? A HIS 96 ? A HIS 96  ? 1_555 FE ? C HEM . ? A HEM 144 ? 1_555 C  ? B CYN . ? A CYN 145 ? 1_555 176.1 ? 
12 NA  ? C HEM .  ? A HEM 144 ? 1_555 FE ? C HEM . ? A HEM 144 ? 1_555 C  ? B CYN . ? A CYN 145 ? 1_555 87.8  ? 
13 NB  ? C HEM .  ? A HEM 144 ? 1_555 FE ? C HEM . ? A HEM 144 ? 1_555 C  ? B CYN . ? A CYN 145 ? 1_555 85.1  ? 
14 NC  ? C HEM .  ? A HEM 144 ? 1_555 FE ? C HEM . ? A HEM 144 ? 1_555 C  ? B CYN . ? A CYN 145 ? 1_555 93.2  ? 
15 ND  ? C HEM .  ? A HEM 144 ? 1_555 FE ? C HEM . ? A HEM 144 ? 1_555 C  ? B CYN . ? A CYN 145 ? 1_555 92.8  ? 
16 NE2 ? A HIS 96 ? A HIS 96  ? 1_555 FE ? C HEM . ? A HEM 144 ? 1_555 N  ? B CYN . ? A CYN 145 ? 1_555 175.4 ? 
17 NA  ? C HEM .  ? A HEM 144 ? 1_555 FE ? C HEM . ? A HEM 144 ? 1_555 N  ? B CYN . ? A CYN 145 ? 1_555 87.2  ? 
18 NB  ? C HEM .  ? A HEM 144 ? 1_555 FE ? C HEM . ? A HEM 144 ? 1_555 N  ? B CYN . ? A CYN 145 ? 1_555 84.4  ? 
19 NC  ? C HEM .  ? A HEM 144 ? 1_555 FE ? C HEM . ? A HEM 144 ? 1_555 N  ? B CYN . ? A CYN 145 ? 1_555 93.7  ? 
20 ND  ? C HEM .  ? A HEM 144 ? 1_555 FE ? C HEM . ? A HEM 144 ? 1_555 N  ? B CYN . ? A CYN 145 ? 1_555 93.5  ? 
21 C   ? B CYN .  ? A CYN 145 ? 1_555 FE ? C HEM . ? A HEM 144 ? 1_555 N  ? B CYN . ? A CYN 145 ? 1_555 0.9   ? 
# 
loop_
_struct_site.id 
_struct_site.pdbx_evidence_code 
_struct_site.pdbx_auth_asym_id 
_struct_site.pdbx_auth_comp_id 
_struct_site.pdbx_auth_seq_id 
_struct_site.pdbx_auth_ins_code 
_struct_site.pdbx_num_residues 
_struct_site.details 
AC1 Software A CYN 145 ? 4  'BINDING SITE FOR RESIDUE CYN A 145' 
AC2 Software A HEM 144 ? 17 'BINDING SITE FOR RESIDUE HEM A 144' 
# 
loop_
_struct_site_gen.id 
_struct_site_gen.site_id 
_struct_site_gen.pdbx_num_res 
_struct_site_gen.label_comp_id 
_struct_site_gen.label_asym_id 
_struct_site_gen.label_seq_id 
_struct_site_gen.pdbx_auth_ins_code 
_struct_site_gen.auth_comp_id 
_struct_site_gen.auth_asym_id 
_struct_site_gen.auth_seq_id 
_struct_site_gen.label_atom_id 
_struct_site_gen.label_alt_id 
_struct_site_gen.symmetry 
_struct_site_gen.details 
1  AC1 4  PHE A 29  ? PHE A 29  . ? 1_555 ? 
2  AC1 4  PHE A 43  ? PHE A 43  . ? 1_555 ? 
3  AC1 4  GLN A 64  ? GLN A 64  . ? 1_555 ? 
4  AC1 4  HEM C .   ? HEM A 144 . ? 1_555 ? 
5  AC2 17 LYS A 42  ? LYS A 42  . ? 1_555 ? 
6  AC2 17 PHE A 43  ? PHE A 43  . ? 1_555 ? 
7  AC2 17 GLN A 64  ? GLN A 64  . ? 1_555 ? 
8  AC2 17 SER A 67  ? SER A 67  . ? 1_555 ? 
9  AC2 17 PHE A 68  ? PHE A 68  . ? 1_555 ? 
10 AC2 17 PHE A 92  ? PHE A 92  . ? 1_555 ? 
11 AC2 17 ASN A 95  ? ASN A 95  . ? 1_555 ? 
12 AC2 17 HIS A 96  ? HIS A 96  . ? 1_555 ? 
13 AC2 17 ARG A 99  ? ARG A 99  . ? 1_555 ? 
14 AC2 17 ILE A 101 ? ILE A 101 . ? 1_555 ? 
15 AC2 17 GLN A 105 ? GLN A 105 . ? 1_555 ? 
16 AC2 17 CYN B .   ? CYN A 145 . ? 1_555 ? 
17 AC2 17 HOH D .   ? HOH A 503 . ? 1_555 ? 
18 AC2 17 HOH D .   ? HOH A 577 . ? 1_555 ? 
19 AC2 17 HOH D .   ? HOH A 581 . ? 1_555 ? 
20 AC2 17 HOH D .   ? HOH A 637 . ? 1_555 ? 
21 AC2 17 HOH D .   ? HOH A 669 . ? 1_555 ? 
# 
_pdbx_validate_close_contact.id               1 
_pdbx_validate_close_contact.PDB_model_num    1 
_pdbx_validate_close_contact.auth_atom_id_1   CE 
_pdbx_validate_close_contact.auth_asym_id_1   A 
_pdbx_validate_close_contact.auth_comp_id_1   LYS 
_pdbx_validate_close_contact.auth_seq_id_1    11 
_pdbx_validate_close_contact.PDB_ins_code_1   ? 
_pdbx_validate_close_contact.label_alt_id_1   B 
_pdbx_validate_close_contact.auth_atom_id_2   O 
_pdbx_validate_close_contact.auth_asym_id_2   A 
_pdbx_validate_close_contact.auth_comp_id_2   HOH 
_pdbx_validate_close_contact.auth_seq_id_2    648 
_pdbx_validate_close_contact.PDB_ins_code_2   ? 
_pdbx_validate_close_contact.label_alt_id_2   ? 
_pdbx_validate_close_contact.dist             1.58 
# 
_pdbx_validate_rmsd_bond.id                        1 
_pdbx_validate_rmsd_bond.PDB_model_num             1 
_pdbx_validate_rmsd_bond.auth_atom_id_1            CA 
_pdbx_validate_rmsd_bond.auth_asym_id_1            A 
_pdbx_validate_rmsd_bond.auth_comp_id_1            ALA 
_pdbx_validate_rmsd_bond.auth_seq_id_1             109 
_pdbx_validate_rmsd_bond.PDB_ins_code_1            ? 
_pdbx_validate_rmsd_bond.label_alt_id_1            ? 
_pdbx_validate_rmsd_bond.auth_atom_id_2            CB 
_pdbx_validate_rmsd_bond.auth_asym_id_2            A 
_pdbx_validate_rmsd_bond.auth_comp_id_2            ALA 
_pdbx_validate_rmsd_bond.auth_seq_id_2             109 
_pdbx_validate_rmsd_bond.PDB_ins_code_2            ? 
_pdbx_validate_rmsd_bond.label_alt_id_2            ? 
_pdbx_validate_rmsd_bond.bond_value                1.810 
_pdbx_validate_rmsd_bond.bond_target_value         1.520 
_pdbx_validate_rmsd_bond.bond_deviation            0.290 
_pdbx_validate_rmsd_bond.bond_standard_deviation   0.021 
_pdbx_validate_rmsd_bond.linker_flag               N 
# 
loop_
_pdbx_validate_rmsd_angle.id 
_pdbx_validate_rmsd_angle.PDB_model_num 
_pdbx_validate_rmsd_angle.auth_atom_id_1 
_pdbx_validate_rmsd_angle.auth_asym_id_1 
_pdbx_validate_rmsd_angle.auth_comp_id_1 
_pdbx_validate_rmsd_angle.auth_seq_id_1 
_pdbx_validate_rmsd_angle.PDB_ins_code_1 
_pdbx_validate_rmsd_angle.label_alt_id_1 
_pdbx_validate_rmsd_angle.auth_atom_id_2 
_pdbx_validate_rmsd_angle.auth_asym_id_2 
_pdbx_validate_rmsd_angle.auth_comp_id_2 
_pdbx_validate_rmsd_angle.auth_seq_id_2 
_pdbx_validate_rmsd_angle.PDB_ins_code_2 
_pdbx_validate_rmsd_angle.label_alt_id_2 
_pdbx_validate_rmsd_angle.auth_atom_id_3 
_pdbx_validate_rmsd_angle.auth_asym_id_3 
_pdbx_validate_rmsd_angle.auth_comp_id_3 
_pdbx_validate_rmsd_angle.auth_seq_id_3 
_pdbx_validate_rmsd_angle.PDB_ins_code_3 
_pdbx_validate_rmsd_angle.label_alt_id_3 
_pdbx_validate_rmsd_angle.angle_value 
_pdbx_validate_rmsd_angle.angle_target_value 
_pdbx_validate_rmsd_angle.angle_deviation 
_pdbx_validate_rmsd_angle.angle_standard_deviation 
_pdbx_validate_rmsd_angle.linker_flag 
1 1 OE1 A GLU 27 ? ? CD A GLU 27 ? ? OE2 A GLU 27 ? ? 130.56 123.30 7.26  1.20 N 
2 1 NE  A ARG 99 ? ? CZ A ARG 99 ? ? NH2 A ARG 99 ? ? 117.23 120.30 -3.07 0.50 N 
# 
_pdbx_validate_planes.id              1 
_pdbx_validate_planes.PDB_model_num   1 
_pdbx_validate_planes.auth_comp_id    GLU 
_pdbx_validate_planes.auth_asym_id    A 
_pdbx_validate_planes.auth_seq_id     107 
_pdbx_validate_planes.PDB_ins_code    ? 
_pdbx_validate_planes.label_alt_id    ? 
_pdbx_validate_planes.rmsd            0.125 
_pdbx_validate_planes.type            'SIDE CHAIN' 
# 
_pdbx_struct_mod_residue.id               1 
_pdbx_struct_mod_residue.label_asym_id    A 
_pdbx_struct_mod_residue.label_comp_id    SAC 
_pdbx_struct_mod_residue.label_seq_id     1 
_pdbx_struct_mod_residue.auth_asym_id     A 
_pdbx_struct_mod_residue.auth_comp_id     SAC 
_pdbx_struct_mod_residue.auth_seq_id      1 
_pdbx_struct_mod_residue.PDB_ins_code     ? 
_pdbx_struct_mod_residue.parent_comp_id   SER 
_pdbx_struct_mod_residue.details          N-ACETYL-SERINE 
# 
loop_
_chem_comp_atom.comp_id 
_chem_comp_atom.atom_id 
_chem_comp_atom.type_symbol 
_chem_comp_atom.pdbx_aromatic_flag 
_chem_comp_atom.pdbx_stereo_config 
_chem_comp_atom.pdbx_ordinal 
ALA N    N  N N 1   
ALA CA   C  N S 2   
ALA C    C  N N 3   
ALA O    O  N N 4   
ALA CB   C  N N 5   
ALA OXT  O  N N 6   
ALA H    H  N N 7   
ALA H2   H  N N 8   
ALA HA   H  N N 9   
ALA HB1  H  N N 10  
ALA HB2  H  N N 11  
ALA HB3  H  N N 12  
ALA HXT  H  N N 13  
ARG N    N  N N 14  
ARG CA   C  N S 15  
ARG C    C  N N 16  
ARG O    O  N N 17  
ARG CB   C  N N 18  
ARG CG   C  N N 19  
ARG CD   C  N N 20  
ARG NE   N  N N 21  
ARG CZ   C  N N 22  
ARG NH1  N  N N 23  
ARG NH2  N  N N 24  
ARG OXT  O  N N 25  
ARG H    H  N N 26  
ARG H2   H  N N 27  
ARG HA   H  N N 28  
ARG HB2  H  N N 29  
ARG HB3  H  N N 30  
ARG HG2  H  N N 31  
ARG HG3  H  N N 32  
ARG HD2  H  N N 33  
ARG HD3  H  N N 34  
ARG HE   H  N N 35  
ARG HH11 H  N N 36  
ARG HH12 H  N N 37  
ARG HH21 H  N N 38  
ARG HH22 H  N N 39  
ARG HXT  H  N N 40  
ASN N    N  N N 41  
ASN CA   C  N S 42  
ASN C    C  N N 43  
ASN O    O  N N 44  
ASN CB   C  N N 45  
ASN CG   C  N N 46  
ASN OD1  O  N N 47  
ASN ND2  N  N N 48  
ASN OXT  O  N N 49  
ASN H    H  N N 50  
ASN H2   H  N N 51  
ASN HA   H  N N 52  
ASN HB2  H  N N 53  
ASN HB3  H  N N 54  
ASN HD21 H  N N 55  
ASN HD22 H  N N 56  
ASN HXT  H  N N 57  
ASP N    N  N N 58  
ASP CA   C  N S 59  
ASP C    C  N N 60  
ASP O    O  N N 61  
ASP CB   C  N N 62  
ASP CG   C  N N 63  
ASP OD1  O  N N 64  
ASP OD2  O  N N 65  
ASP OXT  O  N N 66  
ASP H    H  N N 67  
ASP H2   H  N N 68  
ASP HA   H  N N 69  
ASP HB2  H  N N 70  
ASP HB3  H  N N 71  
ASP HD2  H  N N 72  
ASP HXT  H  N N 73  
CYN C    C  N N 74  
CYN N    N  N N 75  
CYS N    N  N N 76  
CYS CA   C  N R 77  
CYS C    C  N N 78  
CYS O    O  N N 79  
CYS CB   C  N N 80  
CYS SG   S  N N 81  
CYS OXT  O  N N 82  
CYS H    H  N N 83  
CYS H2   H  N N 84  
CYS HA   H  N N 85  
CYS HB2  H  N N 86  
CYS HB3  H  N N 87  
CYS HG   H  N N 88  
CYS HXT  H  N N 89  
GLN N    N  N N 90  
GLN CA   C  N S 91  
GLN C    C  N N 92  
GLN O    O  N N 93  
GLN CB   C  N N 94  
GLN CG   C  N N 95  
GLN CD   C  N N 96  
GLN OE1  O  N N 97  
GLN NE2  N  N N 98  
GLN OXT  O  N N 99  
GLN H    H  N N 100 
GLN H2   H  N N 101 
GLN HA   H  N N 102 
GLN HB2  H  N N 103 
GLN HB3  H  N N 104 
GLN HG2  H  N N 105 
GLN HG3  H  N N 106 
GLN HE21 H  N N 107 
GLN HE22 H  N N 108 
GLN HXT  H  N N 109 
GLU N    N  N N 110 
GLU CA   C  N S 111 
GLU C    C  N N 112 
GLU O    O  N N 113 
GLU CB   C  N N 114 
GLU CG   C  N N 115 
GLU CD   C  N N 116 
GLU OE1  O  N N 117 
GLU OE2  O  N N 118 
GLU OXT  O  N N 119 
GLU H    H  N N 120 
GLU H2   H  N N 121 
GLU HA   H  N N 122 
GLU HB2  H  N N 123 
GLU HB3  H  N N 124 
GLU HG2  H  N N 125 
GLU HG3  H  N N 126 
GLU HE2  H  N N 127 
GLU HXT  H  N N 128 
GLY N    N  N N 129 
GLY CA   C  N N 130 
GLY C    C  N N 131 
GLY O    O  N N 132 
GLY OXT  O  N N 133 
GLY H    H  N N 134 
GLY H2   H  N N 135 
GLY HA2  H  N N 136 
GLY HA3  H  N N 137 
GLY HXT  H  N N 138 
HEM CHA  C  N N 139 
HEM CHB  C  N N 140 
HEM CHC  C  N N 141 
HEM CHD  C  N N 142 
HEM C1A  C  Y N 143 
HEM C2A  C  Y N 144 
HEM C3A  C  Y N 145 
HEM C4A  C  Y N 146 
HEM CMA  C  N N 147 
HEM CAA  C  N N 148 
HEM CBA  C  N N 149 
HEM CGA  C  N N 150 
HEM O1A  O  N N 151 
HEM O2A  O  N N 152 
HEM C1B  C  N N 153 
HEM C2B  C  N N 154 
HEM C3B  C  N N 155 
HEM C4B  C  N N 156 
HEM CMB  C  N N 157 
HEM CAB  C  N N 158 
HEM CBB  C  N N 159 
HEM C1C  C  Y N 160 
HEM C2C  C  Y N 161 
HEM C3C  C  Y N 162 
HEM C4C  C  Y N 163 
HEM CMC  C  N N 164 
HEM CAC  C  N N 165 
HEM CBC  C  N N 166 
HEM C1D  C  N N 167 
HEM C2D  C  N N 168 
HEM C3D  C  N N 169 
HEM C4D  C  N N 170 
HEM CMD  C  N N 171 
HEM CAD  C  N N 172 
HEM CBD  C  N N 173 
HEM CGD  C  N N 174 
HEM O1D  O  N N 175 
HEM O2D  O  N N 176 
HEM NA   N  Y N 177 
HEM NB   N  N N 178 
HEM NC   N  Y N 179 
HEM ND   N  N N 180 
HEM FE   FE N N 181 
HEM HHB  H  N N 182 
HEM HHC  H  N N 183 
HEM HHD  H  N N 184 
HEM HMA  H  N N 185 
HEM HMAA H  N N 186 
HEM HMAB H  N N 187 
HEM HAA  H  N N 188 
HEM HAAA H  N N 189 
HEM HBA  H  N N 190 
HEM HBAA H  N N 191 
HEM HMB  H  N N 192 
HEM HMBA H  N N 193 
HEM HMBB H  N N 194 
HEM HAB  H  N N 195 
HEM HBB  H  N N 196 
HEM HBBA H  N N 197 
HEM HMC  H  N N 198 
HEM HMCA H  N N 199 
HEM HMCB H  N N 200 
HEM HAC  H  N N 201 
HEM HBC  H  N N 202 
HEM HBCA H  N N 203 
HEM HMD  H  N N 204 
HEM HMDA H  N N 205 
HEM HMDB H  N N 206 
HEM HAD  H  N N 207 
HEM HADA H  N N 208 
HEM HBD  H  N N 209 
HEM HBDA H  N N 210 
HEM H2A  H  N N 211 
HEM H2D  H  N N 212 
HEM HHA  H  N N 213 
HIS N    N  N N 214 
HIS CA   C  N S 215 
HIS C    C  N N 216 
HIS O    O  N N 217 
HIS CB   C  N N 218 
HIS CG   C  Y N 219 
HIS ND1  N  Y N 220 
HIS CD2  C  Y N 221 
HIS CE1  C  Y N 222 
HIS NE2  N  Y N 223 
HIS OXT  O  N N 224 
HIS H    H  N N 225 
HIS H2   H  N N 226 
HIS HA   H  N N 227 
HIS HB2  H  N N 228 
HIS HB3  H  N N 229 
HIS HD1  H  N N 230 
HIS HD2  H  N N 231 
HIS HE1  H  N N 232 
HIS HE2  H  N N 233 
HIS HXT  H  N N 234 
HOH O    O  N N 235 
HOH H1   H  N N 236 
HOH H2   H  N N 237 
ILE N    N  N N 238 
ILE CA   C  N S 239 
ILE C    C  N N 240 
ILE O    O  N N 241 
ILE CB   C  N S 242 
ILE CG1  C  N N 243 
ILE CG2  C  N N 244 
ILE CD1  C  N N 245 
ILE OXT  O  N N 246 
ILE H    H  N N 247 
ILE H2   H  N N 248 
ILE HA   H  N N 249 
ILE HB   H  N N 250 
ILE HG12 H  N N 251 
ILE HG13 H  N N 252 
ILE HG21 H  N N 253 
ILE HG22 H  N N 254 
ILE HG23 H  N N 255 
ILE HD11 H  N N 256 
ILE HD12 H  N N 257 
ILE HD13 H  N N 258 
ILE HXT  H  N N 259 
LEU N    N  N N 260 
LEU CA   C  N S 261 
LEU C    C  N N 262 
LEU O    O  N N 263 
LEU CB   C  N N 264 
LEU CG   C  N N 265 
LEU CD1  C  N N 266 
LEU CD2  C  N N 267 
LEU OXT  O  N N 268 
LEU H    H  N N 269 
LEU H2   H  N N 270 
LEU HA   H  N N 271 
LEU HB2  H  N N 272 
LEU HB3  H  N N 273 
LEU HG   H  N N 274 
LEU HD11 H  N N 275 
LEU HD12 H  N N 276 
LEU HD13 H  N N 277 
LEU HD21 H  N N 278 
LEU HD22 H  N N 279 
LEU HD23 H  N N 280 
LEU HXT  H  N N 281 
LYS N    N  N N 282 
LYS CA   C  N S 283 
LYS C    C  N N 284 
LYS O    O  N N 285 
LYS CB   C  N N 286 
LYS CG   C  N N 287 
LYS CD   C  N N 288 
LYS CE   C  N N 289 
LYS NZ   N  N N 290 
LYS OXT  O  N N 291 
LYS H    H  N N 292 
LYS H2   H  N N 293 
LYS HA   H  N N 294 
LYS HB2  H  N N 295 
LYS HB3  H  N N 296 
LYS HG2  H  N N 297 
LYS HG3  H  N N 298 
LYS HD2  H  N N 299 
LYS HD3  H  N N 300 
LYS HE2  H  N N 301 
LYS HE3  H  N N 302 
LYS HZ1  H  N N 303 
LYS HZ2  H  N N 304 
LYS HZ3  H  N N 305 
LYS HXT  H  N N 306 
MET N    N  N N 307 
MET CA   C  N S 308 
MET C    C  N N 309 
MET O    O  N N 310 
MET CB   C  N N 311 
MET CG   C  N N 312 
MET SD   S  N N 313 
MET CE   C  N N 314 
MET OXT  O  N N 315 
MET H    H  N N 316 
MET H2   H  N N 317 
MET HA   H  N N 318 
MET HB2  H  N N 319 
MET HB3  H  N N 320 
MET HG2  H  N N 321 
MET HG3  H  N N 322 
MET HE1  H  N N 323 
MET HE2  H  N N 324 
MET HE3  H  N N 325 
MET HXT  H  N N 326 
PHE N    N  N N 327 
PHE CA   C  N S 328 
PHE C    C  N N 329 
PHE O    O  N N 330 
PHE CB   C  N N 331 
PHE CG   C  Y N 332 
PHE CD1  C  Y N 333 
PHE CD2  C  Y N 334 
PHE CE1  C  Y N 335 
PHE CE2  C  Y N 336 
PHE CZ   C  Y N 337 
PHE OXT  O  N N 338 
PHE H    H  N N 339 
PHE H2   H  N N 340 
PHE HA   H  N N 341 
PHE HB2  H  N N 342 
PHE HB3  H  N N 343 
PHE HD1  H  N N 344 
PHE HD2  H  N N 345 
PHE HE1  H  N N 346 
PHE HE2  H  N N 347 
PHE HZ   H  N N 348 
PHE HXT  H  N N 349 
PRO N    N  N N 350 
PRO CA   C  N S 351 
PRO C    C  N N 352 
PRO O    O  N N 353 
PRO CB   C  N N 354 
PRO CG   C  N N 355 
PRO CD   C  N N 356 
PRO OXT  O  N N 357 
PRO H    H  N N 358 
PRO HA   H  N N 359 
PRO HB2  H  N N 360 
PRO HB3  H  N N 361 
PRO HG2  H  N N 362 
PRO HG3  H  N N 363 
PRO HD2  H  N N 364 
PRO HD3  H  N N 365 
PRO HXT  H  N N 366 
SAC C1A  C  N N 367 
SAC C2A  C  N N 368 
SAC OAC  O  N N 369 
SAC N    N  N N 370 
SAC CA   C  N S 371 
SAC C    C  N N 372 
SAC O    O  N N 373 
SAC OXT  O  N N 374 
SAC CB   C  N N 375 
SAC OG   O  N N 376 
SAC H2A1 H  N N 377 
SAC H2A2 H  N N 378 
SAC H2A3 H  N N 379 
SAC H    H  N N 380 
SAC HA   H  N N 381 
SAC HXT  H  N N 382 
SAC HB2  H  N N 383 
SAC HB3  H  N N 384 
SAC HG   H  N N 385 
SER N    N  N N 386 
SER CA   C  N S 387 
SER C    C  N N 388 
SER O    O  N N 389 
SER CB   C  N N 390 
SER OG   O  N N 391 
SER OXT  O  N N 392 
SER H    H  N N 393 
SER H2   H  N N 394 
SER HA   H  N N 395 
SER HB2  H  N N 396 
SER HB3  H  N N 397 
SER HG   H  N N 398 
SER HXT  H  N N 399 
THR N    N  N N 400 
THR CA   C  N S 401 
THR C    C  N N 402 
THR O    O  N N 403 
THR CB   C  N R 404 
THR OG1  O  N N 405 
THR CG2  C  N N 406 
THR OXT  O  N N 407 
THR H    H  N N 408 
THR H2   H  N N 409 
THR HA   H  N N 410 
THR HB   H  N N 411 
THR HG1  H  N N 412 
THR HG21 H  N N 413 
THR HG22 H  N N 414 
THR HG23 H  N N 415 
THR HXT  H  N N 416 
TRP N    N  N N 417 
TRP CA   C  N S 418 
TRP C    C  N N 419 
TRP O    O  N N 420 
TRP CB   C  N N 421 
TRP CG   C  Y N 422 
TRP CD1  C  Y N 423 
TRP CD2  C  Y N 424 
TRP NE1  N  Y N 425 
TRP CE2  C  Y N 426 
TRP CE3  C  Y N 427 
TRP CZ2  C  Y N 428 
TRP CZ3  C  Y N 429 
TRP CH2  C  Y N 430 
TRP OXT  O  N N 431 
TRP H    H  N N 432 
TRP H2   H  N N 433 
TRP HA   H  N N 434 
TRP HB2  H  N N 435 
TRP HB3  H  N N 436 
TRP HD1  H  N N 437 
TRP HE1  H  N N 438 
TRP HE3  H  N N 439 
TRP HZ2  H  N N 440 
TRP HZ3  H  N N 441 
TRP HH2  H  N N 442 
TRP HXT  H  N N 443 
TYR N    N  N N 444 
TYR CA   C  N S 445 
TYR C    C  N N 446 
TYR O    O  N N 447 
TYR CB   C  N N 448 
TYR CG   C  Y N 449 
TYR CD1  C  Y N 450 
TYR CD2  C  Y N 451 
TYR CE1  C  Y N 452 
TYR CE2  C  Y N 453 
TYR CZ   C  Y N 454 
TYR OH   O  N N 455 
TYR OXT  O  N N 456 
TYR H    H  N N 457 
TYR H2   H  N N 458 
TYR HA   H  N N 459 
TYR HB2  H  N N 460 
TYR HB3  H  N N 461 
TYR HD1  H  N N 462 
TYR HD2  H  N N 463 
TYR HE1  H  N N 464 
TYR HE2  H  N N 465 
TYR HH   H  N N 466 
TYR HXT  H  N N 467 
VAL N    N  N N 468 
VAL CA   C  N S 469 
VAL C    C  N N 470 
VAL O    O  N N 471 
VAL CB   C  N N 472 
VAL CG1  C  N N 473 
VAL CG2  C  N N 474 
VAL OXT  O  N N 475 
VAL H    H  N N 476 
VAL H2   H  N N 477 
VAL HA   H  N N 478 
VAL HB   H  N N 479 
VAL HG11 H  N N 480 
VAL HG12 H  N N 481 
VAL HG13 H  N N 482 
VAL HG21 H  N N 483 
VAL HG22 H  N N 484 
VAL HG23 H  N N 485 
VAL HXT  H  N N 486 
# 
loop_
_chem_comp_bond.comp_id 
_chem_comp_bond.atom_id_1 
_chem_comp_bond.atom_id_2 
_chem_comp_bond.value_order 
_chem_comp_bond.pdbx_aromatic_flag 
_chem_comp_bond.pdbx_stereo_config 
_chem_comp_bond.pdbx_ordinal 
ALA N   CA   sing N N 1   
ALA N   H    sing N N 2   
ALA N   H2   sing N N 3   
ALA CA  C    sing N N 4   
ALA CA  CB   sing N N 5   
ALA CA  HA   sing N N 6   
ALA C   O    doub N N 7   
ALA C   OXT  sing N N 8   
ALA CB  HB1  sing N N 9   
ALA CB  HB2  sing N N 10  
ALA CB  HB3  sing N N 11  
ALA OXT HXT  sing N N 12  
ARG N   CA   sing N N 13  
ARG N   H    sing N N 14  
ARG N   H2   sing N N 15  
ARG CA  C    sing N N 16  
ARG CA  CB   sing N N 17  
ARG CA  HA   sing N N 18  
ARG C   O    doub N N 19  
ARG C   OXT  sing N N 20  
ARG CB  CG   sing N N 21  
ARG CB  HB2  sing N N 22  
ARG CB  HB3  sing N N 23  
ARG CG  CD   sing N N 24  
ARG CG  HG2  sing N N 25  
ARG CG  HG3  sing N N 26  
ARG CD  NE   sing N N 27  
ARG CD  HD2  sing N N 28  
ARG CD  HD3  sing N N 29  
ARG NE  CZ   sing N N 30  
ARG NE  HE   sing N N 31  
ARG CZ  NH1  sing N N 32  
ARG CZ  NH2  doub N N 33  
ARG NH1 HH11 sing N N 34  
ARG NH1 HH12 sing N N 35  
ARG NH2 HH21 sing N N 36  
ARG NH2 HH22 sing N N 37  
ARG OXT HXT  sing N N 38  
ASN N   CA   sing N N 39  
ASN N   H    sing N N 40  
ASN N   H2   sing N N 41  
ASN CA  C    sing N N 42  
ASN CA  CB   sing N N 43  
ASN CA  HA   sing N N 44  
ASN C   O    doub N N 45  
ASN C   OXT  sing N N 46  
ASN CB  CG   sing N N 47  
ASN CB  HB2  sing N N 48  
ASN CB  HB3  sing N N 49  
ASN CG  OD1  doub N N 50  
ASN CG  ND2  sing N N 51  
ASN ND2 HD21 sing N N 52  
ASN ND2 HD22 sing N N 53  
ASN OXT HXT  sing N N 54  
ASP N   CA   sing N N 55  
ASP N   H    sing N N 56  
ASP N   H2   sing N N 57  
ASP CA  C    sing N N 58  
ASP CA  CB   sing N N 59  
ASP CA  HA   sing N N 60  
ASP C   O    doub N N 61  
ASP C   OXT  sing N N 62  
ASP CB  CG   sing N N 63  
ASP CB  HB2  sing N N 64  
ASP CB  HB3  sing N N 65  
ASP CG  OD1  doub N N 66  
ASP CG  OD2  sing N N 67  
ASP OD2 HD2  sing N N 68  
ASP OXT HXT  sing N N 69  
CYN C   N    trip N N 70  
CYS N   CA   sing N N 71  
CYS N   H    sing N N 72  
CYS N   H2   sing N N 73  
CYS CA  C    sing N N 74  
CYS CA  CB   sing N N 75  
CYS CA  HA   sing N N 76  
CYS C   O    doub N N 77  
CYS C   OXT  sing N N 78  
CYS CB  SG   sing N N 79  
CYS CB  HB2  sing N N 80  
CYS CB  HB3  sing N N 81  
CYS SG  HG   sing N N 82  
CYS OXT HXT  sing N N 83  
GLN N   CA   sing N N 84  
GLN N   H    sing N N 85  
GLN N   H2   sing N N 86  
GLN CA  C    sing N N 87  
GLN CA  CB   sing N N 88  
GLN CA  HA   sing N N 89  
GLN C   O    doub N N 90  
GLN C   OXT  sing N N 91  
GLN CB  CG   sing N N 92  
GLN CB  HB2  sing N N 93  
GLN CB  HB3  sing N N 94  
GLN CG  CD   sing N N 95  
GLN CG  HG2  sing N N 96  
GLN CG  HG3  sing N N 97  
GLN CD  OE1  doub N N 98  
GLN CD  NE2  sing N N 99  
GLN NE2 HE21 sing N N 100 
GLN NE2 HE22 sing N N 101 
GLN OXT HXT  sing N N 102 
GLU N   CA   sing N N 103 
GLU N   H    sing N N 104 
GLU N   H2   sing N N 105 
GLU CA  C    sing N N 106 
GLU CA  CB   sing N N 107 
GLU CA  HA   sing N N 108 
GLU C   O    doub N N 109 
GLU C   OXT  sing N N 110 
GLU CB  CG   sing N N 111 
GLU CB  HB2  sing N N 112 
GLU CB  HB3  sing N N 113 
GLU CG  CD   sing N N 114 
GLU CG  HG2  sing N N 115 
GLU CG  HG3  sing N N 116 
GLU CD  OE1  doub N N 117 
GLU CD  OE2  sing N N 118 
GLU OE2 HE2  sing N N 119 
GLU OXT HXT  sing N N 120 
GLY N   CA   sing N N 121 
GLY N   H    sing N N 122 
GLY N   H2   sing N N 123 
GLY CA  C    sing N N 124 
GLY CA  HA2  sing N N 125 
GLY CA  HA3  sing N N 126 
GLY C   O    doub N N 127 
GLY C   OXT  sing N N 128 
GLY OXT HXT  sing N N 129 
HEM CHA C1A  sing N N 130 
HEM CHA C4D  doub N N 131 
HEM CHA HHA  sing N N 132 
HEM CHB C4A  sing N N 133 
HEM CHB C1B  doub N N 134 
HEM CHB HHB  sing N N 135 
HEM CHC C4B  sing N N 136 
HEM CHC C1C  doub N N 137 
HEM CHC HHC  sing N N 138 
HEM CHD C4C  doub N N 139 
HEM CHD C1D  sing N N 140 
HEM CHD HHD  sing N N 141 
HEM C1A C2A  doub Y N 142 
HEM C1A NA   sing Y N 143 
HEM C2A C3A  sing Y N 144 
HEM C2A CAA  sing N N 145 
HEM C3A C4A  doub Y N 146 
HEM C3A CMA  sing N N 147 
HEM C4A NA   sing Y N 148 
HEM CMA HMA  sing N N 149 
HEM CMA HMAA sing N N 150 
HEM CMA HMAB sing N N 151 
HEM CAA CBA  sing N N 152 
HEM CAA HAA  sing N N 153 
HEM CAA HAAA sing N N 154 
HEM CBA CGA  sing N N 155 
HEM CBA HBA  sing N N 156 
HEM CBA HBAA sing N N 157 
HEM CGA O1A  doub N N 158 
HEM CGA O2A  sing N N 159 
HEM C1B C2B  sing N N 160 
HEM C1B NB   sing N N 161 
HEM C2B C3B  doub N N 162 
HEM C2B CMB  sing N N 163 
HEM C3B C4B  sing N N 164 
HEM C3B CAB  sing N N 165 
HEM C4B NB   doub N N 166 
HEM CMB HMB  sing N N 167 
HEM CMB HMBA sing N N 168 
HEM CMB HMBB sing N N 169 
HEM CAB CBB  doub N N 170 
HEM CAB HAB  sing N N 171 
HEM CBB HBB  sing N N 172 
HEM CBB HBBA sing N N 173 
HEM C1C C2C  sing Y N 174 
HEM C1C NC   sing Y N 175 
HEM C2C C3C  doub Y N 176 
HEM C2C CMC  sing N N 177 
HEM C3C C4C  sing Y N 178 
HEM C3C CAC  sing N N 179 
HEM C4C NC   sing Y N 180 
HEM CMC HMC  sing N N 181 
HEM CMC HMCA sing N N 182 
HEM CMC HMCB sing N N 183 
HEM CAC CBC  doub N N 184 
HEM CAC HAC  sing N N 185 
HEM CBC HBC  sing N N 186 
HEM CBC HBCA sing N N 187 
HEM C1D C2D  sing N N 188 
HEM C1D ND   doub N N 189 
HEM C2D C3D  doub N N 190 
HEM C2D CMD  sing N N 191 
HEM C3D C4D  sing N N 192 
HEM C3D CAD  sing N N 193 
HEM C4D ND   sing N N 194 
HEM CMD HMD  sing N N 195 
HEM CMD HMDA sing N N 196 
HEM CMD HMDB sing N N 197 
HEM CAD CBD  sing N N 198 
HEM CAD HAD  sing N N 199 
HEM CAD HADA sing N N 200 
HEM CBD CGD  sing N N 201 
HEM CBD HBD  sing N N 202 
HEM CBD HBDA sing N N 203 
HEM CGD O1D  doub N N 204 
HEM CGD O2D  sing N N 205 
HEM O2A H2A  sing N N 206 
HEM O2D H2D  sing N N 207 
HEM FE  NA   sing N N 208 
HEM FE  NB   sing N N 209 
HEM FE  NC   sing N N 210 
HEM FE  ND   sing N N 211 
HIS N   CA   sing N N 212 
HIS N   H    sing N N 213 
HIS N   H2   sing N N 214 
HIS CA  C    sing N N 215 
HIS CA  CB   sing N N 216 
HIS CA  HA   sing N N 217 
HIS C   O    doub N N 218 
HIS C   OXT  sing N N 219 
HIS CB  CG   sing N N 220 
HIS CB  HB2  sing N N 221 
HIS CB  HB3  sing N N 222 
HIS CG  ND1  sing Y N 223 
HIS CG  CD2  doub Y N 224 
HIS ND1 CE1  doub Y N 225 
HIS ND1 HD1  sing N N 226 
HIS CD2 NE2  sing Y N 227 
HIS CD2 HD2  sing N N 228 
HIS CE1 NE2  sing Y N 229 
HIS CE1 HE1  sing N N 230 
HIS NE2 HE2  sing N N 231 
HIS OXT HXT  sing N N 232 
HOH O   H1   sing N N 233 
HOH O   H2   sing N N 234 
ILE N   CA   sing N N 235 
ILE N   H    sing N N 236 
ILE N   H2   sing N N 237 
ILE CA  C    sing N N 238 
ILE CA  CB   sing N N 239 
ILE CA  HA   sing N N 240 
ILE C   O    doub N N 241 
ILE C   OXT  sing N N 242 
ILE CB  CG1  sing N N 243 
ILE CB  CG2  sing N N 244 
ILE CB  HB   sing N N 245 
ILE CG1 CD1  sing N N 246 
ILE CG1 HG12 sing N N 247 
ILE CG1 HG13 sing N N 248 
ILE CG2 HG21 sing N N 249 
ILE CG2 HG22 sing N N 250 
ILE CG2 HG23 sing N N 251 
ILE CD1 HD11 sing N N 252 
ILE CD1 HD12 sing N N 253 
ILE CD1 HD13 sing N N 254 
ILE OXT HXT  sing N N 255 
LEU N   CA   sing N N 256 
LEU N   H    sing N N 257 
LEU N   H2   sing N N 258 
LEU CA  C    sing N N 259 
LEU CA  CB   sing N N 260 
LEU CA  HA   sing N N 261 
LEU C   O    doub N N 262 
LEU C   OXT  sing N N 263 
LEU CB  CG   sing N N 264 
LEU CB  HB2  sing N N 265 
LEU CB  HB3  sing N N 266 
LEU CG  CD1  sing N N 267 
LEU CG  CD2  sing N N 268 
LEU CG  HG   sing N N 269 
LEU CD1 HD11 sing N N 270 
LEU CD1 HD12 sing N N 271 
LEU CD1 HD13 sing N N 272 
LEU CD2 HD21 sing N N 273 
LEU CD2 HD22 sing N N 274 
LEU CD2 HD23 sing N N 275 
LEU OXT HXT  sing N N 276 
LYS N   CA   sing N N 277 
LYS N   H    sing N N 278 
LYS N   H2   sing N N 279 
LYS CA  C    sing N N 280 
LYS CA  CB   sing N N 281 
LYS CA  HA   sing N N 282 
LYS C   O    doub N N 283 
LYS C   OXT  sing N N 284 
LYS CB  CG   sing N N 285 
LYS CB  HB2  sing N N 286 
LYS CB  HB3  sing N N 287 
LYS CG  CD   sing N N 288 
LYS CG  HG2  sing N N 289 
LYS CG  HG3  sing N N 290 
LYS CD  CE   sing N N 291 
LYS CD  HD2  sing N N 292 
LYS CD  HD3  sing N N 293 
LYS CE  NZ   sing N N 294 
LYS CE  HE2  sing N N 295 
LYS CE  HE3  sing N N 296 
LYS NZ  HZ1  sing N N 297 
LYS NZ  HZ2  sing N N 298 
LYS NZ  HZ3  sing N N 299 
LYS OXT HXT  sing N N 300 
MET N   CA   sing N N 301 
MET N   H    sing N N 302 
MET N   H2   sing N N 303 
MET CA  C    sing N N 304 
MET CA  CB   sing N N 305 
MET CA  HA   sing N N 306 
MET C   O    doub N N 307 
MET C   OXT  sing N N 308 
MET CB  CG   sing N N 309 
MET CB  HB2  sing N N 310 
MET CB  HB3  sing N N 311 
MET CG  SD   sing N N 312 
MET CG  HG2  sing N N 313 
MET CG  HG3  sing N N 314 
MET SD  CE   sing N N 315 
MET CE  HE1  sing N N 316 
MET CE  HE2  sing N N 317 
MET CE  HE3  sing N N 318 
MET OXT HXT  sing N N 319 
PHE N   CA   sing N N 320 
PHE N   H    sing N N 321 
PHE N   H2   sing N N 322 
PHE CA  C    sing N N 323 
PHE CA  CB   sing N N 324 
PHE CA  HA   sing N N 325 
PHE C   O    doub N N 326 
PHE C   OXT  sing N N 327 
PHE CB  CG   sing N N 328 
PHE CB  HB2  sing N N 329 
PHE CB  HB3  sing N N 330 
PHE CG  CD1  doub Y N 331 
PHE CG  CD2  sing Y N 332 
PHE CD1 CE1  sing Y N 333 
PHE CD1 HD1  sing N N 334 
PHE CD2 CE2  doub Y N 335 
PHE CD2 HD2  sing N N 336 
PHE CE1 CZ   doub Y N 337 
PHE CE1 HE1  sing N N 338 
PHE CE2 CZ   sing Y N 339 
PHE CE2 HE2  sing N N 340 
PHE CZ  HZ   sing N N 341 
PHE OXT HXT  sing N N 342 
PRO N   CA   sing N N 343 
PRO N   CD   sing N N 344 
PRO N   H    sing N N 345 
PRO CA  C    sing N N 346 
PRO CA  CB   sing N N 347 
PRO CA  HA   sing N N 348 
PRO C   O    doub N N 349 
PRO C   OXT  sing N N 350 
PRO CB  CG   sing N N 351 
PRO CB  HB2  sing N N 352 
PRO CB  HB3  sing N N 353 
PRO CG  CD   sing N N 354 
PRO CG  HG2  sing N N 355 
PRO CG  HG3  sing N N 356 
PRO CD  HD2  sing N N 357 
PRO CD  HD3  sing N N 358 
PRO OXT HXT  sing N N 359 
SAC C1A C2A  sing N N 360 
SAC C1A OAC  doub N N 361 
SAC C1A N    sing N N 362 
SAC C2A H2A1 sing N N 363 
SAC C2A H2A2 sing N N 364 
SAC C2A H2A3 sing N N 365 
SAC N   CA   sing N N 366 
SAC N   H    sing N N 367 
SAC CA  C    sing N N 368 
SAC CA  CB   sing N N 369 
SAC CA  HA   sing N N 370 
SAC C   O    doub N N 371 
SAC C   OXT  sing N N 372 
SAC OXT HXT  sing N N 373 
SAC CB  OG   sing N N 374 
SAC CB  HB2  sing N N 375 
SAC CB  HB3  sing N N 376 
SAC OG  HG   sing N N 377 
SER N   CA   sing N N 378 
SER N   H    sing N N 379 
SER N   H2   sing N N 380 
SER CA  C    sing N N 381 
SER CA  CB   sing N N 382 
SER CA  HA   sing N N 383 
SER C   O    doub N N 384 
SER C   OXT  sing N N 385 
SER CB  OG   sing N N 386 
SER CB  HB2  sing N N 387 
SER CB  HB3  sing N N 388 
SER OG  HG   sing N N 389 
SER OXT HXT  sing N N 390 
THR N   CA   sing N N 391 
THR N   H    sing N N 392 
THR N   H2   sing N N 393 
THR CA  C    sing N N 394 
THR CA  CB   sing N N 395 
THR CA  HA   sing N N 396 
THR C   O    doub N N 397 
THR C   OXT  sing N N 398 
THR CB  OG1  sing N N 399 
THR CB  CG2  sing N N 400 
THR CB  HB   sing N N 401 
THR OG1 HG1  sing N N 402 
THR CG2 HG21 sing N N 403 
THR CG2 HG22 sing N N 404 
THR CG2 HG23 sing N N 405 
THR OXT HXT  sing N N 406 
TRP N   CA   sing N N 407 
TRP N   H    sing N N 408 
TRP N   H2   sing N N 409 
TRP CA  C    sing N N 410 
TRP CA  CB   sing N N 411 
TRP CA  HA   sing N N 412 
TRP C   O    doub N N 413 
TRP C   OXT  sing N N 414 
TRP CB  CG   sing N N 415 
TRP CB  HB2  sing N N 416 
TRP CB  HB3  sing N N 417 
TRP CG  CD1  doub Y N 418 
TRP CG  CD2  sing Y N 419 
TRP CD1 NE1  sing Y N 420 
TRP CD1 HD1  sing N N 421 
TRP CD2 CE2  doub Y N 422 
TRP CD2 CE3  sing Y N 423 
TRP NE1 CE2  sing Y N 424 
TRP NE1 HE1  sing N N 425 
TRP CE2 CZ2  sing Y N 426 
TRP CE3 CZ3  doub Y N 427 
TRP CE3 HE3  sing N N 428 
TRP CZ2 CH2  doub Y N 429 
TRP CZ2 HZ2  sing N N 430 
TRP CZ3 CH2  sing Y N 431 
TRP CZ3 HZ3  sing N N 432 
TRP CH2 HH2  sing N N 433 
TRP OXT HXT  sing N N 434 
TYR N   CA   sing N N 435 
TYR N   H    sing N N 436 
TYR N   H2   sing N N 437 
TYR CA  C    sing N N 438 
TYR CA  CB   sing N N 439 
TYR CA  HA   sing N N 440 
TYR C   O    doub N N 441 
TYR C   OXT  sing N N 442 
TYR CB  CG   sing N N 443 
TYR CB  HB2  sing N N 444 
TYR CB  HB3  sing N N 445 
TYR CG  CD1  doub Y N 446 
TYR CG  CD2  sing Y N 447 
TYR CD1 CE1  sing Y N 448 
TYR CD1 HD1  sing N N 449 
TYR CD2 CE2  doub Y N 450 
TYR CD2 HD2  sing N N 451 
TYR CE1 CZ   doub Y N 452 
TYR CE1 HE1  sing N N 453 
TYR CE2 CZ   sing Y N 454 
TYR CE2 HE2  sing N N 455 
TYR CZ  OH   sing N N 456 
TYR OH  HH   sing N N 457 
TYR OXT HXT  sing N N 458 
VAL N   CA   sing N N 459 
VAL N   H    sing N N 460 
VAL N   H2   sing N N 461 
VAL CA  C    sing N N 462 
VAL CA  CB   sing N N 463 
VAL CA  HA   sing N N 464 
VAL C   O    doub N N 465 
VAL C   OXT  sing N N 466 
VAL CB  CG1  sing N N 467 
VAL CB  CG2  sing N N 468 
VAL CB  HB   sing N N 469 
VAL CG1 HG11 sing N N 470 
VAL CG1 HG12 sing N N 471 
VAL CG1 HG13 sing N N 472 
VAL CG2 HG21 sing N N 473 
VAL CG2 HG22 sing N N 474 
VAL CG2 HG23 sing N N 475 
VAL OXT HXT  sing N N 476 
# 
_atom_sites.entry_id                    1B0B 
_atom_sites.fract_transf_matrix[1][1]   -0.01338160 
_atom_sites.fract_transf_matrix[1][2]   0.00561860 
_atom_sites.fract_transf_matrix[1][3]   -0.01526394 
_atom_sites.fract_transf_matrix[2][1]   -0.00016875 
_atom_sites.fract_transf_matrix[2][2]   -0.02477505 
_atom_sites.fract_transf_matrix[2][3]   -0.00897167 
_atom_sites.fract_transf_matrix[3][1]   -0.02312469 
_atom_sites.fract_transf_matrix[3][2]   -0.00324438 
_atom_sites.fract_transf_matrix[3][3]   0.00939423 
_atom_sites.fract_transf_vector[1]      0.187211 
_atom_sites.fract_transf_vector[2]      0.010469 
_atom_sites.fract_transf_vector[3]      0.339733 
# 
loop_
_atom_type.symbol 
C  
FE 
N  
O  
S  
# 
loop_
_atom_site.group_PDB 
_atom_site.id 
_atom_site.type_symbol 
_atom_site.label_atom_id 
_atom_site.label_alt_id 
_atom_site.label_comp_id 
_atom_site.label_asym_id 
_atom_site.label_entity_id 
_atom_site.label_seq_id 
_atom_site.pdbx_PDB_ins_code 
_atom_site.Cartn_x 
_atom_site.Cartn_y 
_atom_site.Cartn_z 
_atom_site.occupancy 
_atom_site.B_iso_or_equiv 
_atom_site.pdbx_formal_charge 
_atom_site.auth_seq_id 
_atom_site.auth_comp_id 
_atom_site.auth_asym_id 
_atom_site.auth_atom_id 
_atom_site.pdbx_PDB_model_num 
HETATM 1    C  C1A . SAC A 1 1   ? 3.148   -21.360 -3.416  1.00 14.46 ? 1   SAC A C1A 1 
HETATM 2    C  C2A . SAC A 1 1   ? 3.313   -22.782 -2.907  1.00 16.17 ? 1   SAC A C2A 1 
HETATM 3    O  OAC . SAC A 1 1   ? 4.005   -20.745 -4.092  1.00 15.17 ? 1   SAC A OAC 1 
HETATM 4    N  N   . SAC A 1 1   ? 1.970   -20.701 -3.094  1.00 12.52 ? 1   SAC A N   1 
HETATM 5    C  CA  . SAC A 1 1   ? 1.664   -19.392 -3.626  1.00 11.35 ? 1   SAC A CA  1 
HETATM 6    C  C   . SAC A 1 1   ? 2.441   -18.279 -2.945  1.00 11.11 ? 1   SAC A C   1 
HETATM 7    O  O   . SAC A 1 1   ? 2.325   -17.175 -3.476  1.00 14.64 ? 1   SAC A O   1 
HETATM 8    C  CB  . SAC A 1 1   ? 0.170   -19.108 -3.472  1.00 13.32 ? 1   SAC A CB  1 
HETATM 9    O  OG  . SAC A 1 1   ? -0.178  -19.059 -2.114  1.00 18.68 ? 1   SAC A OG  1 
ATOM   10   N  N   . LEU A 1 2   ? 3.113   -18.509 -1.818  1.00 7.96  ? 2   LEU A N   1 
ATOM   11   C  CA  . LEU A 1 2   ? 3.952   -17.475 -1.199  1.00 7.30  ? 2   LEU A CA  1 
ATOM   12   C  C   . LEU A 1 2   ? 5.155   -18.125 -0.518  1.00 7.61  ? 2   LEU A C   1 
ATOM   13   O  O   . LEU A 1 2   ? 4.994   -18.775 0.512   1.00 10.60 ? 2   LEU A O   1 
ATOM   14   C  CB  . LEU A 1 2   ? 3.139   -16.638 -0.236  1.00 7.78  ? 2   LEU A CB  1 
ATOM   15   C  CG  . LEU A 1 2   ? 3.916   -15.518 0.472   1.00 9.10  ? 2   LEU A CG  1 
ATOM   16   C  CD1 . LEU A 1 2   ? 4.472   -14.522 -0.535  1.00 9.71  ? 2   LEU A CD1 1 
ATOM   17   C  CD2 . LEU A 1 2   ? 3.009   -14.857 1.498   1.00 11.22 ? 2   LEU A CD2 1 
ATOM   18   N  N   . SER A 1 3   ? 6.294   -18.107 -1.229  1.00 5.77  ? 3   SER A N   1 
ATOM   19   C  CA  . SER A 1 3   ? 7.441   -18.829 -0.736  1.00 5.25  ? 3   SER A CA  1 
ATOM   20   C  C   . SER A 1 3   ? 8.186   -18.112 0.385   1.00 4.75  ? 3   SER A C   1 
ATOM   21   O  O   . SER A 1 3   ? 8.078   -16.902 0.547   1.00 5.56  ? 3   SER A O   1 
ATOM   22   C  CB  . SER A 1 3   ? 8.427   -19.143 -1.857  1.00 5.49  ? 3   SER A CB  1 
ATOM   23   O  OG  . SER A 1 3   ? 9.124   -17.972 -2.162  1.00 6.35  ? 3   SER A OG  1 
ATOM   24   N  N   . ALA A 1 4   ? 9.004   -18.906 1.105   1.00 6.25  ? 4   ALA A N   1 
ATOM   25   C  CA  . ALA A 1 4   ? 9.828   -18.284 2.144   1.00 6.20  ? 4   ALA A CA  1 
ATOM   26   C  C   . ALA A 1 4   ? 10.743  -17.192 1.588   1.00 6.23  ? 4   ALA A C   1 
ATOM   27   O  O   . ALA A 1 4   ? 10.924  -16.153 2.221   1.00 6.85  ? 4   ALA A O   1 
ATOM   28   C  CB  . ALA A 1 4   ? 10.684  -19.332 2.833   1.00 7.62  ? 4   ALA A CB  1 
ATOM   29   N  N   . ALA A 1 5   ? 11.291  -17.468 0.408   1.00 6.00  ? 5   ALA A N   1 
ATOM   30   C  CA  . ALA A 1 5   ? 12.181  -16.511 -0.226  1.00 5.18  ? 5   ALA A CA  1 
ATOM   31   C  C   . ALA A 1 5   ? 11.399  -15.241 -0.580  1.00 5.38  ? 5   ALA A C   1 
ATOM   32   O  O   . ALA A 1 5   ? 11.995  -14.142 -0.566  1.00 5.51  ? 5   ALA A O   1 
ATOM   33   C  CB  . ALA A 1 5   ? 12.922  -17.068 -1.435  1.00 8.06  ? 5   ALA A CB  1 
ATOM   34   N  N   . GLN A 1 6   ? 10.211  -15.376 -1.140  1.00 5.23  ? 6   GLN A N   1 
ATOM   35   C  CA  . GLN A 1 6   ? 9.409   -14.197 -1.486  1.00 5.19  ? 6   GLN A CA  1 
ATOM   36   C  C   . GLN A 1 6   ? 9.138   -13.379 -0.239  1.00 4.49  ? 6   GLN A C   1 
ATOM   37   O  O   . GLN A 1 6   ? 9.224   -12.151 -0.273  1.00 4.77  ? 6   GLN A O   1 
ATOM   38   C  CB  . GLN A 1 6   ? 8.110   -14.609 -2.156  1.00 5.19  ? 6   GLN A CB  1 
ATOM   39   C  CG  . GLN A 1 6   ? 8.348   -15.173 -3.565  1.00 5.92  ? 6   GLN A CG  1 
ATOM   40   C  CD  . GLN A 1 6   ? 7.083   -15.699 -4.205  1.00 6.11  ? 6   GLN A CD  1 
ATOM   41   O  OE1 . GLN A 1 6   ? 6.298   -16.442 -3.643  1.00 7.42  ? 6   GLN A OE1 1 
ATOM   42   N  NE2 . GLN A 1 6   ? 6.879   -15.352 -5.471  1.00 7.41  ? 6   GLN A NE2 1 
ATOM   43   N  N   . LYS A 1 7   ? 8.745   -14.058 0.847   1.00 4.60  ? 7   LYS A N   1 
ATOM   44   C  CA  . LYS A 1 7   ? 8.513   -13.310 2.089   1.00 4.79  ? 7   LYS A CA  1 
ATOM   45   C  C   . LYS A 1 7   ? 9.758   -12.575 2.539   1.00 4.89  ? 7   LYS A C   1 
ATOM   46   O  O   . LYS A 1 7   ? 9.698   -11.444 3.012   1.00 5.64  ? 7   LYS A O   1 
ATOM   47   C  CB  . LYS A 1 7   ? 8.022   -14.296 3.126   1.00 5.53  ? 7   LYS A CB  1 
ATOM   48   C  CG  . LYS A 1 7   ? 6.705   -14.974 2.870   1.00 5.93  ? 7   LYS A CG  1 
ATOM   49   C  CD  . LYS A 1 7   ? 6.475   -16.047 3.929   1.00 8.65  ? 7   LYS A CD  1 
ATOM   50   C  CE  . LYS A 1 7   ? 5.153   -16.757 3.774   1.00 9.73  ? 7   LYS A CE  1 
ATOM   51   N  NZ  . LYS A 1 7   ? 4.993   -17.865 4.767   1.00 10.72 ? 7   LYS A NZ  1 
ATOM   52   N  N   . ASP A 1 8   ? 10.885  -13.278 2.513   1.00 5.25  ? 8   ASP A N   1 
ATOM   53   C  CA  . ASP A 1 8   ? 12.137  -12.661 2.959   1.00 5.55  ? 8   ASP A CA  1 
ATOM   54   C  C   . ASP A 1 8   ? 12.447  -11.411 2.120   1.00 5.15  ? 8   ASP A C   1 
ATOM   55   O  O   . ASP A 1 8   ? 12.928  -10.412 2.633   1.00 6.49  ? 8   ASP A O   1 
ATOM   56   C  CB  . ASP A 1 8   ? 13.292  -13.651 2.938   1.00 6.87  ? 8   ASP A CB  1 
ATOM   57   C  CG  . ASP A 1 8   ? 13.248  -14.756 3.981   1.00 8.87  ? 8   ASP A CG  1 
ATOM   58   O  OD1 . ASP A 1 8   ? 12.548  -14.552 4.997   1.00 13.81 ? 8   ASP A OD1 1 
ATOM   59   O  OD2 . ASP A 1 8   ? 14.021  -15.760 3.793   1.00 10.94 ? 8   ASP A OD2 1 
ATOM   60   N  N   . ASN A 1 9   ? 12.303  -11.500 0.794   1.00 4.96  ? 9   ASN A N   1 
ATOM   61   C  CA  . ASN A 1 9   ? 12.552  -10.361 -0.059  1.00 4.58  ? 9   ASN A CA  1 
ATOM   62   C  C   . ASN A 1 9   ? 11.634  -9.190  0.253   1.00 4.70  ? 9   ASN A C   1 
ATOM   63   O  O   . ASN A 1 9   ? 12.065  -8.041  0.227   1.00 5.20  ? 9   ASN A O   1 
ATOM   64   C  CB  . ASN A 1 9   ? 12.414  -10.733 -1.544  1.00 4.73  ? 9   ASN A CB  1 
ATOM   65   C  CG  . ASN A 1 9   ? 12.494  -9.540  -2.470  1.00 4.41  ? 9   ASN A CG  1 
ATOM   66   O  OD1 . ASN A 1 9   ? 11.456  -8.979  -2.864  1.00 6.38  ? 9   ASN A OD1 1 
ATOM   67   N  ND2 . ASN A 1 9   ? 13.655  -9.162  -2.994  1.00 7.16  ? 9   ASN A ND2 1 
ATOM   68   N  N   . VAL A 1 10  ? 10.354  -9.489  0.437   1.00 4.89  ? 10  VAL A N   1 
ATOM   69   C  CA  . VAL A 1 10  ? 9.384   -8.443  0.795   1.00 5.47  ? 10  VAL A CA  1 
ATOM   70   C  C   . VAL A 1 10  ? 9.763   -7.794  2.120   1.00 5.39  ? 10  VAL A C   1 
ATOM   71   O  O   . VAL A 1 10  ? 9.804   -6.561  2.243   1.00 5.49  ? 10  VAL A O   1 
ATOM   72   C  CB  . VAL A 1 10  ? 7.970   -9.029  0.784   1.00 5.02  ? 10  VAL A CB  1 
ATOM   73   C  CG1 . VAL A 1 10  ? 6.948   -8.101  1.440   1.00 6.23  ? 10  VAL A CG1 1 
ATOM   74   C  CG2 . VAL A 1 10  ? 7.495   -9.296  -0.636  1.00 5.65  ? 10  VAL A CG2 1 
ATOM   75   N  N   . LYS A 1 11  ? 10.099  -8.582  3.140   1.00 6.44  ? 11  LYS A N   1 
ATOM   76   C  CA  . LYS A 1 11  ? 10.500  -7.979  4.398   1.00 8.09  ? 11  LYS A CA  1 
ATOM   77   C  C   . LYS A 1 11  ? 11.737  -7.098  4.297   1.00 7.31  ? 11  LYS A C   1 
ATOM   78   O  O   . LYS A 1 11  ? 11.787  -6.038  4.873   1.00 7.00  ? 11  LYS A O   1 
ATOM   79   C  CB  A LYS A 1 11  ? 10.761  -9.114  5.413   0.50 10.91 ? 11  LYS A CB  1 
ATOM   80   C  CB  B LYS A 1 11  ? 10.728  -9.055  5.445   0.50 10.81 ? 11  LYS A CB  1 
ATOM   81   C  CG  A LYS A 1 11  ? 9.567   -9.969  5.745   0.50 13.48 ? 11  LYS A CG  1 
ATOM   82   C  CG  B LYS A 1 11  ? 10.721  -8.525  6.872   0.50 11.97 ? 11  LYS A CG  1 
ATOM   83   C  CD  A LYS A 1 11  ? 9.897   -11.048 6.766   0.50 20.20 ? 11  LYS A CD  1 
ATOM   84   C  CD  B LYS A 1 11  ? 10.500  -9.634  7.888   0.50 13.75 ? 11  LYS A CD  1 
ATOM   85   C  CE  A LYS A 1 11  ? 10.366  -12.333 6.118   0.50 26.53 ? 11  LYS A CE  1 
ATOM   86   C  CE  B LYS A 1 11  ? 10.483  -9.078  9.305   0.50 17.12 ? 11  LYS A CE  1 
ATOM   87   N  NZ  A LYS A 1 11  ? 11.748  -12.781 6.555   0.50 27.08 ? 11  LYS A NZ  1 
ATOM   88   N  NZ  B LYS A 1 11  ? 10.979  -10.061 10.305  0.50 15.12 ? 11  LYS A NZ  1 
ATOM   89   N  N   . SER A 1 12  ? 12.734  -7.602  3.588   1.00 6.32  ? 12  SER A N   1 
ATOM   90   C  CA  . SER A 1 12  ? 14.022  -6.930  3.520   1.00 6.15  ? 12  SER A CA  1 
ATOM   91   C  C   . SER A 1 12  ? 13.918  -5.696  2.655   1.00 5.34  ? 12  SER A C   1 
ATOM   92   O  O   . SER A 1 12  ? 14.502  -4.682  2.973   1.00 6.57  ? 12  SER A O   1 
ATOM   93   C  CB  A SER A 1 12  ? 15.079  -7.922  3.028   0.50 6.31  ? 12  SER A CB  1 
ATOM   94   C  CB  B SER A 1 12  ? 15.134  -7.838  2.994   0.50 7.22  ? 12  SER A CB  1 
ATOM   95   O  OG  A SER A 1 12  ? 15.340  -8.940  3.993   0.50 10.00 ? 12  SER A OG  1 
ATOM   96   O  OG  B SER A 1 12  ? 16.245  -7.079  2.531   0.50 8.22  ? 12  SER A OG  1 
ATOM   97   N  N   . SER A 1 13  ? 13.197  -5.817  1.521   1.00 5.04  ? 13  SER A N   1 
ATOM   98   C  CA  . SER A 1 13  ? 13.063  -4.623  0.692   1.00 5.31  ? 13  SER A CA  1 
ATOM   99   C  C   . SER A 1 13  ? 12.157  -3.585  1.349   1.00 4.70  ? 13  SER A C   1 
ATOM   100  O  O   . SER A 1 13  ? 12.458  -2.405  1.252   1.00 4.90  ? 13  SER A O   1 
ATOM   101  C  CB  A SER A 1 13  ? 12.572  -5.036  -0.698  0.50 5.32  ? 13  SER A CB  1 
ATOM   102  C  CB  B SER A 1 13  ? 12.660  -4.944  -0.736  0.50 6.40  ? 13  SER A CB  1 
ATOM   103  O  OG  A SER A 1 13  ? 11.273  -5.629  -0.729  0.50 4.98  ? 13  SER A OG  1 
ATOM   104  O  OG  B SER A 1 13  ? 13.815  -5.066  -1.551  0.50 7.64  ? 13  SER A OG  1 
ATOM   105  N  N   . TRP A 1 14  ? 11.124  -4.042  2.068   1.00 4.47  ? 14  TRP A N   1 
ATOM   106  C  CA  . TRP A 1 14  ? 10.304  -3.113  2.843   1.00 5.48  ? 14  TRP A CA  1 
ATOM   107  C  C   . TRP A 1 14  ? 11.137  -2.369  3.883   1.00 5.66  ? 14  TRP A C   1 
ATOM   108  O  O   . TRP A 1 14  ? 10.988  -1.166  4.091   1.00 6.28  ? 14  TRP A O   1 
ATOM   109  C  CB  . TRP A 1 14  ? 9.073   -3.777  3.514   1.00 5.22  ? 14  TRP A CB  1 
ATOM   110  C  CG  . TRP A 1 14  ? 8.257   -2.658  4.127   1.00 4.48  ? 14  TRP A CG  1 
ATOM   111  C  CD1 . TRP A 1 14  ? 7.989   -2.480  5.446   1.00 5.50  ? 14  TRP A CD1 1 
ATOM   112  C  CD2 . TRP A 1 14  ? 7.627   -1.561  3.442   1.00 4.95  ? 14  TRP A CD2 1 
ATOM   113  N  NE1 . TRP A 1 14  ? 7.223   -1.343  5.639   1.00 6.46  ? 14  TRP A NE1 1 
ATOM   114  C  CE2 . TRP A 1 14  ? 6.999   -0.769  4.416   1.00 6.41  ? 14  TRP A CE2 1 
ATOM   115  C  CE3 . TRP A 1 14  ? 7.498   -1.119  2.122   1.00 5.62  ? 14  TRP A CE3 1 
ATOM   116  C  CZ2 . TRP A 1 14  ? 6.291   0.386   4.102   1.00 7.04  ? 14  TRP A CZ2 1 
ATOM   117  C  CZ3 . TRP A 1 14  ? 6.794   0.035   1.792   1.00 5.89  ? 14  TRP A CZ3 1 
ATOM   118  C  CH2 . TRP A 1 14  ? 6.181   0.799   2.805   1.00 6.88  ? 14  TRP A CH2 1 
ATOM   119  N  N   . ALA A 1 15  ? 12.090  -3.044  4.519   1.00 6.14  ? 15  ALA A N   1 
ATOM   120  C  CA  . ALA A 1 15  ? 12.984  -2.351  5.460   1.00 6.23  ? 15  ALA A CA  1 
ATOM   121  C  C   . ALA A 1 15  ? 13.716  -1.206  4.770   1.00 6.58  ? 15  ALA A C   1 
ATOM   122  O  O   . ALA A 1 15  ? 13.911  -0.130  5.352   1.00 6.99  ? 15  ALA A O   1 
ATOM   123  C  CB  . ALA A 1 15  ? 13.943  -3.330  6.101   1.00 5.52  ? 15  ALA A CB  1 
ATOM   124  N  N   . LYS A 1 16  ? 14.155  -1.413  3.538   1.00 5.99  ? 16  LYS A N   1 
ATOM   125  C  CA  . LYS A 1 16  ? 14.847  -0.397  2.804   1.00 6.63  ? 16  LYS A CA  1 
ATOM   126  C  C   . LYS A 1 16  ? 13.914  0.733   2.418   1.00 5.93  ? 16  LYS A C   1 
ATOM   127  O  O   . LYS A 1 16  ? 14.241  1.918   2.592   1.00 6.41  ? 16  LYS A O   1 
ATOM   128  C  CB  . LYS A 1 16  ? 15.496  -1.023  1.565   1.00 6.48  ? 16  LYS A CB  1 
ATOM   129  C  CG  . LYS A 1 16  ? 16.630  -1.998  1.858   1.00 9.11  ? 16  LYS A CG  1 
ATOM   130  C  CD  . LYS A 1 16  ? 17.198  -2.573  0.572   1.00 11.77 ? 16  LYS A CD  1 
ATOM   131  C  CE  A LYS A 1 16  ? 18.342  -3.521  0.812   0.50 14.92 ? 16  LYS A CE  1 
ATOM   132  C  CE  B LYS A 1 16  ? 17.527  -4.050  0.696   0.50 12.86 ? 16  LYS A CE  1 
ATOM   133  N  NZ  A LYS A 1 16  ? 19.594  -2.827  1.195   0.50 24.21 ? 16  LYS A NZ  1 
ATOM   134  N  NZ  B LYS A 1 16  ? 18.902  -4.375  0.216   0.50 11.85 ? 16  LYS A NZ  1 
ATOM   135  N  N   . ALA A 1 17  ? 12.746  0.463   1.910   1.00 5.61  ? 17  ALA A N   1 
ATOM   136  C  CA  . ALA A 1 17  ? 11.839  1.535   1.562   1.00 5.23  ? 17  ALA A CA  1 
ATOM   137  C  C   . ALA A 1 17  ? 11.384  2.306   2.794   1.00 5.60  ? 17  ALA A C   1 
ATOM   138  O  O   . ALA A 1 17  ? 11.234  3.518   2.784   1.00 6.03  ? 17  ALA A O   1 
ATOM   139  C  CB  . ALA A 1 17  ? 10.675  0.901   0.837   1.00 6.76  ? 17  ALA A CB  1 
ATOM   140  N  N   . SER A 1 18  ? 11.111  1.583   3.861   1.00 5.10  ? 18  SER A N   1 
ATOM   141  C  CA  . SER A 1 18  ? 10.682  2.190   5.121   1.00 5.89  ? 18  SER A CA  1 
ATOM   142  C  C   . SER A 1 18  ? 11.724  3.189   5.622   1.00 6.24  ? 18  SER A C   1 
ATOM   143  O  O   . SER A 1 18  ? 11.367  4.289   6.065   1.00 6.88  ? 18  SER A O   1 
ATOM   144  C  CB  A SER A 1 18  ? 10.389  1.099   6.146   0.50 7.24  ? 18  SER A CB  1 
ATOM   145  C  CB  B SER A 1 18  ? 10.567  1.088   6.188   0.50 6.90  ? 18  SER A CB  1 
ATOM   146  O  OG  A SER A 1 18  ? 10.017  1.658   7.388   0.50 8.33  ? 18  SER A OG  1 
ATOM   147  O  OG  B SER A 1 18  ? 9.388   0.327   6.025   0.50 8.03  ? 18  SER A OG  1 
ATOM   148  N  N   . ALA A 1 19  ? 12.996  2.872   5.524   1.00 5.45  ? 19  ALA A N   1 
ATOM   149  C  CA  . ALA A 1 19  ? 14.047  3.773   5.958   1.00 6.03  ? 19  ALA A CA  1 
ATOM   150  C  C   . ALA A 1 19  ? 14.031  5.079   5.155   1.00 5.81  ? 19  ALA A C   1 
ATOM   151  O  O   . ALA A 1 19  ? 14.360  6.130   5.691   1.00 6.53  ? 19  ALA A O   1 
ATOM   152  C  CB  . ALA A 1 19  ? 15.420  3.126   5.832   1.00 8.85  ? 19  ALA A CB  1 
ATOM   153  N  N   . ALA A 1 20  ? 13.623  4.987   3.898   1.00 5.38  ? 20  ALA A N   1 
ATOM   154  C  CA  . ALA A 1 20  ? 13.575  6.126   3.015   1.00 5.69  ? 20  ALA A CA  1 
ATOM   155  C  C   . ALA A 1 20  ? 12.194  6.735   2.851   1.00 4.76  ? 20  ALA A C   1 
ATOM   156  O  O   . ALA A 1 20  ? 12.058  7.688   2.068   1.00 5.76  ? 20  ALA A O   1 
ATOM   157  C  CB  . ALA A 1 20  ? 14.050  5.662   1.641   1.00 5.71  ? 20  ALA A CB  1 
ATOM   158  N  N   . TRP A 1 21  ? 11.213  6.273   3.627   1.00 4.70  ? 21  TRP A N   1 
ATOM   159  C  CA  . TRP A 1 21  ? 9.817   6.583   3.309   1.00 5.03  ? 21  TRP A CA  1 
ATOM   160  C  C   . TRP A 1 21  ? 9.491   8.058   3.528   1.00 4.59  ? 21  TRP A C   1 
ATOM   161  O  O   . TRP A 1 21  ? 8.489   8.515   2.944   1.00 6.09  ? 21  TRP A O   1 
ATOM   162  C  CB  . TRP A 1 21  ? 8.862   5.733   4.100   1.00 5.61  ? 21  TRP A CB  1 
ATOM   163  C  CG  . TRP A 1 21  ? 7.499   5.530   3.517   1.00 3.65  ? 21  TRP A CG  1 
ATOM   164  C  CD1 . TRP A 1 21  ? 6.313   6.007   4.024   1.00 5.49  ? 21  TRP A CD1 1 
ATOM   165  C  CD2 . TRP A 1 21  ? 7.158   4.800   2.328   1.00 4.65  ? 21  TRP A CD2 1 
ATOM   166  N  NE1 . TRP A 1 21  ? 5.263   5.612   3.225   1.00 5.09  ? 21  TRP A NE1 1 
ATOM   167  C  CE2 . TRP A 1 21  ? 5.757   4.869   2.172   1.00 4.21  ? 21  TRP A CE2 1 
ATOM   168  C  CE3 . TRP A 1 21  ? 7.878   4.093   1.370   1.00 4.78  ? 21  TRP A CE3 1 
ATOM   169  C  CZ2 . TRP A 1 21  ? 5.084   4.259   1.113   1.00 5.43  ? 21  TRP A CZ2 1 
ATOM   170  C  CZ3 . TRP A 1 21  ? 7.233   3.487   0.321   1.00 6.31  ? 21  TRP A CZ3 1 
ATOM   171  C  CH2 . TRP A 1 21  ? 5.836   3.577   0.199   1.00 5.73  ? 21  TRP A CH2 1 
ATOM   172  N  N   . GLY A 1 22  ? 10.250  8.815   4.302   1.00 4.91  ? 22  GLY A N   1 
ATOM   173  C  CA  . GLY A 1 22  ? 9.979   10.262  4.436   1.00 6.34  ? 22  GLY A CA  1 
ATOM   174  C  C   . GLY A 1 22  ? 10.085  10.991  3.106   1.00 6.61  ? 22  GLY A C   1 
ATOM   175  O  O   . GLY A 1 22  ? 9.381   11.965  2.883   1.00 7.79  ? 22  GLY A O   1 
ATOM   176  N  N   . THR A 1 23  ? 10.834  10.420  2.151   1.00 6.48  ? 23  THR A N   1 
ATOM   177  C  CA  . THR A 1 23  ? 10.884  10.991  0.818   1.00 6.63  ? 23  THR A CA  1 
ATOM   178  C  C   . THR A 1 23  ? 10.203  10.049  -0.160  1.00 6.14  ? 23  THR A C   1 
ATOM   179  O  O   . THR A 1 23  ? 9.538   10.521  -1.097  1.00 6.37  ? 23  THR A O   1 
ATOM   180  C  CB  . THR A 1 23  ? 12.294  11.328  0.297   1.00 6.72  ? 23  THR A CB  1 
ATOM   181  O  OG1 . THR A 1 23  ? 13.021  10.131  0.037   1.00 8.05  ? 23  THR A OG1 1 
ATOM   182  C  CG2 . THR A 1 23  ? 13.050  12.182  1.316   1.00 8.71  ? 23  THR A CG2 1 
ATOM   183  N  N   . ALA A 1 24  ? 10.380  8.753   -0.011  1.00 5.51  ? 24  ALA A N   1 
ATOM   184  C  CA  . ALA A 1 24  ? 9.839   7.776   -0.961  1.00 5.53  ? 24  ALA A CA  1 
ATOM   185  C  C   . ALA A 1 24  ? 8.337   7.633   -0.883  1.00 6.41  ? 24  ALA A C   1 
ATOM   186  O  O   . ALA A 1 24  ? 7.653   7.383   -1.882  1.00 6.66  ? 24  ALA A O   1 
ATOM   187  C  CB  . ALA A 1 24  ? 10.505  6.413   -0.775  1.00 7.52  ? 24  ALA A CB  1 
ATOM   188  N  N   . GLY A 1 25  ? 7.750   7.787   0.288   1.00 6.27  ? 25  GLY A N   1 
ATOM   189  C  CA  . GLY A 1 25  ? 6.313   7.601   0.387   1.00 5.94  ? 25  GLY A CA  1 
ATOM   190  C  C   . GLY A 1 25  ? 5.576   8.628   -0.458  1.00 5.58  ? 25  GLY A C   1 
ATOM   191  O  O   . GLY A 1 25  ? 4.674   8.250   -1.214  1.00 5.42  ? 25  GLY A O   1 
ATOM   192  N  N   . PRO A 1 26  ? 5.902   9.926   -0.344  1.00 5.12  ? 26  PRO A N   1 
ATOM   193  C  CA  . PRO A 1 26  ? 5.247   10.892  -1.237  1.00 5.75  ? 26  PRO A CA  1 
ATOM   194  C  C   . PRO A 1 26  ? 5.440   10.541  -2.696  1.00 5.94  ? 26  PRO A C   1 
ATOM   195  O  O   . PRO A 1 26  ? 4.523   10.741  -3.496  1.00 7.04  ? 26  PRO A O   1 
ATOM   196  C  CB  . PRO A 1 26  ? 5.922   12.210  -0.840  1.00 7.26  ? 26  PRO A CB  1 
ATOM   197  C  CG  . PRO A 1 26  ? 6.206   12.033  0.634   1.00 7.30  ? 26  PRO A CG  1 
ATOM   198  C  CD  . PRO A 1 26  ? 6.677   10.573  0.701   1.00 6.21  ? 26  PRO A CD  1 
ATOM   199  N  N   . GLU A 1 27  ? 6.594   10.015  -3.057  1.00 6.37  ? 27  GLU A N   1 
ATOM   200  C  CA  . GLU A 1 27  ? 6.784   9.624   -4.456  1.00 7.93  ? 27  GLU A CA  1 
ATOM   201  C  C   . GLU A 1 27  ? 5.912   8.449   -4.872  1.00 6.53  ? 27  GLU A C   1 
ATOM   202  O  O   . GLU A 1 27  ? 5.351   8.428   -5.967  1.00 7.42  ? 27  GLU A O   1 
ATOM   203  C  CB  . GLU A 1 27  ? 8.261   9.267   -4.715  1.00 11.31 ? 27  GLU A CB  1 
ATOM   204  C  CG  . GLU A 1 27  ? 9.170   10.439  -4.381  1.00 17.54 ? 27  GLU A CG  1 
ATOM   205  C  CD  . GLU A 1 27  ? 9.558   11.236  -5.605  1.00 22.71 ? 27  GLU A CD  1 
ATOM   206  O  OE1 . GLU A 1 27  ? 8.623   11.300  -6.457  1.00 28.45 ? 27  GLU A OE1 1 
ATOM   207  O  OE2 . GLU A 1 27  ? 10.528  12.021  -5.387  1.00 29.48 ? 27  GLU A OE2 1 
ATOM   208  N  N   . PHE A 1 28  ? 5.759   7.468   -3.987  1.00 5.82  ? 28  PHE A N   1 
ATOM   209  C  CA  . PHE A 1 28  ? 4.883   6.356   -4.277  1.00 5.47  ? 28  PHE A CA  1 
ATOM   210  C  C   . PHE A 1 28  ? 3.465   6.883   -4.494  1.00 4.94  ? 28  PHE A C   1 
ATOM   211  O  O   . PHE A 1 28  ? 2.774   6.483   -5.434  1.00 5.18  ? 28  PHE A O   1 
ATOM   212  C  CB  . PHE A 1 28  ? 4.959   5.355   -3.124  1.00 5.43  ? 28  PHE A CB  1 
ATOM   213  C  CG  . PHE A 1 28  ? 3.736   4.443   -3.120  1.00 5.30  ? 28  PHE A CG  1 
ATOM   214  C  CD1 . PHE A 1 28  ? 3.615   3.441   -4.058  1.00 5.82  ? 28  PHE A CD1 1 
ATOM   215  C  CD2 . PHE A 1 28  ? 2.729   4.641   -2.193  1.00 5.22  ? 28  PHE A CD2 1 
ATOM   216  C  CE1 . PHE A 1 28  ? 2.474   2.635   -4.056  1.00 7.07  ? 28  PHE A CE1 1 
ATOM   217  C  CE2 . PHE A 1 28  ? 1.571   3.851   -2.180  1.00 6.55  ? 28  PHE A CE2 1 
ATOM   218  C  CZ  . PHE A 1 28  ? 1.466   2.869   -3.138  1.00 6.52  ? 28  PHE A CZ  1 
ATOM   219  N  N   . PHE A 1 29  ? 2.950   7.730   -3.586  1.00 4.81  ? 29  PHE A N   1 
ATOM   220  C  CA  . PHE A 1 29  ? 1.590   8.240   -3.764  1.00 5.05  ? 29  PHE A CA  1 
ATOM   221  C  C   . PHE A 1 29  ? 1.458   8.982   -5.075  1.00 4.72  ? 29  PHE A C   1 
ATOM   222  O  O   . PHE A 1 29  ? 0.431   8.870   -5.761  1.00 5.84  ? 29  PHE A O   1 
ATOM   223  C  CB  . PHE A 1 29  ? 1.149   9.111   -2.578  1.00 4.82  ? 29  PHE A CB  1 
ATOM   224  C  CG  . PHE A 1 29  ? 0.581   8.238   -1.445  1.00 5.36  ? 29  PHE A CG  1 
ATOM   225  C  CD1 . PHE A 1 29  ? -0.759  7.883   -1.460  1.00 6.28  ? 29  PHE A CD1 1 
ATOM   226  C  CD2 . PHE A 1 29  ? 1.379   7.783   -0.405  1.00 5.61  ? 29  PHE A CD2 1 
ATOM   227  C  CE1 . PHE A 1 29  ? -1.264  7.055   -0.460  1.00 6.55  ? 29  PHE A CE1 1 
ATOM   228  C  CE2 . PHE A 1 29  ? 0.893   6.960   0.581   1.00 5.24  ? 29  PHE A CE2 1 
ATOM   229  C  CZ  . PHE A 1 29  ? -0.435  6.620   0.557   1.00 5.84  ? 29  PHE A CZ  1 
ATOM   230  N  N   . MET A 1 30  ? 2.466   9.777   -5.469  1.00 5.41  ? 30  MET A N   1 
ATOM   231  C  CA  . MET A 1 30  ? 2.318   10.474  -6.736  1.00 5.79  ? 30  MET A CA  1 
ATOM   232  C  C   . MET A 1 30  ? 2.284   9.482   -7.923  1.00 5.40  ? 30  MET A C   1 
ATOM   233  O  O   . MET A 1 30  ? 1.506   9.671   -8.875  1.00 7.07  ? 30  MET A O   1 
ATOM   234  C  CB  . MET A 1 30  ? 3.425   11.499  -6.958  1.00 6.51  ? 30  MET A CB  1 
ATOM   235  C  CG  . MET A 1 30  ? 3.400   12.605  -5.944  1.00 6.35  ? 30  MET A CG  1 
ATOM   236  S  SD  . MET A 1 30  ? 1.859   13.501  -5.768  1.00 8.65  ? 30  MET A SD  1 
ATOM   237  C  CE  . MET A 1 30  ? 1.651   14.145  -7.432  1.00 14.68 ? 30  MET A CE  1 
ATOM   238  N  N   . ALA A 1 31  ? 3.026   8.398   -7.829  1.00 5.95  ? 31  ALA A N   1 
ATOM   239  C  CA  . ALA A 1 31  ? 2.995   7.377   -8.890  1.00 7.03  ? 31  ALA A CA  1 
ATOM   240  C  C   . ALA A 1 31  ? 1.614   6.741   -8.937  1.00 6.71  ? 31  ALA A C   1 
ATOM   241  O  O   . ALA A 1 31  ? 1.036   6.523   -10.016 1.00 8.03  ? 31  ALA A O   1 
ATOM   242  C  CB  . ALA A 1 31  ? 4.063   6.309   -8.708  1.00 9.47  ? 31  ALA A CB  1 
ATOM   243  N  N   . LEU A 1 32  ? 1.050   6.482   -7.758  1.00 6.19  ? 32  LEU A N   1 
ATOM   244  C  CA  . LEU A 1 32  ? -0.291  5.915   -7.653  1.00 6.02  ? 32  LEU A CA  1 
ATOM   245  C  C   . LEU A 1 32  ? -1.353  6.834   -8.245  1.00 5.90  ? 32  LEU A C   1 
ATOM   246  O  O   . LEU A 1 32  ? -2.234  6.444   -9.030  1.00 6.17  ? 32  LEU A O   1 
ATOM   247  C  CB  . LEU A 1 32  ? -0.580  5.638   -6.169  1.00 6.18  ? 32  LEU A CB  1 
ATOM   248  C  CG  . LEU A 1 32  ? -1.964  5.104   -5.833  1.00 7.07  ? 32  LEU A CG  1 
ATOM   249  C  CD1 . LEU A 1 32  ? -2.295  3.889   -6.683  1.00 8.12  ? 32  LEU A CD1 1 
ATOM   250  C  CD2 . LEU A 1 32  ? -2.062  4.738   -4.360  1.00 7.57  ? 32  LEU A CD2 1 
ATOM   251  N  N   . PHE A 1 33  ? -1.258  8.102   -7.829  1.00 6.20  ? 33  PHE A N   1 
ATOM   252  C  CA  . PHE A 1 33  ? -2.203  9.090   -8.326  1.00 6.66  ? 33  PHE A CA  1 
ATOM   253  C  C   . PHE A 1 33  ? -2.078  9.308   -9.822  1.00 7.73  ? 33  PHE A C   1 
ATOM   254  O  O   . PHE A 1 33  ? -3.069  9.512   -10.543 1.00 8.28  ? 33  PHE A O   1 
ATOM   255  C  CB  . PHE A 1 33  ? -2.002  10.426  -7.604  1.00 7.86  ? 33  PHE A CB  1 
ATOM   256  C  CG  . PHE A 1 33  ? -2.315  10.383  -6.124  1.00 6.82  ? 33  PHE A CG  1 
ATOM   257  C  CD1 . PHE A 1 33  ? -3.076  9.410   -5.520  1.00 6.87  ? 33  PHE A CD1 1 
ATOM   258  C  CD2 . PHE A 1 33  ? -1.803  11.377  -5.293  1.00 7.13  ? 33  PHE A CD2 1 
ATOM   259  C  CE1 . PHE A 1 33  ? -3.317  9.402   -4.156  1.00 7.24  ? 33  PHE A CE1 1 
ATOM   260  C  CE2 . PHE A 1 33  ? -2.023  11.370  -3.938  1.00 7.07  ? 33  PHE A CE2 1 
ATOM   261  C  CZ  . PHE A 1 33  ? -2.784  10.366  -3.356  1.00 7.25  ? 33  PHE A CZ  1 
ATOM   262  N  N   . ASP A 1 34  ? -0.858  9.363   -10.345 1.00 7.76  ? 34  ASP A N   1 
ATOM   263  C  CA  . ASP A 1 34  ? -0.661  9.508   -11.789 1.00 9.33  ? 34  ASP A CA  1 
ATOM   264  C  C   . ASP A 1 34  ? -1.172  8.303   -12.561 1.00 8.78  ? 34  ASP A C   1 
ATOM   265  O  O   . ASP A 1 34  ? -1.733  8.467   -13.654 1.00 11.21 ? 34  ASP A O   1 
ATOM   266  C  CB  . ASP A 1 34  ? 0.818   9.719   -12.082 1.00 12.08 ? 34  ASP A CB  1 
ATOM   267  C  CG  . ASP A 1 34  ? 1.381   11.109  -11.791 1.00 14.55 ? 34  ASP A CG  1 
ATOM   268  O  OD1 . ASP A 1 34  ? 0.610   12.103  -11.638 1.00 18.37 ? 34  ASP A OD1 1 
ATOM   269  O  OD2 . ASP A 1 34  ? 2.640   11.222  -11.775 1.00 18.71 ? 34  ASP A OD2 1 
ATOM   270  N  N   . ALA A 1 35  ? -1.103  7.100   -12.027 1.00 8.42  ? 35  ALA A N   1 
ATOM   271  C  CA  . ALA A 1 35  ? -1.574  5.886   -12.718 1.00 9.88  ? 35  ALA A CA  1 
ATOM   272  C  C   . ALA A 1 35  ? -3.078  5.719   -12.602 1.00 8.91  ? 35  ALA A C   1 
ATOM   273  O  O   . ALA A 1 35  ? -3.692  5.027   -13.426 1.00 10.87 ? 35  ALA A O   1 
ATOM   274  C  CB  . ALA A 1 35  ? -0.852  4.658   -12.207 1.00 10.47 ? 35  ALA A CB  1 
ATOM   275  N  N   . HIS A 1 36  ? -3.674  6.195   -11.519 1.00 8.56  ? 36  HIS A N   1 
ATOM   276  C  CA  . HIS A 1 36  ? -5.081  5.953   -11.184 1.00 8.13  ? 36  HIS A CA  1 
ATOM   277  C  C   . HIS A 1 36  ? -5.744  7.228   -10.638 1.00 8.28  ? 36  HIS A C   1 
ATOM   278  O  O   . HIS A 1 36  ? -5.757  7.487   -9.428  1.00 7.42  ? 36  HIS A O   1 
ATOM   279  C  CB  . HIS A 1 36  ? -5.245  4.793   -10.186 1.00 7.79  ? 36  HIS A CB  1 
ATOM   280  C  CG  . HIS A 1 36  ? -4.589  3.540   -10.683 1.00 9.01  ? 36  HIS A CG  1 
ATOM   281  N  ND1 . HIS A 1 36  ? -5.178  2.729   -11.626 1.00 9.61  ? 36  HIS A ND1 1 
ATOM   282  C  CD2 . HIS A 1 36  ? -3.371  3.016   -10.445 1.00 10.21 ? 36  HIS A CD2 1 
ATOM   283  C  CE1 . HIS A 1 36  ? -4.359  1.724   -11.894 1.00 9.63  ? 36  HIS A CE1 1 
ATOM   284  N  NE2 . HIS A 1 36  ? -3.261  1.875   -11.181 1.00 9.56  ? 36  HIS A NE2 1 
ATOM   285  N  N   . ASP A 1 37  ? -6.269  8.060   -11.565 1.00 8.95  ? 37  ASP A N   1 
ATOM   286  C  CA  . ASP A 1 37  ? -6.855  9.322   -11.135 1.00 9.20  ? 37  ASP A CA  1 
ATOM   287  C  C   . ASP A 1 37  ? -8.007  9.085   -10.160 1.00 9.63  ? 37  ASP A C   1 
ATOM   288  O  O   . ASP A 1 37  ? -8.242  9.948   -9.290  1.00 8.99  ? 37  ASP A O   1 
ATOM   289  C  CB  . ASP A 1 37  ? -7.292  10.123  -12.364 1.00 12.73 ? 37  ASP A CB  1 
ATOM   290  C  CG  . ASP A 1 37  ? -7.555  11.582  -12.053 1.00 15.76 ? 37  ASP A CG  1 
ATOM   291  O  OD1 . ASP A 1 37  ? -6.638  12.300  -11.622 1.00 16.56 ? 37  ASP A OD1 1 
ATOM   292  O  OD2 . ASP A 1 37  ? -8.753  11.937  -12.130 1.00 26.96 ? 37  ASP A OD2 1 
ATOM   293  N  N   . ASP A 1 38  ? -8.719  7.954   -10.280 1.00 8.29  ? 38  ASP A N   1 
ATOM   294  C  CA  . ASP A 1 38  ? -9.836  7.699   -9.390  1.00 7.04  ? 38  ASP A CA  1 
ATOM   295  C  C   . ASP A 1 38  ? -9.408  7.419   -7.953  1.00 6.30  ? 38  ASP A C   1 
ATOM   296  O  O   . ASP A 1 38  ? -10.188 7.661   -7.034  1.00 7.32  ? 38  ASP A O   1 
ATOM   297  C  CB  . ASP A 1 38  ? -10.647 6.488   -9.890  1.00 7.87  ? 38  ASP A CB  1 
ATOM   298  C  CG  . ASP A 1 38  ? -9.783  5.281   -10.198 1.00 7.40  ? 38  ASP A CG  1 
ATOM   299  O  OD1 . ASP A 1 38  ? -8.995  5.429   -11.158 1.00 11.84 ? 38  ASP A OD1 1 
ATOM   300  O  OD2 . ASP A 1 38  ? -9.811  4.262   -9.488  1.00 8.44  ? 38  ASP A OD2 1 
ATOM   301  N  N   . VAL A 1 39  ? -8.161  6.929   -7.824  1.00 6.65  ? 39  VAL A N   1 
ATOM   302  C  CA  . VAL A 1 39  ? -7.580  6.773   -6.488  1.00 6.18  ? 39  VAL A CA  1 
ATOM   303  C  C   . VAL A 1 39  ? -7.320  8.150   -5.893  1.00 5.92  ? 39  VAL A C   1 
ATOM   304  O  O   . VAL A 1 39  ? -7.719  8.476   -4.779  1.00 6.52  ? 39  VAL A O   1 
ATOM   305  C  CB  . VAL A 1 39  ? -6.330  5.895   -6.569  1.00 6.01  ? 39  VAL A CB  1 
ATOM   306  C  CG1 . VAL A 1 39  ? -5.593  5.963   -5.242  1.00 6.83  ? 39  VAL A CG1 1 
ATOM   307  C  CG2 . VAL A 1 39  ? -6.725  4.465   -6.917  1.00 7.59  ? 39  VAL A CG2 1 
ATOM   308  N  N   . PHE A 1 40  ? -6.757  9.058   -6.671  1.00 6.32  ? 40  PHE A N   1 
ATOM   309  C  CA  . PHE A 1 40  ? -6.527  10.406  -6.184  1.00 7.05  ? 40  PHE A CA  1 
ATOM   310  C  C   . PHE A 1 40  ? -7.837  11.078  -5.798  1.00 6.82  ? 40  PHE A C   1 
ATOM   311  O  O   . PHE A 1 40  ? -7.921  11.725  -4.738  1.00 7.50  ? 40  PHE A O   1 
ATOM   312  C  CB  . PHE A 1 40  ? -5.863  11.277  -7.251  1.00 7.61  ? 40  PHE A CB  1 
ATOM   313  C  CG  . PHE A 1 40  ? -5.666  12.697  -6.758  1.00 7.05  ? 40  PHE A CG  1 
ATOM   314  C  CD1 . PHE A 1 40  ? -4.778  12.949  -5.723  1.00 7.74  ? 40  PHE A CD1 1 
ATOM   315  C  CD2 . PHE A 1 40  ? -6.387  13.739  -7.300  1.00 8.87  ? 40  PHE A CD2 1 
ATOM   316  C  CE1 . PHE A 1 40  ? -4.637  14.247  -5.261  1.00 8.76  ? 40  PHE A CE1 1 
ATOM   317  C  CE2 . PHE A 1 40  ? -6.205  15.038  -6.841  1.00 9.92  ? 40  PHE A CE2 1 
ATOM   318  C  CZ  . PHE A 1 40  ? -5.326  15.303  -5.816  1.00 9.05  ? 40  PHE A CZ  1 
ATOM   319  N  N   . ALA A 1 41  ? -8.907  10.764  -6.513  1.00 7.21  ? 41  ALA A N   1 
ATOM   320  C  CA  . ALA A 1 41  ? -10.197 11.394  -6.205  1.00 8.00  ? 41  ALA A CA  1 
ATOM   321  C  C   . ALA A 1 41  ? -10.694 11.125  -4.788  1.00 8.54  ? 41  ALA A C   1 
ATOM   322  O  O   . ALA A 1 41  ? -11.374 11.974  -4.180  1.00 8.20  ? 41  ALA A O   1 
ATOM   323  C  CB  . ALA A 1 41  ? -11.244 10.963  -7.235  1.00 10.52 ? 41  ALA A CB  1 
ATOM   324  N  N   . LYS A 1 42  ? -10.430 9.928   -4.277  1.00 8.65  ? 42  LYS A N   1 
ATOM   325  C  CA  . LYS A 1 42  ? -10.883 9.542   -2.930  1.00 8.28  ? 42  LYS A CA  1 
ATOM   326  C  C   . LYS A 1 42  ? -10.105 10.289  -1.853  1.00 7.28  ? 42  LYS A C   1 
ATOM   327  O  O   . LYS A 1 42  ? -10.550 10.226  -0.705  1.00 8.65  ? 42  LYS A O   1 
ATOM   328  C  CB  . LYS A 1 42  ? -10.729 8.022   -2.759  1.00 8.27  ? 42  LYS A CB  1 
ATOM   329  C  CG  . LYS A 1 42  ? -11.801 7.223   -3.507  1.00 9.54  ? 42  LYS A CG  1 
ATOM   330  C  CD  . LYS A 1 42  ? -13.126 7.248   -2.762  1.00 9.61  ? 42  LYS A CD  1 
ATOM   331  C  CE  A LYS A 1 42  ? -14.235 6.552   -3.526  0.50 12.33 ? 42  LYS A CE  1 
ATOM   332  C  CE  B LYS A 1 42  ? -14.155 6.307   -3.358  0.50 10.81 ? 42  LYS A CE  1 
ATOM   333  N  NZ  A LYS A 1 42  ? -14.551 7.265   -4.806  0.50 15.81 ? 42  LYS A NZ  1 
ATOM   334  N  NZ  B LYS A 1 42  ? -15.537 6.666   -2.924  0.50 9.89  ? 42  LYS A NZ  1 
ATOM   335  N  N   . PHE A 1 43  ? -9.012  10.965  -2.226  1.00 6.28  ? 43  PHE A N   1 
ATOM   336  C  CA  . PHE A 1 43  ? -8.217  11.743  -1.276  1.00 7.27  ? 43  PHE A CA  1 
ATOM   337  C  C   . PHE A 1 43  ? -8.573  13.214  -1.372  1.00 8.28  ? 43  PHE A C   1 
ATOM   338  O  O   . PHE A 1 43  ? -7.932  14.060  -0.718  1.00 8.14  ? 43  PHE A O   1 
ATOM   339  C  CB  . PHE A 1 43  ? -6.711  11.545  -1.493  1.00 7.25  ? 43  PHE A CB  1 
ATOM   340  C  CG  . PHE A 1 43  ? -6.177  10.188  -1.028  1.00 7.31  ? 43  PHE A CG  1 
ATOM   341  C  CD1 . PHE A 1 43  ? -5.803  9.948   0.292   1.00 7.88  ? 43  PHE A CD1 1 
ATOM   342  C  CD2 . PHE A 1 43  ? -6.026  9.159   -1.937  1.00 6.88  ? 43  PHE A CD2 1 
ATOM   343  C  CE1 . PHE A 1 43  ? -5.333  8.705   0.687   1.00 7.69  ? 43  PHE A CE1 1 
ATOM   344  C  CE2 . PHE A 1 43  ? -5.567  7.921   -1.542  1.00 7.19  ? 43  PHE A CE2 1 
ATOM   345  C  CZ  . PHE A 1 43  ? -5.175  7.698   -0.244  1.00 7.80  ? 43  PHE A CZ  1 
ATOM   346  N  N   . SER A 1 44  ? -9.649  13.558  -2.068  1.00 11.34 ? 44  SER A N   1 
ATOM   347  C  CA  . SER A 1 44  ? -9.918  14.986  -2.280  1.00 11.37 ? 44  SER A CA  1 
ATOM   348  C  C   . SER A 1 44  ? -10.441 15.659  -1.025  1.00 12.34 ? 44  SER A C   1 
ATOM   349  O  O   . SER A 1 44  ? -10.211 16.838  -0.702  1.00 13.44 ? 44  SER A O   1 
ATOM   350  C  CB  . SER A 1 44  ? -10.904 15.123  -3.436  1.00 14.28 ? 44  SER A CB  1 
ATOM   351  O  OG  . SER A 1 44  ? -12.166 14.597  -2.945  1.00 23.70 ? 44  SER A OG  1 
ATOM   352  N  N   . GLY A 1 45  ? -10.926 14.887  -0.061  1.00 12.74 ? 45  GLY A N   1 
ATOM   353  C  CA  . GLY A 1 45  ? -11.183 15.552  1.203   1.00 13.29 ? 45  GLY A CA  1 
ATOM   354  C  C   . GLY A 1 45  ? -9.944  15.856  2.020   1.00 10.57 ? 45  GLY A C   1 
ATOM   355  O  O   . GLY A 1 45  ? -9.741  16.975  2.497   1.00 11.48 ? 45  GLY A O   1 
ATOM   356  N  N   . LEU A 1 46  ? -9.046  14.882  2.094   1.00 9.86  ? 46  LEU A N   1 
ATOM   357  C  CA  . LEU A 1 46  ? -7.782  15.044  2.788   1.00 8.13  ? 46  LEU A CA  1 
ATOM   358  C  C   . LEU A 1 46  ? -7.044  16.258  2.244   1.00 7.42  ? 46  LEU A C   1 
ATOM   359  O  O   . LEU A 1 46  ? -6.488  17.058  2.984   1.00 8.55  ? 46  LEU A O   1 
ATOM   360  C  CB  . LEU A 1 46  ? -6.914  13.804  2.608   1.00 7.38  ? 46  LEU A CB  1 
ATOM   361  C  CG  . LEU A 1 46  ? -5.481  13.924  3.114   1.00 9.84  ? 46  LEU A CG  1 
ATOM   362  C  CD1 . LEU A 1 46  ? -5.524  14.181  4.610   1.00 10.78 ? 46  LEU A CD1 1 
ATOM   363  C  CD2 . LEU A 1 46  ? -4.674  12.692  2.715   1.00 10.19 ? 46  LEU A CD2 1 
ATOM   364  N  N   . PHE A 1 47  ? -6.902  16.337  0.934   1.00 6.27  ? 47  PHE A N   1 
ATOM   365  C  CA  . PHE A 1 47  ? -6.150  17.376  0.271   1.00 6.69  ? 47  PHE A CA  1 
ATOM   366  C  C   . PHE A 1 47  ? -6.963  18.651  -0.004  1.00 7.78  ? 47  PHE A C   1 
ATOM   367  O  O   . PHE A 1 47  ? -6.450  19.567  -0.667  1.00 8.39  ? 47  PHE A O   1 
ATOM   368  C  CB  . PHE A 1 47  ? -5.558  16.871  -1.056  1.00 6.85  ? 47  PHE A CB  1 
ATOM   369  C  CG  . PHE A 1 47  ? -4.483  15.809  -0.858  1.00 5.95  ? 47  PHE A CG  1 
ATOM   370  C  CD1 . PHE A 1 47  ? -3.356  16.020  -0.082  1.00 6.73  ? 47  PHE A CD1 1 
ATOM   371  C  CD2 . PHE A 1 47  ? -4.617  14.577  -1.442  1.00 6.56  ? 47  PHE A CD2 1 
ATOM   372  C  CE1 . PHE A 1 47  ? -2.371  15.089  0.134   1.00 6.30  ? 47  PHE A CE1 1 
ATOM   373  C  CE2 . PHE A 1 47  ? -3.626  13.618  -1.266  1.00 7.59  ? 47  PHE A CE2 1 
ATOM   374  C  CZ  . PHE A 1 47  ? -2.509  13.854  -0.483  1.00 7.57  ? 47  PHE A CZ  1 
ATOM   375  N  N   . SER A 1 48  ? -8.126  18.747  0.591   1.00 8.19  ? 48  SER A N   1 
ATOM   376  C  CA  . SER A 1 48  ? -8.978  19.929  0.559   1.00 8.80  ? 48  SER A CA  1 
ATOM   377  C  C   . SER A 1 48  ? -9.099  20.470  -0.875  1.00 8.53  ? 48  SER A C   1 
ATOM   378  O  O   . SER A 1 48  ? -9.075  21.645  -1.249  1.00 9.11  ? 48  SER A O   1 
ATOM   379  C  CB  . SER A 1 48  ? -8.524  21.006  1.546   1.00 10.57 ? 48  SER A CB  1 
ATOM   380  O  OG  . SER A 1 48  ? -8.312  20.530  2.905   1.00 20.19 ? 48  SER A OG  1 
ATOM   381  N  N   . GLY A 1 49  ? -9.370  19.551  -1.811  1.00 7.98  ? 49  GLY A N   1 
ATOM   382  C  CA  . GLY A 1 49  ? -9.763  19.948  -3.150  1.00 7.79  ? 49  GLY A CA  1 
ATOM   383  C  C   . GLY A 1 49  ? -8.611  20.243  -4.065  1.00 7.48  ? 49  GLY A C   1 
ATOM   384  O  O   . GLY A 1 49  ? -8.808  20.656  -5.218  1.00 8.55  ? 49  GLY A O   1 
ATOM   385  N  N   . ALA A 1 50  ? -7.382  20.228  -3.577  1.00 7.35  ? 50  ALA A N   1 
ATOM   386  C  CA  . ALA A 1 50  ? -6.225  20.675  -4.338  1.00 7.00  ? 50  ALA A CA  1 
ATOM   387  C  C   . ALA A 1 50  ? -5.988  19.768  -5.544  1.00 8.11  ? 50  ALA A C   1 
ATOM   388  O  O   . ALA A 1 50  ? -6.277  18.586  -5.506  1.00 8.85  ? 50  ALA A O   1 
ATOM   389  C  CB  . ALA A 1 50  ? -5.001  20.680  -3.434  1.00 8.03  ? 50  ALA A CB  1 
ATOM   390  N  N   . ALA A 1 51  ? -5.381  20.349  -6.578  1.00 7.40  ? 51  ALA A N   1 
ATOM   391  C  CA  . ALA A 1 51  ? -5.018  19.601  -7.768  1.00 7.72  ? 51  ALA A CA  1 
ATOM   392  C  C   . ALA A 1 51  ? -3.833  18.676  -7.450  1.00 7.73  ? 51  ALA A C   1 
ATOM   393  O  O   . ALA A 1 51  ? -2.930  18.981  -6.658  1.00 9.32  ? 51  ALA A O   1 
ATOM   394  C  CB  . ALA A 1 51  ? -4.714  20.564  -8.897  1.00 9.00  ? 51  ALA A CB  1 
ATOM   395  N  N   . LYS A 1 52  ? -3.812  17.534  -8.132  1.00 8.70  ? 52  LYS A N   1 
ATOM   396  C  CA  . LYS A 1 52  ? -2.838  16.473  -7.938  1.00 10.55 ? 52  LYS A CA  1 
ATOM   397  C  C   . LYS A 1 52  ? -1.406  16.969  -7.973  1.00 10.91 ? 52  LYS A C   1 
ATOM   398  O  O   . LYS A 1 52  ? -0.498  16.641  -7.203  1.00 10.44 ? 52  LYS A O   1 
ATOM   399  C  CB  . LYS A 1 52  ? -3.109  15.443  -9.056  1.00 12.59 ? 52  LYS A CB  1 
ATOM   400  C  CG  . LYS A 1 52  ? -2.266  14.212  -9.058  1.00 13.26 ? 52  LYS A CG  1 
ATOM   401  C  CD  . LYS A 1 52  ? -2.405  13.294  -10.282 1.00 14.48 ? 52  LYS A CD  1 
ATOM   402  C  CE  . LYS A 1 52  ? -3.807  12.921  -10.714 1.00 17.26 ? 52  LYS A CE  1 
ATOM   403  N  NZ  . LYS A 1 52  ? -4.031  11.902  -11.808 1.00 16.16 ? 52  LYS A NZ  1 
ATOM   404  N  N   . GLY A 1 53  ? -1.162  17.893  -8.915  1.00 11.80 ? 53  GLY A N   1 
ATOM   405  C  CA  . GLY A 1 53  ? 0.177   18.405  -9.104  1.00 14.68 ? 53  GLY A CA  1 
ATOM   406  C  C   . GLY A 1 53  ? 0.686   19.309  -8.008  1.00 14.77 ? 53  GLY A C   1 
ATOM   407  O  O   . GLY A 1 53  ? 1.839   19.753  -8.037  1.00 21.11 ? 53  GLY A O   1 
ATOM   408  N  N   . THR A 1 54  ? -0.114  19.551  -6.981  1.00 12.98 ? 54  THR A N   1 
ATOM   409  C  CA  . THR A 1 54  ? 0.293   20.370  -5.863  1.00 10.78 ? 54  THR A CA  1 
ATOM   410  C  C   . THR A 1 54  ? 0.467   19.615  -4.560  1.00 9.44  ? 54  THR A C   1 
ATOM   411  O  O   . THR A 1 54  ? 0.863   20.238  -3.570  1.00 11.58 ? 54  THR A O   1 
ATOM   412  C  CB  . THR A 1 54  ? -0.738  21.526  -5.666  1.00 12.17 ? 54  THR A CB  1 
ATOM   413  O  OG1 . THR A 1 54  ? -1.923  20.980  -5.101  1.00 10.95 ? 54  THR A OG1 1 
ATOM   414  C  CG2 . THR A 1 54  ? -1.030  22.162  -7.017  1.00 16.67 ? 54  THR A CG2 1 
ATOM   415  N  N   . VAL A 1 55  ? 0.136   18.338  -4.473  1.00 8.40  ? 55  VAL A N   1 
ATOM   416  C  CA  . VAL A 1 55  ? -0.051  17.731  -3.167  1.00 6.92  ? 55  VAL A CA  1 
ATOM   417  C  C   . VAL A 1 55  ? 1.208   17.093  -2.603  1.00 7.03  ? 55  VAL A C   1 
ATOM   418  O  O   . VAL A 1 55  ? 1.218   16.744  -1.413  1.00 6.92  ? 55  VAL A O   1 
ATOM   419  C  CB  . VAL A 1 55  ? -1.200  16.686  -3.160  1.00 6.76  ? 55  VAL A CB  1 
ATOM   420  C  CG1 . VAL A 1 55  ? -2.527  17.362  -3.503  1.00 7.39  ? 55  VAL A CG1 1 
ATOM   421  C  CG2 . VAL A 1 55  ? -0.969  15.519  -4.095  1.00 5.49  ? 55  VAL A CG2 1 
ATOM   422  N  N   . LYS A 1 56  ? 2.237   16.847  -3.399  1.00 7.07  ? 56  LYS A N   1 
ATOM   423  C  CA  . LYS A 1 56  ? 3.347   16.006  -2.954  1.00 8.60  ? 56  LYS A CA  1 
ATOM   424  C  C   . LYS A 1 56  ? 3.980   16.472  -1.649  1.00 8.90  ? 56  LYS A C   1 
ATOM   425  O  O   . LYS A 1 56  ? 4.398   15.634  -0.830  1.00 9.83  ? 56  LYS A O   1 
ATOM   426  C  CB  . LYS A 1 56  ? 4.431   15.937  -4.034  1.00 9.61  ? 56  LYS A CB  1 
ATOM   427  C  CG  . LYS A 1 56  ? 5.534   14.923  -3.732  1.00 11.96 ? 56  LYS A CG  1 
ATOM   428  C  CD  . LYS A 1 56  ? 6.477   14.949  -4.954  1.00 16.51 ? 56  LYS A CD  1 
ATOM   429  C  CE  . LYS A 1 56  ? 7.653   14.040  -4.733  1.00 21.29 ? 56  LYS A CE  1 
ATOM   430  N  NZ  . LYS A 1 56  ? 8.753   14.326  -5.674  1.00 28.74 ? 56  LYS A NZ  1 
ATOM   431  N  N   . ASN A 1 57  ? 4.249   17.775  -1.557  1.00 8.86  ? 57  ASN A N   1 
ATOM   432  C  CA  . ASN A 1 57  ? 4.967   18.330  -0.410  1.00 9.98  ? 57  ASN A CA  1 
ATOM   433  C  C   . ASN A 1 57  ? 4.056   18.977  0.624   1.00 8.65  ? 57  ASN A C   1 
ATOM   434  O  O   . ASN A 1 57  ? 4.545   19.693  1.489   1.00 13.32 ? 57  ASN A O   1 
ATOM   435  C  CB  . ASN A 1 57  ? 5.984   19.329  -0.954  1.00 13.97 ? 57  ASN A CB  1 
ATOM   436  C  CG  . ASN A 1 57  ? 6.991   18.620  -1.866  1.00 19.54 ? 57  ASN A CG  1 
ATOM   437  O  OD1 . ASN A 1 57  ? 7.410   19.183  -2.904  1.00 28.00 ? 57  ASN A OD1 1 
ATOM   438  N  ND2 . ASN A 1 57  ? 7.637   17.545  -1.400  1.00 24.06 ? 57  ASN A ND2 1 
ATOM   439  N  N   . THR A 1 58  ? 2.823   18.493  0.721   1.00 6.53  ? 58  THR A N   1 
ATOM   440  C  CA  . THR A 1 58  ? 1.915   18.966  1.750   1.00 6.89  ? 58  THR A CA  1 
ATOM   441  C  C   . THR A 1 58  ? 2.079   18.218  3.074   1.00 6.27  ? 58  THR A C   1 
ATOM   442  O  O   . THR A 1 58  ? 2.488   17.057  3.142   1.00 6.98  ? 58  THR A O   1 
ATOM   443  C  CB  . THR A 1 58  ? 0.443   18.830  1.304   1.00 7.82  ? 58  THR A CB  1 
ATOM   444  O  OG1 . THR A 1 58  ? 0.094   17.491  0.981   1.00 7.45  ? 58  THR A OG1 1 
ATOM   445  C  CG2 . THR A 1 58  ? 0.210   19.639  0.047   1.00 8.44  ? 58  THR A CG2 1 
ATOM   446  N  N   . PRO A 1 59  ? 1.638   18.841  4.175   1.00 6.71  ? 59  PRO A N   1 
ATOM   447  C  CA  . PRO A 1 59  ? 1.640   18.118  5.437   1.00 6.78  ? 59  PRO A CA  1 
ATOM   448  C  C   . PRO A 1 59  ? 0.705   16.908  5.408   1.00 6.31  ? 59  PRO A C   1 
ATOM   449  O  O   . PRO A 1 59  ? 1.012   15.884  6.040   1.00 6.47  ? 59  PRO A O   1 
ATOM   450  C  CB  . PRO A 1 59  ? 1.104   19.172  6.404   1.00 7.23  ? 59  PRO A CB  1 
ATOM   451  C  CG  . PRO A 1 59  ? 1.352   20.514  5.793   1.00 9.22  ? 59  PRO A CG  1 
ATOM   452  C  CD  . PRO A 1 59  ? 1.289   20.269  4.305   1.00 8.52  ? 59  PRO A CD  1 
ATOM   453  N  N   . GLU A 1 60  ? -0.409  17.002  4.673   1.00 5.64  ? 60  GLU A N   1 
ATOM   454  C  CA  . GLU A 1 60  ? -1.357  15.888  4.576   1.00 5.58  ? 60  GLU A CA  1 
ATOM   455  C  C   . GLU A 1 60  ? -0.708  14.678  3.904   1.00 5.45  ? 60  GLU A C   1 
ATOM   456  O  O   . GLU A 1 60  ? -0.923  13.518  4.254   1.00 6.03  ? 60  GLU A O   1 
ATOM   457  C  CB  . GLU A 1 60  ? -2.575  16.347  3.812   1.00 7.20  ? 60  GLU A CB  1 
ATOM   458  C  CG  . GLU A 1 60  ? -3.490  17.383  4.423   1.00 8.46  ? 60  GLU A CG  1 
ATOM   459  C  CD  . GLU A 1 60  ? -3.044  18.820  4.425   1.00 9.27  ? 60  GLU A CD  1 
ATOM   460  O  OE1 . GLU A 1 60  ? -2.032  19.199  3.802   1.00 8.74  ? 60  GLU A OE1 1 
ATOM   461  O  OE2 . GLU A 1 60  ? -3.775  19.617  5.073   1.00 14.98 ? 60  GLU A OE2 1 
ATOM   462  N  N   . MET A 1 61  ? 0.084   14.918  2.880   1.00 5.23  ? 61  MET A N   1 
ATOM   463  C  CA  . MET A 1 61  ? 0.790   13.842  2.210   1.00 5.29  ? 61  MET A CA  1 
ATOM   464  C  C   . MET A 1 61  ? 1.800   13.187  3.152   1.00 5.67  ? 61  MET A C   1 
ATOM   465  O  O   . MET A 1 61  ? 1.938   11.967  3.147   1.00 5.81  ? 61  MET A O   1 
ATOM   466  C  CB  . MET A 1 61  ? 1.493   14.336  0.928   1.00 6.14  ? 61  MET A CB  1 
ATOM   467  C  CG  . MET A 1 61  ? 2.392   13.324  0.245   1.00 6.85  ? 61  MET A CG  1 
ATOM   468  S  SD  . MET A 1 61  ? 1.421   11.942  -0.482  1.00 7.17  ? 61  MET A SD  1 
ATOM   469  C  CE  . MET A 1 61  ? 1.263   12.604  -2.139  1.00 12.26 ? 61  MET A CE  1 
ATOM   470  N  N   . ALA A 1 62  ? 2.551   13.975  3.937   1.00 5.33  ? 62  ALA A N   1 
ATOM   471  C  CA  . ALA A 1 62  ? 3.508   13.383  4.869   1.00 5.05  ? 62  ALA A CA  1 
ATOM   472  C  C   . ALA A 1 62  ? 2.785   12.506  5.873   1.00 6.06  ? 62  ALA A C   1 
ATOM   473  O  O   . ALA A 1 62  ? 3.218   11.400  6.186   1.00 6.04  ? 62  ALA A O   1 
ATOM   474  C  CB  . ALA A 1 62  ? 4.265   14.491  5.573   1.00 6.81  ? 62  ALA A CB  1 
ATOM   475  N  N   . ALA A 1 63  ? 1.623   12.962  6.347   1.00 6.29  ? 63  ALA A N   1 
ATOM   476  C  CA  . ALA A 1 63  ? 0.834   12.137  7.281   1.00 5.42  ? 63  ALA A CA  1 
ATOM   477  C  C   . ALA A 1 63  ? 0.323   10.879  6.616   1.00 5.64  ? 63  ALA A C   1 
ATOM   478  O  O   . ALA A 1 63  ? 0.348   9.778   7.194   1.00 6.20  ? 63  ALA A O   1 
ATOM   479  C  CB  . ALA A 1 63  ? -0.298  12.959  7.862   1.00 6.76  ? 63  ALA A CB  1 
ATOM   480  N  N   . GLN A 1 64  ? -0.149  11.030  5.374   1.00 4.83  ? 64  GLN A N   1 
ATOM   481  C  CA  . GLN A 1 64  ? -0.720  9.850   4.671   1.00 5.68  ? 64  GLN A CA  1 
ATOM   482  C  C   . GLN A 1 64  ? 0.358   8.808   4.389   1.00 4.78  ? 64  GLN A C   1 
ATOM   483  O  O   . GLN A 1 64  ? 0.127   7.600   4.521   1.00 5.43  ? 64  GLN A O   1 
ATOM   484  C  CB  . GLN A 1 64  ? -1.448  10.246  3.376   1.00 6.54  ? 64  GLN A CB  1 
ATOM   485  C  CG  . GLN A 1 64  ? -2.436  9.178   2.900   1.00 7.12  ? 64  GLN A CG  1 
ATOM   486  C  CD  . GLN A 1 64  ? -3.477  8.813   3.928   1.00 7.20  ? 64  GLN A CD  1 
ATOM   487  O  OE1 . GLN A 1 64  ? -3.849  7.619   4.099   1.00 11.09 ? 64  GLN A OE1 1 
ATOM   488  N  NE2 . GLN A 1 64  ? -3.940  9.789   4.685   1.00 7.76  ? 64  GLN A NE2 1 
ATOM   489  N  N   . ALA A 1 65  ? 1.551   9.252   4.003   1.00 5.03  ? 65  ALA A N   1 
ATOM   490  C  CA  . ALA A 1 65  ? 2.648   8.315   3.775   1.00 5.54  ? 65  ALA A CA  1 
ATOM   491  C  C   . ALA A 1 65  ? 2.932   7.540   5.069   1.00 4.96  ? 65  ALA A C   1 
ATOM   492  O  O   . ALA A 1 65  ? 3.146   6.319   5.041   1.00 5.37  ? 65  ALA A O   1 
ATOM   493  C  CB  . ALA A 1 65  ? 3.876   9.047   3.270   1.00 6.55  ? 65  ALA A CB  1 
ATOM   494  N  N   . GLN A 1 66  ? 2.866   8.211   6.222   1.00 5.13  ? 66  GLN A N   1 
ATOM   495  C  CA  . GLN A 1 66  ? 3.075   7.533   7.514   1.00 6.22  ? 66  GLN A CA  1 
ATOM   496  C  C   . GLN A 1 66  ? 1.981   6.527   7.804   1.00 5.32  ? 66  GLN A C   1 
ATOM   497  O  O   . GLN A 1 66  ? 2.234   5.429   8.321   1.00 5.79  ? 66  GLN A O   1 
ATOM   498  C  CB  . GLN A 1 66  ? 3.158   8.601   8.597   1.00 7.42  ? 66  GLN A CB  1 
ATOM   499  C  CG  . GLN A 1 66  ? 3.105   8.239   10.057  1.00 11.10 ? 66  GLN A CG  1 
ATOM   500  C  CD  . GLN A 1 66  ? 3.119   9.430   11.012  1.00 13.13 ? 66  GLN A CD  1 
ATOM   501  O  OE1 . GLN A 1 66  ? 2.095   10.030  11.339  1.00 14.74 ? 66  GLN A OE1 1 
ATOM   502  N  NE2 . GLN A 1 66  ? 4.328   9.695   11.535  1.00 15.93 ? 66  GLN A NE2 1 
ATOM   503  N  N   . SER A 1 67  ? 0.741   6.896   7.499   1.00 5.42  ? 67  SER A N   1 
ATOM   504  C  CA  . SER A 1 67  ? -0.371  5.981   7.729   1.00 6.28  ? 67  SER A CA  1 
ATOM   505  C  C   . SER A 1 67  ? -0.221  4.719   6.914   1.00 5.70  ? 67  SER A C   1 
ATOM   506  O  O   . SER A 1 67  ? -0.376  3.586   7.402   1.00 5.46  ? 67  SER A O   1 
ATOM   507  C  CB  . SER A 1 67  ? -1.677  6.679   7.325   1.00 7.60  ? 67  SER A CB  1 
ATOM   508  O  OG  . SER A 1 67  ? -1.895  7.768   8.220   1.00 8.57  ? 67  SER A OG  1 
ATOM   509  N  N   . PHE A 1 68  ? 0.027   4.878   5.627   1.00 5.14  ? 68  PHE A N   1 
ATOM   510  C  CA  . PHE A 1 68  ? 0.197   3.732   4.722   1.00 5.85  ? 68  PHE A CA  1 
ATOM   511  C  C   . PHE A 1 68  ? 1.307   2.820   5.196   1.00 4.78  ? 68  PHE A C   1 
ATOM   512  O  O   . PHE A 1 68  ? 1.165   1.600   5.279   1.00 5.49  ? 68  PHE A O   1 
ATOM   513  C  CB  . PHE A 1 68  ? 0.479   4.302   3.342   1.00 6.35  ? 68  PHE A CB  1 
ATOM   514  C  CG  . PHE A 1 68  ? 0.580   3.282   2.218   1.00 5.13  ? 68  PHE A CG  1 
ATOM   515  C  CD1 . PHE A 1 68  ? 1.781   2.665   1.940   1.00 5.15  ? 68  PHE A CD1 1 
ATOM   516  C  CD2 . PHE A 1 68  ? -0.533  2.982   1.431   1.00 5.86  ? 68  PHE A CD2 1 
ATOM   517  C  CE1 . PHE A 1 68  ? 1.936   1.751   0.920   1.00 7.12  ? 68  PHE A CE1 1 
ATOM   518  C  CE2 . PHE A 1 68  ? -0.415  2.058   0.402   1.00 6.82  ? 68  PHE A CE2 1 
ATOM   519  C  CZ  . PHE A 1 68  ? 0.818   1.479   0.155   1.00 7.51  ? 68  PHE A CZ  1 
ATOM   520  N  N   . LYS A 1 69  ? 2.449   3.395   5.546   1.00 4.48  ? 69  LYS A N   1 
ATOM   521  C  CA  . LYS A 1 69  ? 3.590   2.631   5.994   1.00 5.26  ? 69  LYS A CA  1 
ATOM   522  C  C   . LYS A 1 69  ? 3.284   1.805   7.220   1.00 5.59  ? 69  LYS A C   1 
ATOM   523  O  O   . LYS A 1 69  ? 3.803   0.695   7.344   1.00 5.33  ? 69  LYS A O   1 
ATOM   524  C  CB  . LYS A 1 69  ? 4.776   3.565   6.256   1.00 7.17  ? 69  LYS A CB  1 
ATOM   525  C  CG  . LYS A 1 69  ? 5.922   3.017   7.062   1.00 6.59  ? 69  LYS A CG  1 
ATOM   526  C  CD  . LYS A 1 69  ? 7.079   4.030   7.137   1.00 8.27  ? 69  LYS A CD  1 
ATOM   527  C  CE  . LYS A 1 69  ? 8.068   3.739   8.239   1.00 9.64  ? 69  LYS A CE  1 
ATOM   528  N  NZ  . LYS A 1 69  ? 9.327   4.530   8.202   1.00 9.67  ? 69  LYS A NZ  1 
ATOM   529  N  N   . GLY A 1 70  ? 2.570   2.385   8.172   1.00 4.91  ? 70  GLY A N   1 
ATOM   530  C  CA  . GLY A 1 70  ? 2.356   1.641   9.393   1.00 5.54  ? 70  GLY A CA  1 
ATOM   531  C  C   . GLY A 1 70  ? 1.637   0.336   9.187   1.00 4.74  ? 70  GLY A C   1 
ATOM   532  O  O   . GLY A 1 70  ? 1.963   -0.677  9.847   1.00 6.67  ? 70  GLY A O   1 
ATOM   533  N  N   . LEU A 1 71  ? 0.680   0.293   8.267   1.00 4.76  ? 71  LEU A N   1 
ATOM   534  C  CA  . LEU A 1 71  ? -0.042  -0.946  7.990   1.00 4.72  ? 71  LEU A CA  1 
ATOM   535  C  C   . LEU A 1 71  ? 0.783   -1.907  7.151   1.00 4.42  ? 71  LEU A C   1 
ATOM   536  O  O   . LEU A 1 71  ? 0.855   -3.090  7.470   1.00 6.03  ? 71  LEU A O   1 
ATOM   537  C  CB  . LEU A 1 71  ? -1.349  -0.652  7.273   1.00 5.55  ? 71  LEU A CB  1 
ATOM   538  C  CG  . LEU A 1 71  ? -2.251  -1.839  6.917   1.00 6.31  ? 71  LEU A CG  1 
ATOM   539  C  CD1 . LEU A 1 71  ? -2.455  -2.769  8.094   1.00 7.89  ? 71  LEU A CD1 1 
ATOM   540  C  CD2 . LEU A 1 71  ? -3.594  -1.318  6.386   1.00 7.71  ? 71  LEU A CD2 1 
ATOM   541  N  N   . VAL A 1 72  ? 1.499   -1.419  6.143   1.00 4.84  ? 72  VAL A N   1 
ATOM   542  C  CA  . VAL A 1 72  ? 2.364   -2.320  5.377   1.00 5.15  ? 72  VAL A CA  1 
ATOM   543  C  C   . VAL A 1 72  ? 3.419   -2.920  6.291   1.00 5.72  ? 72  VAL A C   1 
ATOM   544  O  O   . VAL A 1 72  ? 3.679   -4.128  6.194   1.00 6.68  ? 72  VAL A O   1 
ATOM   545  C  CB  . VAL A 1 72  ? 3.022   -1.609  4.176   1.00 4.69  ? 72  VAL A CB  1 
ATOM   546  C  CG1 . VAL A 1 72  ? 4.028   -2.522  3.502   1.00 6.69  ? 72  VAL A CG1 1 
ATOM   547  C  CG2 . VAL A 1 72  ? 1.964   -1.128  3.167   1.00 5.66  ? 72  VAL A CG2 1 
ATOM   548  N  N   . SER A 1 73  ? 3.981   -2.152  7.230   1.00 5.95  ? 73  SER A N   1 
ATOM   549  C  CA  . SER A 1 73  ? 4.962   -2.750  8.168   1.00 6.38  ? 73  SER A CA  1 
ATOM   550  C  C   . SER A 1 73  ? 4.356   -3.880  9.006   1.00 5.65  ? 73  SER A C   1 
ATOM   551  O  O   . SER A 1 73  ? 4.991   -4.895  9.270   1.00 6.43  ? 73  SER A O   1 
ATOM   552  C  CB  . SER A 1 73  ? 5.512   -1.654  9.053   1.00 6.17  ? 73  SER A CB  1 
ATOM   553  O  OG  . SER A 1 73  ? 6.338   -0.758  8.308   1.00 7.93  ? 73  SER A OG  1 
ATOM   554  N  N   . ASN A 1 74  ? 3.098   -3.656  9.449   1.00 5.52  ? 74  ASN A N   1 
ATOM   555  C  CA  . ASN A 1 74  ? 2.443   -4.719  10.224  1.00 6.86  ? 74  ASN A CA  1 
ATOM   556  C  C   . ASN A 1 74  ? 2.214   -5.983  9.422   1.00 6.57  ? 74  ASN A C   1 
ATOM   557  O  O   . ASN A 1 74  ? 2.554   -7.093  9.845   1.00 8.84  ? 74  ASN A O   1 
ATOM   558  C  CB  . ASN A 1 74  ? 1.118   -4.227  10.822  1.00 10.07 ? 74  ASN A CB  1 
ATOM   559  C  CG  . ASN A 1 74  ? 0.623   -5.244  11.839  1.00 14.14 ? 74  ASN A CG  1 
ATOM   560  O  OD1 . ASN A 1 74  ? 0.336   -6.387  11.443  1.00 22.55 ? 74  ASN A OD1 1 
ATOM   561  N  ND2 . ASN A 1 74  ? 0.176   -4.833  13.028  1.00 26.25 ? 74  ASN A ND2 1 
ATOM   562  N  N   . TRP A 1 75  ? 1.779   -5.833  8.177   1.00 6.58  ? 75  TRP A N   1 
ATOM   563  C  CA  . TRP A 1 75  ? 1.629   -7.016  7.313   1.00 6.02  ? 75  TRP A CA  1 
ATOM   564  C  C   . TRP A 1 75  ? 2.934   -7.766  7.124   1.00 6.33  ? 75  TRP A C   1 
ATOM   565  O  O   . TRP A 1 75  ? 3.063   -8.979  7.258   1.00 5.82  ? 75  TRP A O   1 
ATOM   566  C  CB  . TRP A 1 75  ? 1.036   -6.548  6.003   1.00 6.47  ? 75  TRP A CB  1 
ATOM   567  C  CG  . TRP A 1 75  ? -0.441  -6.287  5.984   1.00 5.73  ? 75  TRP A CG  1 
ATOM   568  C  CD1 . TRP A 1 75  ? -1.438  -6.792  6.765   1.00 5.75  ? 75  TRP A CD1 1 
ATOM   569  C  CD2 . TRP A 1 75  ? -1.063  -5.370  5.047   1.00 5.65  ? 75  TRP A CD2 1 
ATOM   570  N  NE1 . TRP A 1 75  ? -2.669  -6.271  6.403   1.00 6.53  ? 75  TRP A NE1 1 
ATOM   571  C  CE2 . TRP A 1 75  ? -2.450  -5.401  5.347   1.00 5.97  ? 75  TRP A CE2 1 
ATOM   572  C  CE3 . TRP A 1 75  ? -0.589  -4.552  4.023   1.00 5.41  ? 75  TRP A CE3 1 
ATOM   573  C  CZ2 . TRP A 1 75  ? -3.355  -4.636  4.628   1.00 5.99  ? 75  TRP A CZ2 1 
ATOM   574  C  CZ3 . TRP A 1 75  ? -1.502  -3.799  3.313   1.00 6.37  ? 75  TRP A CZ3 1 
ATOM   575  C  CH2 . TRP A 1 75  ? -2.862  -3.860  3.637   1.00 7.07  ? 75  TRP A CH2 1 
ATOM   576  N  N   . VAL A 1 76  ? 3.953   -7.046  6.723   1.00 6.94  ? 76  VAL A N   1 
ATOM   577  C  CA  . VAL A 1 76  ? 5.215   -7.642  6.317   1.00 8.30  ? 76  VAL A CA  1 
ATOM   578  C  C   . VAL A 1 76  ? 5.959   -8.274  7.474   1.00 7.70  ? 76  VAL A C   1 
ATOM   579  O  O   . VAL A 1 76  ? 6.753   -9.221  7.331   1.00 8.89  ? 76  VAL A O   1 
ATOM   580  C  CB  A VAL A 1 76  ? 6.028   -6.494  5.660   0.50 10.90 ? 76  VAL A CB  1 
ATOM   581  C  CB  B VAL A 1 76  ? 5.988   -6.703  5.402   0.50 10.58 ? 76  VAL A CB  1 
ATOM   582  C  CG1 A VAL A 1 76  ? 7.499   -6.707  5.753   0.50 14.04 ? 76  VAL A CG1 1 
ATOM   583  C  CG1 B VAL A 1 76  ? 4.994   -6.004  4.468   0.50 11.37 ? 76  VAL A CG1 1 
ATOM   584  C  CG2 A VAL A 1 76  ? 5.566   -6.293  4.216   0.50 12.44 ? 76  VAL A CG2 1 
ATOM   585  C  CG2 B VAL A 1 76  ? 6.764   -5.677  6.199   0.50 10.97 ? 76  VAL A CG2 1 
ATOM   586  N  N   . ASP A 1 77  ? 5.626   -7.860  8.706   1.00 6.72  ? 77  ASP A N   1 
ATOM   587  C  CA  . ASP A 1 77  ? 6.170   -8.460  9.910   1.00 8.08  ? 77  ASP A CA  1 
ATOM   588  C  C   . ASP A 1 77  ? 5.407   -9.728  10.324  1.00 8.37  ? 77  ASP A C   1 
ATOM   589  O  O   . ASP A 1 77  ? 5.839   -10.419 11.258  1.00 10.55 ? 77  ASP A O   1 
ATOM   590  C  CB  . ASP A 1 77  ? 6.185   -7.471  11.078  1.00 11.00 ? 77  ASP A CB  1 
ATOM   591  C  CG  . ASP A 1 77  ? 7.077   -6.276  10.933  1.00 14.05 ? 77  ASP A CG  1 
ATOM   592  O  OD1 . ASP A 1 77  ? 8.101   -6.378  10.243  1.00 24.08 ? 77  ASP A OD1 1 
ATOM   593  O  OD2 . ASP A 1 77  ? 7.040   -5.354  11.784  1.00 22.26 ? 77  ASP A OD2 1 
ATOM   594  N  N   . ASN A 1 78  ? 4.322   -10.058 9.618   1.00 8.05  ? 78  ASN A N   1 
ATOM   595  C  CA  . ASN A 1 78  ? 3.503   -11.213 10.028  1.00 7.92  ? 78  ASN A CA  1 
ATOM   596  C  C   . ASN A 1 78  ? 3.199   -12.173 8.905   1.00 6.67  ? 78  ASN A C   1 
ATOM   597  O  O   . ASN A 1 78  ? 2.109   -12.760 8.870   1.00 6.91  ? 78  ASN A O   1 
ATOM   598  C  CB  . ASN A 1 78  ? 2.173   -10.686 10.624  1.00 8.69  ? 78  ASN A CB  1 
ATOM   599  C  CG  . ASN A 1 78  ? 2.405   -10.125 12.009  1.00 9.11  ? 78  ASN A CG  1 
ATOM   600  O  OD1 . ASN A 1 78  ? 2.532   -10.854 12.983  1.00 14.96 ? 78  ASN A OD1 1 
ATOM   601  N  ND2 . ASN A 1 78  ? 2.580   -8.810  12.067  1.00 10.06 ? 78  ASN A ND2 1 
ATOM   602  N  N   . LEU A 1 79  ? 4.116   -12.341 7.969   1.00 6.72  ? 79  LEU A N   1 
ATOM   603  C  CA  . LEU A 1 79  ? 3.824   -13.099 6.756   1.00 6.41  ? 79  LEU A CA  1 
ATOM   604  C  C   . LEU A 1 79  ? 3.719   -14.600 6.937   1.00 6.70  ? 79  LEU A C   1 
ATOM   605  O  O   . LEU A 1 79  ? 3.285   -15.292 6.019   1.00 8.30  ? 79  LEU A O   1 
ATOM   606  C  CB  . LEU A 1 79  ? 4.877   -12.767 5.700   1.00 7.41  ? 79  LEU A CB  1 
ATOM   607  C  CG  . LEU A 1 79  ? 4.873   -11.321 5.155   1.00 7.50  ? 79  LEU A CG  1 
ATOM   608  C  CD1 . LEU A 1 79  ? 6.028   -11.174 4.185   1.00 9.35  ? 79  LEU A CD1 1 
ATOM   609  C  CD2 . LEU A 1 79  ? 3.536   -10.929 4.538   1.00 7.52  ? 79  LEU A CD2 1 
ATOM   610  N  N   . ASP A 1 80  ? 4.001   -15.119 8.127   1.00 6.84  ? 80  ASP A N   1 
ATOM   611  C  CA  . ASP A 1 80  ? 3.725   -16.515 8.425   1.00 6.53  ? 80  ASP A CA  1 
ATOM   612  C  C   . ASP A 1 80  ? 2.491   -16.700 9.301   1.00 6.58  ? 80  ASP A C   1 
ATOM   613  O  O   . ASP A 1 80  ? 2.228   -17.804 9.810   1.00 7.75  ? 80  ASP A O   1 
ATOM   614  C  CB  . ASP A 1 80  ? 4.916   -17.131 9.140   1.00 8.44  ? 80  ASP A CB  1 
ATOM   615  C  CG  . ASP A 1 80  ? 6.184   -17.187 8.340   1.00 8.76  ? 80  ASP A CG  1 
ATOM   616  O  OD1 . ASP A 1 80  ? 6.182   -17.031 7.102   1.00 8.95  ? 80  ASP A OD1 1 
ATOM   617  O  OD2 . ASP A 1 80  ? 7.230   -17.435 8.963   1.00 10.08 ? 80  ASP A OD2 1 
ATOM   618  N  N   . ASN A 1 81  ? 1.719   -15.648 9.472   1.00 6.88  ? 81  ASN A N   1 
ATOM   619  C  CA  . ASN A 1 81  ? 0.633   -15.631 10.462  1.00 6.57  ? 81  ASN A CA  1 
ATOM   620  C  C   . ASN A 1 81  ? -0.687  -15.196 9.863   1.00 5.68  ? 81  ASN A C   1 
ATOM   621  O  O   . ASN A 1 81  ? -1.053  -14.012 9.851   1.00 7.45  ? 81  ASN A O   1 
ATOM   622  C  CB  . ASN A 1 81  ? 1.022   -14.687 11.583  1.00 6.10  ? 81  ASN A CB  1 
ATOM   623  C  CG  . ASN A 1 81  ? 0.104   -14.772 12.779  1.00 6.43  ? 81  ASN A CG  1 
ATOM   624  O  OD1 . ASN A 1 81  ? -1.011  -15.252 12.645  1.00 8.57  ? 81  ASN A OD1 1 
ATOM   625  N  ND2 . ASN A 1 81  ? 0.601   -14.387 13.935  1.00 7.87  ? 81  ASN A ND2 1 
ATOM   626  N  N   . ALA A 1 82  ? -1.346  -16.162 9.224   1.00 6.37  ? 82  ALA A N   1 
ATOM   627  C  CA  . ALA A 1 82  ? -2.593  -15.875 8.529   1.00 6.77  ? 82  ALA A CA  1 
ATOM   628  C  C   . ALA A 1 82  ? -3.606  -15.193 9.418   1.00 6.51  ? 82  ALA A C   1 
ATOM   629  O  O   . ALA A 1 82  ? -4.329  -14.281 9.013   1.00 7.52  ? 82  ALA A O   1 
ATOM   630  C  CB  . ALA A 1 82  ? -3.213  -17.164 8.019   1.00 9.97  ? 82  ALA A CB  1 
ATOM   631  N  N   . GLY A 1 83  ? -3.689  -15.644 10.652  1.00 6.27  ? 83  GLY A N   1 
ATOM   632  C  CA  . GLY A 1 83  ? -4.696  -15.036 11.524  1.00 6.61  ? 83  GLY A CA  1 
ATOM   633  C  C   . GLY A 1 83  ? -4.444  -13.586 11.855  1.00 5.62  ? 83  GLY A C   1 
ATOM   634  O  O   . GLY A 1 83  ? -5.380  -12.786 11.815  1.00 7.26  ? 83  GLY A O   1 
ATOM   635  N  N   . ALA A 1 84  ? -3.161  -13.244 12.044  1.00 6.71  ? 84  ALA A N   1 
ATOM   636  C  CA  . ALA A 1 84  ? -2.802  -11.864 12.315  1.00 6.68  ? 84  ALA A CA  1 
ATOM   637  C  C   . ALA A 1 84  ? -3.057  -10.997 11.087  1.00 6.77  ? 84  ALA A C   1 
ATOM   638  O  O   . ALA A 1 84  ? -3.564  -9.886  11.152  1.00 8.05  ? 84  ALA A O   1 
ATOM   639  C  CB  . ALA A 1 84  ? -1.356  -11.782 12.765  1.00 6.95  ? 84  ALA A CB  1 
ATOM   640  N  N   . LEU A 1 85  ? -2.687  -11.548 9.925   1.00 6.69  ? 85  LEU A N   1 
ATOM   641  C  CA  . LEU A 1 85  ? -2.897  -10.852 8.650   1.00 6.58  ? 85  LEU A CA  1 
ATOM   642  C  C   . LEU A 1 85  ? -4.399  -10.628 8.394   1.00 7.01  ? 85  LEU A C   1 
ATOM   643  O  O   . LEU A 1 85  ? -4.795  -9.517  8.055   1.00 6.54  ? 85  LEU A O   1 
ATOM   644  C  CB  . LEU A 1 85  ? -2.277  -11.616 7.488   1.00 5.87  ? 85  LEU A CB  1 
ATOM   645  C  CG  . LEU A 1 85  ? -0.763  -11.765 7.379   1.00 6.06  ? 85  LEU A CG  1 
ATOM   646  C  CD1 . LEU A 1 85  ? -0.388  -12.661 6.218   1.00 7.91  ? 85  LEU A CD1 1 
ATOM   647  C  CD2 . LEU A 1 85  ? -0.086  -10.412 7.215   1.00 6.84  ? 85  LEU A CD2 1 
ATOM   648  N  N   . GLU A 1 86  ? -5.216  -11.646 8.678   1.00 6.76  ? 86  GLU A N   1 
ATOM   649  C  CA  . GLU A 1 86  ? -6.644  -11.537 8.458   1.00 8.14  ? 86  GLU A CA  1 
ATOM   650  C  C   . GLU A 1 86  ? -7.198  -10.406 9.313   1.00 6.87  ? 86  GLU A C   1 
ATOM   651  O  O   . GLU A 1 86  ? -8.103  -9.665  8.912   1.00 6.85  ? 86  GLU A O   1 
ATOM   652  C  CB  . GLU A 1 86  ? -7.366  -12.836 8.819   1.00 13.75 ? 86  GLU A CB  1 
ATOM   653  C  CG  . GLU A 1 86  ? -7.268  -13.985 7.840   1.00 22.23 ? 86  GLU A CG  1 
ATOM   654  C  CD  . GLU A 1 86  ? -7.871  -15.281 8.366   1.00 29.24 ? 86  GLU A CD  1 
ATOM   655  O  OE1 . GLU A 1 86  ? -8.827  -15.193 9.192   1.00 38.01 ? 86  GLU A OE1 1 
ATOM   656  O  OE2 . GLU A 1 86  ? -7.170  -16.316 8.207   1.00 41.47 ? 86  GLU A OE2 1 
ATOM   657  N  N   . GLY A 1 87  ? -6.774  -10.356 10.564  1.00 6.99  ? 87  GLY A N   1 
ATOM   658  C  CA  . GLY A 1 87  ? -7.289  -9.395  11.498  1.00 7.25  ? 87  GLY A CA  1 
ATOM   659  C  C   . GLY A 1 87  ? -6.994  -7.986  11.078  1.00 7.44  ? 87  GLY A C   1 
ATOM   660  O  O   . GLY A 1 87  ? -7.882  -7.104  11.040  1.00 9.12  ? 87  GLY A O   1 
ATOM   661  N  N   . GLN A 1 88  ? -5.758  -7.770  10.597  1.00 6.90  ? 88  GLN A N   1 
ATOM   662  C  CA  . GLN A 1 88  ? -5.423  -6.430  10.094  1.00 7.16  ? 88  GLN A CA  1 
ATOM   663  C  C   . GLN A 1 88  ? -6.179  -6.066  8.818   1.00 6.37  ? 88  GLN A C   1 
ATOM   664  O  O   . GLN A 1 88  ? -6.633  -4.946  8.562   1.00 6.46  ? 88  GLN A O   1 
ATOM   665  C  CB  . GLN A 1 88  ? -3.897  -6.379  9.868   1.00 8.98  ? 88  GLN A CB  1 
ATOM   666  C  CG  . GLN A 1 88  ? -3.123  -6.312  11.174  1.00 10.48 ? 88  GLN A CG  1 
ATOM   667  C  CD  . GLN A 1 88  ? -3.251  -5.037  11.970  1.00 12.53 ? 88  GLN A CD  1 
ATOM   668  O  OE1 . GLN A 1 88  ? -2.961  -4.998  13.192  1.00 20.73 ? 88  GLN A OE1 1 
ATOM   669  N  NE2 . GLN A 1 88  ? -3.282  -3.891  11.314  1.00 9.75  ? 88  GLN A NE2 1 
ATOM   670  N  N   . CYS A 1 89  ? -6.349  -7.037  7.904   1.00 6.05  ? 89  CYS A N   1 
ATOM   671  C  CA  . CYS A 1 89  ? -7.081  -6.852  6.658   1.00 5.72  ? 89  CYS A CA  1 
ATOM   672  C  C   . CYS A 1 89  ? -8.532  -6.498  6.946   1.00 5.43  ? 89  CYS A C   1 
ATOM   673  O  O   . CYS A 1 89  ? -9.127  -5.782  6.164   1.00 6.66  ? 89  CYS A O   1 
ATOM   674  C  CB  . CYS A 1 89  ? -6.953  -8.102  5.777   1.00 5.80  ? 89  CYS A CB  1 
ATOM   675  S  SG  . CYS A 1 89  ? -5.355  -8.248  4.957   1.00 6.79  ? 89  CYS A SG  1 
ATOM   676  N  N   . LYS A 1 90  ? -9.142  -7.145  7.958   1.00 6.49  ? 90  LYS A N   1 
ATOM   677  C  CA  . LYS A 1 90  ? -10.565 -6.932  8.194   1.00 7.33  ? 90  LYS A CA  1 
ATOM   678  C  C   . LYS A 1 90  ? -10.813 -5.470  8.534   1.00 6.72  ? 90  LYS A C   1 
ATOM   679  O  O   . LYS A 1 90  ? -11.744 -4.807  8.050   1.00 7.04  ? 90  LYS A O   1 
ATOM   680  C  CB  . LYS A 1 90  ? -11.024 -7.869  9.303   1.00 8.35  ? 90  LYS A CB  1 
ATOM   681  C  CG  . LYS A 1 90  ? -12.483 -7.732  9.658   1.00 11.22 ? 90  LYS A CG  1 
ATOM   682  C  CD  . LYS A 1 90  ? -12.858 -8.702  10.759  1.00 15.52 ? 90  LYS A CD  1 
ATOM   683  C  CE  . LYS A 1 90  ? -14.294 -8.527  11.219  1.00 19.83 ? 90  LYS A CE  1 
ATOM   684  N  NZ  . LYS A 1 90  ? -14.618 -9.474  12.355  1.00 27.46 ? 90  LYS A NZ  1 
ATOM   685  N  N   . THR A 1 91  ? -9.956  -4.921  9.401   1.00 6.22  ? 91  THR A N   1 
ATOM   686  C  CA  . THR A 1 91  ? -10.102 -3.523  9.803   1.00 6.94  ? 91  THR A CA  1 
ATOM   687  C  C   . THR A 1 91  ? -9.895  -2.589  8.637   1.00 7.57  ? 91  THR A C   1 
ATOM   688  O  O   . THR A 1 91  ? -10.675 -1.668  8.405   1.00 7.07  ? 91  THR A O   1 
ATOM   689  C  CB  . THR A 1 91  ? -9.076  -3.204  10.897  1.00 7.67  ? 91  THR A CB  1 
ATOM   690  O  OG1 . THR A 1 91  ? -9.293  -4.094  12.012  1.00 11.26 ? 91  THR A OG1 1 
ATOM   691  C  CG2 . THR A 1 91  ? -9.216  -1.751  11.371  1.00 10.79 ? 91  THR A CG2 1 
ATOM   692  N  N   . PHE A 1 92  ? -8.853  -2.881  7.870   1.00 6.49  ? 92  PHE A N   1 
ATOM   693  C  CA  . PHE A 1 92  ? -8.479  -2.096  6.692   1.00 5.90  ? 92  PHE A CA  1 
ATOM   694  C  C   . PHE A 1 92  ? -9.586  -2.065  5.648   1.00 5.58  ? 92  PHE A C   1 
ATOM   695  O  O   . PHE A 1 92  ? -10.004 -1.020  5.143   1.00 6.05  ? 92  PHE A O   1 
ATOM   696  C  CB  . PHE A 1 92  ? -7.199  -2.725  6.158   1.00 6.87  ? 92  PHE A CB  1 
ATOM   697  C  CG  . PHE A 1 92  ? -6.796  -2.309  4.755   1.00 6.38  ? 92  PHE A CG  1 
ATOM   698  C  CD1 . PHE A 1 92  ? -6.430  -1.003  4.478   1.00 5.60  ? 92  PHE A CD1 1 
ATOM   699  C  CD2 . PHE A 1 92  ? -6.766  -3.248  3.738   1.00 7.51  ? 92  PHE A CD2 1 
ATOM   700  C  CE1 . PHE A 1 92  ? -6.060  -0.648  3.185   1.00 6.09  ? 92  PHE A CE1 1 
ATOM   701  C  CE2 . PHE A 1 92  ? -6.399  -2.908  2.458   1.00 7.74  ? 92  PHE A CE2 1 
ATOM   702  C  CZ  . PHE A 1 92  ? -6.016  -1.601  2.195   1.00 7.20  ? 92  PHE A CZ  1 
ATOM   703  N  N   . ALA A 1 93  ? -10.104 -3.264  5.373   1.00 6.87  ? 93  ALA A N   1 
ATOM   704  C  CA  . ALA A 1 93  ? -11.225 -3.382  4.428   1.00 6.92  ? 93  ALA A CA  1 
ATOM   705  C  C   . ALA A 1 93  ? -12.436 -2.584  4.868   1.00 7.30  ? 93  ALA A C   1 
ATOM   706  O  O   . ALA A 1 93  ? -13.077 -1.914  4.063   1.00 6.81  ? 93  ALA A O   1 
ATOM   707  C  CB  . ALA A 1 93  ? -11.622 -4.840  4.269   1.00 7.35  ? 93  ALA A CB  1 
ATOM   708  N  N   . ALA A 1 94  ? -12.815 -2.757  6.135   1.00 7.64  ? 94  ALA A N   1 
ATOM   709  C  CA  . ALA A 1 94  ? -14.003 -2.064  6.613   1.00 8.12  ? 94  ALA A CA  1 
ATOM   710  C  C   . ALA A 1 94  ? -13.858 -0.560  6.482   1.00 7.39  ? 94  ALA A C   1 
ATOM   711  O  O   . ALA A 1 94  ? -14.775 0.130   6.030   1.00 7.53  ? 94  ALA A O   1 
ATOM   712  C  CB  . ALA A 1 94  ? -14.269 -2.451  8.053   1.00 10.66 ? 94  ALA A CB  1 
ATOM   713  N  N   . ASN A 1 95  ? -12.695 -0.036  6.833   1.00 7.03  ? 95  ASN A N   1 
ATOM   714  C  CA  . ASN A 1 95  ? -12.498 1.413   6.687   1.00 7.48  ? 95  ASN A CA  1 
ATOM   715  C  C   . ASN A 1 95  ? -12.542 1.933   5.276   1.00 6.74  ? 95  ASN A C   1 
ATOM   716  O  O   . ASN A 1 95  ? -13.062 3.017   5.019   1.00 7.51  ? 95  ASN A O   1 
ATOM   717  C  CB  . ASN A 1 95  ? -11.155 1.766   7.371   1.00 7.68  ? 95  ASN A CB  1 
ATOM   718  C  CG  . ASN A 1 95  ? -11.094 1.654   8.872   1.00 9.05  ? 95  ASN A CG  1 
ATOM   719  O  OD1 . ASN A 1 95  ? -10.010 1.572   9.526   1.00 11.55 ? 95  ASN A OD1 1 
ATOM   720  N  ND2 . ASN A 1 95  ? -12.183 1.819   9.578   1.00 10.92 ? 95  ASN A ND2 1 
ATOM   721  N  N   . HIS A 1 96  ? -11.912 1.163   4.397   1.00 6.10  ? 96  HIS A N   1 
ATOM   722  C  CA  . HIS A 1 96  ? -11.860 1.612   2.999   1.00 5.57  ? 96  HIS A CA  1 
ATOM   723  C  C   . HIS A 1 96  ? -13.159 1.328   2.259   1.00 6.32  ? 96  HIS A C   1 
ATOM   724  O  O   . HIS A 1 96  ? -13.646 2.216   1.565   1.00 6.49  ? 96  HIS A O   1 
ATOM   725  C  CB  . HIS A 1 96  ? -10.640 0.976   2.322   1.00 5.55  ? 96  HIS A CB  1 
ATOM   726  C  CG  . HIS A 1 96  ? -9.345  1.599   2.773   1.00 5.27  ? 96  HIS A CG  1 
ATOM   727  N  ND1 . HIS A 1 96  ? -8.786  1.365   4.017   1.00 5.62  ? 96  HIS A ND1 1 
ATOM   728  C  CD2 . HIS A 1 96  ? -8.510  2.452   2.145   1.00 5.05  ? 96  HIS A CD2 1 
ATOM   729  C  CE1 . HIS A 1 96  ? -7.653  2.066   4.114   1.00 5.33  ? 96  HIS A CE1 1 
ATOM   730  N  NE2 . HIS A 1 96  ? -7.469  2.736   2.979   1.00 5.09  ? 96  HIS A NE2 1 
ATOM   731  N  N   . LYS A 1 97  ? -13.855 0.229   2.566   1.00 7.00  ? 97  LYS A N   1 
ATOM   732  C  CA  . LYS A 1 97  ? -15.204 0.008   2.028   1.00 6.72  ? 97  LYS A CA  1 
ATOM   733  C  C   . LYS A 1 97  ? -16.145 1.137   2.393   1.00 7.16  ? 97  LYS A C   1 
ATOM   734  O  O   . LYS A 1 97  ? -16.946 1.566   1.555   1.00 7.73  ? 97  LYS A O   1 
ATOM   735  C  CB  . LYS A 1 97  ? -15.762 -1.318  2.561   1.00 8.96  ? 97  LYS A CB  1 
ATOM   736  C  CG  . LYS A 1 97  ? -17.100 -1.704  1.956   1.00 8.70  ? 97  LYS A CG  1 
ATOM   737  C  CD  . LYS A 1 97  ? -17.655 -2.925  2.698   1.00 11.36 ? 97  LYS A CD  1 
ATOM   738  C  CE  . LYS A 1 97  ? -18.971 -3.297  2.034   1.00 16.73 ? 97  LYS A CE  1 
ATOM   739  N  NZ  . LYS A 1 97  ? -19.466 -4.636  2.425   1.00 24.72 ? 97  LYS A NZ  1 
ATOM   740  N  N   . ALA A 1 98  ? -16.070 1.622   3.617   1.00 7.31  ? 98  ALA A N   1 
ATOM   741  C  CA  . ALA A 1 98  ? -16.931 2.701   4.088   1.00 8.69  ? 98  ALA A CA  1 
ATOM   742  C  C   . ALA A 1 98  ? -16.675 4.018   3.364   1.00 9.13  ? 98  ALA A C   1 
ATOM   743  O  O   . ALA A 1 98  ? -17.601 4.834   3.281   1.00 10.93 ? 98  ALA A O   1 
ATOM   744  C  CB  . ALA A 1 98  ? -16.744 2.888   5.584   1.00 9.51  ? 98  ALA A CB  1 
ATOM   745  N  N   . ARG A 1 99  ? -15.542 4.153   2.714   1.00 8.37  ? 99  ARG A N   1 
ATOM   746  C  CA  . ARG A 1 99  ? -15.266 5.303   1.860   1.00 8.60  ? 99  ARG A CA  1 
ATOM   747  C  C   . ARG A 1 99  ? -15.787 5.161   0.433   1.00 9.06  ? 99  ARG A C   1 
ATOM   748  O  O   . ARG A 1 99  ? -15.528 6.064   -0.385  1.00 9.00  ? 99  ARG A O   1 
ATOM   749  C  CB  . ARG A 1 99  ? -13.749 5.579   1.806   1.00 7.50  ? 99  ARG A CB  1 
ATOM   750  C  CG  . ARG A 1 99  ? -13.184 5.942   3.141   1.00 7.66  ? 99  ARG A CG  1 
ATOM   751  C  CD  . ARG A 1 99  ? -11.666 6.053   3.186   1.00 9.52  ? 99  ARG A CD  1 
ATOM   752  N  NE  . ARG A 1 99  ? -11.325 6.427   4.572   1.00 10.16 ? 99  ARG A NE  1 
ATOM   753  C  CZ  . ARG A 1 99  ? -10.529 5.816   5.422   1.00 9.87  ? 99  ARG A CZ  1 
ATOM   754  N  NH1 . ARG A 1 99  ? -9.838  4.721   5.103   1.00 9.16  ? 99  ARG A NH1 1 
ATOM   755  N  NH2 . ARG A 1 99  ? -10.419 6.339   6.627   1.00 12.52 ? 99  ARG A NH2 1 
ATOM   756  N  N   . GLY A 1 100 ? -16.347 4.023   0.078   1.00 8.06  ? 100 GLY A N   1 
ATOM   757  C  CA  . GLY A 1 100 ? -16.759 3.760   -1.289  1.00 8.70  ? 100 GLY A CA  1 
ATOM   758  C  C   . GLY A 1 100 ? -15.655 3.234   -2.200  1.00 7.94  ? 100 GLY A C   1 
ATOM   759  O  O   . GLY A 1 100 ? -15.769 3.236   -3.438  1.00 9.62  ? 100 GLY A O   1 
ATOM   760  N  N   . ILE A 1 101 ? -14.539 2.866   -1.576  1.00 7.53  ? 101 ILE A N   1 
ATOM   761  C  CA  . ILE A 1 101 ? -13.376 2.353   -2.268  1.00 6.11  ? 101 ILE A CA  1 
ATOM   762  C  C   . ILE A 1 101 ? -13.645 0.901   -2.634  1.00 6.13  ? 101 ILE A C   1 
ATOM   763  O  O   . ILE A 1 101 ? -14.226 0.151   -1.857  1.00 8.68  ? 101 ILE A O   1 
ATOM   764  C  CB  . ILE A 1 101 ? -12.097 2.522   -1.439  1.00 5.50  ? 101 ILE A CB  1 
ATOM   765  C  CG1 . ILE A 1 101 ? -11.803 4.013   -1.199  1.00 7.11  ? 101 ILE A CG1 1 
ATOM   766  C  CG2 . ILE A 1 101 ? -10.900 1.865   -2.073  1.00 7.69  ? 101 ILE A CG2 1 
ATOM   767  C  CD1 . ILE A 1 101 ? -10.791 4.308   -0.123  1.00 8.07  ? 101 ILE A CD1 1 
ATOM   768  N  N   . SER A 1 102 ? -13.260 0.533   -3.846  1.00 6.81  ? 102 SER A N   1 
ATOM   769  C  CA  . SER A 1 102 ? -13.432 -0.827  -4.332  1.00 6.95  ? 102 SER A CA  1 
ATOM   770  C  C   . SER A 1 102 ? -12.219 -1.720  -4.071  1.00 6.35  ? 102 SER A C   1 
ATOM   771  O  O   . SER A 1 102 ? -11.063 -1.303  -3.934  1.00 6.58  ? 102 SER A O   1 
ATOM   772  C  CB  . SER A 1 102 ? -13.730 -0.839  -5.825  1.00 7.03  ? 102 SER A CB  1 
ATOM   773  O  OG  . SER A 1 102 ? -12.575 -0.456  -6.590  1.00 8.39  ? 102 SER A OG  1 
ATOM   774  N  N   . ALA A 1 103 ? -12.492 -3.028  -4.146  1.00 6.60  ? 103 ALA A N   1 
ATOM   775  C  CA  . ALA A 1 103 ? -11.391 -3.981  -4.076  1.00 6.91  ? 103 ALA A CA  1 
ATOM   776  C  C   . ALA A 1 103 ? -10.384 -3.763  -5.214  1.00 6.58  ? 103 ALA A C   1 
ATOM   777  O  O   . ALA A 1 103 ? -9.176  -3.873  -5.090  1.00 7.25  ? 103 ALA A O   1 
ATOM   778  C  CB  . ALA A 1 103 ? -11.981 -5.386  -4.062  1.00 9.81  ? 103 ALA A CB  1 
ATOM   779  N  N   . GLY A 1 104 ? -10.890 -3.366  -6.385  1.00 6.66  ? 104 GLY A N   1 
ATOM   780  C  CA  . GLY A 1 104 ? -10.003 -3.134  -7.516  1.00 7.28  ? 104 GLY A CA  1 
ATOM   781  C  C   . GLY A 1 104 ? -9.120  -1.936  -7.317  1.00 6.85  ? 104 GLY A C   1 
ATOM   782  O  O   . GLY A 1 104 ? -7.965  -1.995  -7.723  1.00 7.24  ? 104 GLY A O   1 
ATOM   783  N  N   . GLN A 1 105 ? -9.556  -0.890  -6.618  1.00 6.45  ? 105 GLN A N   1 
ATOM   784  C  CA  . GLN A 1 105 ? -8.669  0.232   -6.302  1.00 5.57  ? 105 GLN A CA  1 
ATOM   785  C  C   . GLN A 1 105 ? -7.573  -0.165  -5.316  1.00 5.87  ? 105 GLN A C   1 
ATOM   786  O  O   . GLN A 1 105 ? -6.439  0.266   -5.429  1.00 6.35  ? 105 GLN A O   1 
ATOM   787  C  CB  . GLN A 1 105 ? -9.473  1.424   -5.769  1.00 5.17  ? 105 GLN A CB  1 
ATOM   788  C  CG  . GLN A 1 105 ? -10.336 2.073   -6.858  1.00 7.05  ? 105 GLN A CG  1 
ATOM   789  C  CD  . GLN A 1 105 ? -11.311 3.082   -6.288  1.00 7.46  ? 105 GLN A CD  1 
ATOM   790  O  OE1 . GLN A 1 105 ? -11.980 2.846   -5.302  1.00 7.20  ? 105 GLN A OE1 1 
ATOM   791  N  NE2 . GLN A 1 105 ? -11.357 4.226   -6.958  1.00 7.68  ? 105 GLN A NE2 1 
ATOM   792  N  N   . LEU A 1 106 ? -7.895  -1.034  -4.360  1.00 6.56  ? 106 LEU A N   1 
ATOM   793  C  CA  . LEU A 1 106 ? -6.880  -1.511  -3.419  1.00 6.63  ? 106 LEU A CA  1 
ATOM   794  C  C   . LEU A 1 106 ? -5.880  -2.349  -4.213  1.00 6.99  ? 106 LEU A C   1 
ATOM   795  O  O   . LEU A 1 106 ? -4.688  -2.243  -4.005  1.00 7.01  ? 106 LEU A O   1 
ATOM   796  C  CB  . LEU A 1 106 ? -7.540  -2.330  -2.349  1.00 6.87  ? 106 LEU A CB  1 
ATOM   797  C  CG  . LEU A 1 106 ? -8.586  -1.659  -1.447  1.00 7.00  ? 106 LEU A CG  1 
ATOM   798  C  CD1 . LEU A 1 106 ? -9.114  -2.603  -0.374  1.00 9.25  ? 106 LEU A CD1 1 
ATOM   799  C  CD2 . LEU A 1 106 ? -8.009  -0.390  -0.856  1.00 7.92  ? 106 LEU A CD2 1 
ATOM   800  N  N   . GLU A 1 107 ? -6.371  -3.195  -5.124  1.00 7.00  ? 107 GLU A N   1 
ATOM   801  C  CA  . GLU A 1 107 ? -5.499  -3.991  -5.952  1.00 8.48  ? 107 GLU A CA  1 
ATOM   802  C  C   . GLU A 1 107 ? -4.589  -3.095  -6.780  1.00 8.18  ? 107 GLU A C   1 
ATOM   803  O  O   . GLU A 1 107 ? -3.393  -3.412  -6.990  1.00 8.78  ? 107 GLU A O   1 
ATOM   804  C  CB  . GLU A 1 107 ? -6.369  -4.935  -6.814  1.00 11.36 ? 107 GLU A CB  1 
ATOM   805  C  CG  . GLU A 1 107 ? -5.550  -6.104  -7.343  1.00 19.74 ? 107 GLU A CG  1 
ATOM   806  C  CD  . GLU A 1 107 ? -6.469  -7.117  -8.014  1.00 24.23 ? 107 GLU A CD  1 
ATOM   807  O  OE1 . GLU A 1 107 ? -7.679  -7.030  -7.633  1.00 32.92 ? 107 GLU A OE1 1 
ATOM   808  O  OE2 . GLU A 1 107 ? -6.229  -7.301  -9.236  1.00 30.28 ? 107 GLU A OE2 1 
ATOM   809  N  N   . ALA A 1 108 ? -5.060  -1.954  -7.279  1.00 7.29  ? 108 ALA A N   1 
ATOM   810  C  CA  . ALA A 1 108 ? -4.237  -1.059  -8.077  1.00 6.70  ? 108 ALA A CA  1 
ATOM   811  C  C   . ALA A 1 108 ? -3.088  -0.512  -7.247  1.00 6.17  ? 108 ALA A C   1 
ATOM   812  O  O   . ALA A 1 108 ? -1.973  -0.321  -7.722  1.00 7.03  ? 108 ALA A O   1 
ATOM   813  C  CB  . ALA A 1 108 ? -5.076  0.072   -8.633  1.00 9.80  ? 108 ALA A CB  1 
ATOM   814  N  N   . ALA A 1 109 ? -3.430  -0.152  -6.008  1.00 5.70  ? 109 ALA A N   1 
ATOM   815  C  CA  . ALA A 1 109 ? -2.391  0.339   -5.108  1.00 5.70  ? 109 ALA A CA  1 
ATOM   816  C  C   . ALA A 1 109 ? -1.307  -0.709  -4.879  1.00 6.00  ? 109 ALA A C   1 
ATOM   817  O  O   . ALA A 1 109 ? -0.118  -0.375  -4.924  1.00 5.42  ? 109 ALA A O   1 
ATOM   818  C  CB  . ALA A 1 109 ? -2.980  1.232   -3.648  1.00 6.99  ? 109 ALA A CB  1 
ATOM   819  N  N   . PHE A 1 110 ? -1.689  -1.966  -4.644  1.00 5.58  ? 110 PHE A N   1 
ATOM   820  C  CA  . PHE A 1 110 ? -0.706  -3.036  -4.491  1.00 6.38  ? 110 PHE A CA  1 
ATOM   821  C  C   . PHE A 1 110 ? 0.138   -3.231  -5.759  1.00 5.90  ? 110 PHE A C   1 
ATOM   822  O  O   . PHE A 1 110 ? 1.310   -3.511  -5.711  1.00 6.27  ? 110 PHE A O   1 
ATOM   823  C  CB  . PHE A 1 110 ? -1.391  -4.367  -4.145  1.00 5.82  ? 110 PHE A CB  1 
ATOM   824  C  CG  . PHE A 1 110 ? -1.824  -4.546  -2.708  1.00 6.18  ? 110 PHE A CG  1 
ATOM   825  C  CD1 . PHE A 1 110 ? -0.886  -4.536  -1.709  1.00 7.09  ? 110 PHE A CD1 1 
ATOM   826  C  CD2 . PHE A 1 110 ? -3.129  -4.741  -2.341  1.00 6.37  ? 110 PHE A CD2 1 
ATOM   827  C  CE1 . PHE A 1 110 ? -1.200  -4.696  -0.384  1.00 8.14  ? 110 PHE A CE1 1 
ATOM   828  C  CE2 . PHE A 1 110 ? -3.489  -4.905  -1.018  1.00 6.77  ? 110 PHE A CE2 1 
ATOM   829  C  CZ  . PHE A 1 110 ? -2.511  -4.904  -0.043  1.00 7.41  ? 110 PHE A CZ  1 
ATOM   830  N  N   . LYS A 1 111 ? -0.457  -3.046  -6.939  1.00 6.03  ? 111 LYS A N   1 
ATOM   831  C  CA  . LYS A 1 111 ? 0.285   -3.239  -8.182  1.00 7.19  ? 111 LYS A CA  1 
ATOM   832  C  C   . LYS A 1 111 ? 1.302   -2.117  -8.371  1.00 5.84  ? 111 LYS A C   1 
ATOM   833  O  O   . LYS A 1 111 ? 2.453   -2.358  -8.743  1.00 5.90  ? 111 LYS A O   1 
ATOM   834  C  CB  . LYS A 1 111 ? -0.622  -3.292  -9.410  1.00 11.11 ? 111 LYS A CB  1 
ATOM   835  C  CG  . LYS A 1 111 ? 0.123   -3.326  -10.739 1.00 18.13 ? 111 LYS A CG  1 
ATOM   836  C  CD  . LYS A 1 111 ? -0.796  -3.614  -11.916 1.00 23.48 ? 111 LYS A CD  1 
ATOM   837  C  CE  . LYS A 1 111 ? -0.045  -3.880  -13.204 1.00 27.62 ? 111 LYS A CE  1 
ATOM   838  N  NZ  . LYS A 1 111 ? -0.618  -5.028  -13.982 1.00 37.19 ? 111 LYS A NZ  1 
ATOM   839  N  N   . VAL A 1 112 ? 0.893   -0.893  -8.058  1.00 5.72  ? 112 VAL A N   1 
ATOM   840  C  CA  . VAL A 1 112 ? 1.824   0.226   -8.129  1.00 5.68  ? 112 VAL A CA  1 
ATOM   841  C  C   . VAL A 1 112 ? 2.940   0.020   -7.109  1.00 4.89  ? 112 VAL A C   1 
ATOM   842  O  O   . VAL A 1 112 ? 4.109   0.199   -7.434  1.00 6.45  ? 112 VAL A O   1 
ATOM   843  C  CB  . VAL A 1 112 ? 1.117   1.579   -7.906  1.00 6.74  ? 112 VAL A CB  1 
ATOM   844  C  CG1 . VAL A 1 112 ? 2.177   2.686   -7.819  1.00 7.31  ? 112 VAL A CG1 1 
ATOM   845  C  CG2 . VAL A 1 112 ? 0.114   1.840   -9.021  1.00 8.63  ? 112 VAL A CG2 1 
ATOM   846  N  N   . LEU A 1 113 ? 2.613   -0.420  -5.894  1.00 4.82  ? 113 LEU A N   1 
ATOM   847  C  CA  . LEU A 1 113 ? 3.638   -0.665  -4.886  1.00 4.84  ? 113 LEU A CA  1 
ATOM   848  C  C   . LEU A 1 113 ? 4.627   -1.731  -5.325  1.00 5.13  ? 113 LEU A C   1 
ATOM   849  O  O   . LEU A 1 113 ? 5.831   -1.578  -5.106  1.00 5.89  ? 113 LEU A O   1 
ATOM   850  C  CB  . LEU A 1 113 ? 2.944   -1.069  -3.579  1.00 5.81  ? 113 LEU A CB  1 
ATOM   851  C  CG  . LEU A 1 113 ? 3.854   -1.308  -2.377  1.00 5.96  ? 113 LEU A CG  1 
ATOM   852  C  CD1 . LEU A 1 113 ? 4.572   -0.021  -1.989  1.00 7.64  ? 113 LEU A CD1 1 
ATOM   853  C  CD2 . LEU A 1 113 ? 3.058   -1.866  -1.205  1.00 8.28  ? 113 LEU A CD2 1 
ATOM   854  N  N   . ALA A 1 114 ? 4.120   -2.833  -5.893  1.00 4.93  ? 114 ALA A N   1 
ATOM   855  C  CA  . ALA A 1 114 ? 5.002   -3.932  -6.290  1.00 4.81  ? 114 ALA A CA  1 
ATOM   856  C  C   . ALA A 1 114 ? 6.052   -3.437  -7.282  1.00 5.86  ? 114 ALA A C   1 
ATOM   857  O  O   . ALA A 1 114 ? 7.222   -3.764  -7.164  1.00 6.45  ? 114 ALA A O   1 
ATOM   858  C  CB  . ALA A 1 114 ? 4.225   -5.087  -6.870  1.00 7.93  ? 114 ALA A CB  1 
ATOM   859  N  N   . GLY A 1 115 ? 5.656   -2.599  -8.235  1.00 5.19  ? 115 GLY A N   1 
ATOM   860  C  CA  . GLY A 1 115 ? 6.658   -2.074  -9.129  1.00 5.70  ? 115 GLY A CA  1 
ATOM   861  C  C   . GLY A 1 115 ? 7.555   -1.028  -8.509  1.00 5.45  ? 115 GLY A C   1 
ATOM   862  O  O   . GLY A 1 115 ? 8.753   -0.995  -8.788  1.00 6.54  ? 115 GLY A O   1 
ATOM   863  N  N   . PHE A 1 116 ? 7.007   -0.190  -7.630  1.00 5.64  ? 116 PHE A N   1 
ATOM   864  C  CA  . PHE A 1 116 ? 7.780   0.843   -6.956  1.00 5.31  ? 116 PHE A CA  1 
ATOM   865  C  C   . PHE A 1 116 ? 8.879   0.232   -6.122  1.00 5.15  ? 116 PHE A C   1 
ATOM   866  O  O   . PHE A 1 116 ? 9.959   0.793   -6.061  1.00 5.68  ? 116 PHE A O   1 
ATOM   867  C  CB  . PHE A 1 116 ? 6.815   1.654   -6.091  1.00 5.73  ? 116 PHE A CB  1 
ATOM   868  C  CG  . PHE A 1 116 ? 7.441   2.852   -5.411  1.00 5.97  ? 116 PHE A CG  1 
ATOM   869  C  CD1 . PHE A 1 116 ? 7.469   4.064   -6.061  1.00 7.54  ? 116 PHE A CD1 1 
ATOM   870  C  CD2 . PHE A 1 116 ? 7.987   2.747   -4.144  1.00 6.97  ? 116 PHE A CD2 1 
ATOM   871  C  CE1 . PHE A 1 116 ? 8.017   5.178   -5.443  1.00 7.44  ? 116 PHE A CE1 1 
ATOM   872  C  CE2 . PHE A 1 116 ? 8.530   3.849   -3.519  1.00 7.64  ? 116 PHE A CE2 1 
ATOM   873  C  CZ  . PHE A 1 116 ? 8.553   5.062   -4.167  1.00 8.08  ? 116 PHE A CZ  1 
ATOM   874  N  N   . MET A 1 117 ? 8.593   -0.934  -5.551  1.00 3.99  ? 117 MET A N   1 
ATOM   875  C  CA  . MET A 1 117 ? 9.524   -1.588  -4.645  1.00 5.01  ? 117 MET A CA  1 
ATOM   876  C  C   . MET A 1 117 ? 10.747  -2.166  -5.337  1.00 4.98  ? 117 MET A C   1 
ATOM   877  O  O   . MET A 1 117 ? 11.723  -2.503  -4.654  1.00 5.12  ? 117 MET A O   1 
ATOM   878  C  CB  . MET A 1 117 ? 8.796   -2.668  -3.832  1.00 4.50  ? 117 MET A CB  1 
ATOM   879  C  CG  . MET A 1 117 ? 7.896   -2.119  -2.747  1.00 5.40  ? 117 MET A CG  1 
ATOM   880  S  SD  . MET A 1 117 ? 8.750   -1.041  -1.558  1.00 5.75  ? 117 MET A SD  1 
ATOM   881  C  CE  . MET A 1 117 ? 10.033  -2.144  -0.992  1.00 5.23  ? 117 MET A CE  1 
ATOM   882  N  N   . LYS A 1 118 ? 10.733  -2.220  -6.677  1.00 4.97  ? 118 LYS A N   1 
ATOM   883  C  CA  . LYS A 1 118 ? 11.904  -2.668  -7.434  1.00 6.43  ? 118 LYS A CA  1 
ATOM   884  C  C   . LYS A 1 118 ? 13.080  -1.769  -7.116  1.00 5.80  ? 118 LYS A C   1 
ATOM   885  O  O   . LYS A 1 118 ? 14.201  -2.273  -7.131  1.00 8.52  ? 118 LYS A O   1 
ATOM   886  C  CB  . LYS A 1 118 ? 11.655  -2.720  -8.940  1.00 6.92  ? 118 LYS A CB  1 
ATOM   887  C  CG  . LYS A 1 118 ? 10.654  -3.808  -9.317  1.00 8.13  ? 118 LYS A CG  1 
ATOM   888  C  CD  . LYS A 1 118 ? 10.322  -3.763  -10.799 1.00 11.62 ? 118 LYS A CD  1 
ATOM   889  C  CE  . LYS A 1 118 ? 11.439  -4.200  -11.702 1.00 15.26 ? 118 LYS A CE  1 
ATOM   890  N  NZ  . LYS A 1 118 ? 10.969  -4.242  -13.126 1.00 25.25 ? 118 LYS A NZ  1 
ATOM   891  N  N   . SER A 1 119 ? 12.892  -0.513  -6.728  1.00 6.16  ? 119 SER A N   1 
ATOM   892  C  CA  . SER A 1 119 ? 13.987  0.404   -6.481  1.00 6.70  ? 119 SER A CA  1 
ATOM   893  C  C   . SER A 1 119 ? 14.648  0.127   -5.127  1.00 5.94  ? 119 SER A C   1 
ATOM   894  O  O   . SER A 1 119 ? 15.737  0.693   -4.908  1.00 7.55  ? 119 SER A O   1 
ATOM   895  C  CB  . SER A 1 119 ? 13.499  1.847   -6.587  1.00 7.94  ? 119 SER A CB  1 
ATOM   896  O  OG  . SER A 1 119 ? 12.919  2.184   -7.832  1.00 10.60 ? 119 SER A OG  1 
ATOM   897  N  N   . TYR A 1 120 ? 14.055  -0.711  -4.298  1.00 5.43  ? 120 TYR A N   1 
ATOM   898  C  CA  . TYR A 1 120 ? 14.512  -1.007  -2.952  1.00 5.46  ? 120 TYR A CA  1 
ATOM   899  C  C   . TYR A 1 120 ? 14.918  -2.463  -2.872  1.00 6.30  ? 120 TYR A C   1 
ATOM   900  O  O   . TYR A 1 120 ? 14.857  -3.058  -1.799  1.00 7.48  ? 120 TYR A O   1 
ATOM   901  C  CB  . TYR A 1 120 ? 13.434  -0.622  -1.868  1.00 6.59  ? 120 TYR A CB  1 
ATOM   902  C  CG  . TYR A 1 120 ? 13.192  0.854   -2.053  1.00 6.49  ? 120 TYR A CG  1 
ATOM   903  C  CD1 . TYR A 1 120 ? 14.007  1.770   -1.391  1.00 7.77  ? 120 TYR A CD1 1 
ATOM   904  C  CD2 . TYR A 1 120 ? 12.197  1.355   -2.888  1.00 7.83  ? 120 TYR A CD2 1 
ATOM   905  C  CE1 . TYR A 1 120 ? 13.836  3.140   -1.525  1.00 9.13  ? 120 TYR A CE1 1 
ATOM   906  C  CE2 . TYR A 1 120 ? 12.036  2.732   -3.056  1.00 9.85  ? 120 TYR A CE2 1 
ATOM   907  C  CZ  . TYR A 1 120 ? 12.850  3.598   -2.367  1.00 10.16 ? 120 TYR A CZ  1 
ATOM   908  O  OH  . TYR A 1 120 ? 12.682  4.941   -2.571  1.00 13.32 ? 120 TYR A OH  1 
ATOM   909  N  N   . GLY A 1 121 ? 15.334  -3.076  -3.969  1.00 5.83  ? 121 GLY A N   1 
ATOM   910  C  CA  . GLY A 1 121 ? 15.679  -4.469  -4.050  1.00 6.68  ? 121 GLY A CA  1 
ATOM   911  C  C   . GLY A 1 121 ? 14.527  -5.434  -4.131  1.00 5.93  ? 121 GLY A C   1 
ATOM   912  O  O   . GLY A 1 121 ? 14.711  -6.635  -3.948  1.00 6.73  ? 121 GLY A O   1 
ATOM   913  N  N   . GLY A 1 122 ? 13.294  -4.934  -4.203  1.00 5.50  ? 122 GLY A N   1 
ATOM   914  C  CA  . GLY A 1 122 ? 12.147  -5.798  -4.265  1.00 4.85  ? 122 GLY A CA  1 
ATOM   915  C  C   . GLY A 1 122 ? 12.050  -6.573  -5.559  1.00 5.21  ? 122 GLY A C   1 
ATOM   916  O  O   . GLY A 1 122 ? 12.301  -6.060  -6.653  1.00 6.63  ? 122 GLY A O   1 
ATOM   917  N  N   . ASP A 1 123 ? 11.680  -7.837  -5.401  1.00 4.68  ? 123 ASP A N   1 
ATOM   918  C  CA  . ASP A 1 123 ? 11.275  -8.708  -6.474  1.00 5.78  ? 123 ASP A CA  1 
ATOM   919  C  C   . ASP A 1 123 ? 9.788   -8.446  -6.732  1.00 5.19  ? 123 ASP A C   1 
ATOM   920  O  O   . ASP A 1 123 ? 8.992   -8.653  -5.826  1.00 5.97  ? 123 ASP A O   1 
ATOM   921  C  CB  . ASP A 1 123 ? 11.465  -10.155 -6.068  1.00 6.90  ? 123 ASP A CB  1 
ATOM   922  C  CG  . ASP A 1 123 ? 10.828  -11.167 -6.998  1.00 7.88  ? 123 ASP A CG  1 
ATOM   923  O  OD1 . ASP A 1 123 ? 10.412  -10.812 -8.105  1.00 7.80  ? 123 ASP A OD1 1 
ATOM   924  O  OD2 . ASP A 1 123 ? 10.854  -12.376 -6.673  1.00 8.97  ? 123 ASP A OD2 1 
ATOM   925  N  N   . GLU A 1 124 ? 9.454   -7.828  -7.853  1.00 5.25  ? 124 GLU A N   1 
ATOM   926  C  CA  . GLU A 1 124 ? 8.064   -7.486  -8.134  1.00 6.03  ? 124 GLU A CA  1 
ATOM   927  C  C   . GLU A 1 124 ? 7.161   -8.713  -8.034  1.00 5.58  ? 124 GLU A C   1 
ATOM   928  O  O   . GLU A 1 124 ? 6.024   -8.597  -7.569  1.00 7.63  ? 124 GLU A O   1 
ATOM   929  C  CB  . GLU A 1 124 ? 7.905   -6.833  -9.510  1.00 7.36  ? 124 GLU A CB  1 
ATOM   930  C  CG  . GLU A 1 124 ? 6.528   -6.293  -9.836  1.00 8.00  ? 124 GLU A CG  1 
ATOM   931  C  CD  . GLU A 1 124 ? 6.489   -5.561  -11.157 1.00 8.97  ? 124 GLU A CD  1 
ATOM   932  O  OE1 . GLU A 1 124 ? 7.436   -5.636  -11.955 1.00 14.30 ? 124 GLU A OE1 1 
ATOM   933  O  OE2 . GLU A 1 124 ? 5.517   -4.808  -11.333 1.00 12.28 ? 124 GLU A OE2 1 
ATOM   934  N  N   . GLY A 1 125 ? 7.673   -9.888  -8.371  1.00 5.36  ? 125 GLY A N   1 
ATOM   935  C  CA  . GLY A 1 125 ? 6.915   -11.114 -8.237  1.00 5.63  ? 125 GLY A CA  1 
ATOM   936  C  C   . GLY A 1 125 ? 6.633   -11.469 -6.791  1.00 5.29  ? 125 GLY A C   1 
ATOM   937  O  O   . GLY A 1 125 ? 5.587   -12.052 -6.468  1.00 6.00  ? 125 GLY A O   1 
ATOM   938  N  N   . ALA A 1 126 ? 7.550   -11.155 -5.891  1.00 5.76  ? 126 ALA A N   1 
ATOM   939  C  CA  . ALA A 1 126 ? 7.334   -11.404 -4.461  1.00 5.39  ? 126 ALA A CA  1 
ATOM   940  C  C   . ALA A 1 126 ? 6.283   -10.479 -3.876  1.00 4.88  ? 126 ALA A C   1 
ATOM   941  O  O   . ALA A 1 126 ? 5.416   -10.931 -3.120  1.00 5.58  ? 126 ALA A O   1 
ATOM   942  C  CB  . ALA A 1 126 ? 8.651   -11.284 -3.712  1.00 5.66  ? 126 ALA A CB  1 
ATOM   943  N  N   . TRP A 1 127 ? 6.398   -9.193  -4.232  1.00 5.24  ? 127 TRP A N   1 
ATOM   944  C  CA  . TRP A 1 127 ? 5.365   -8.240  -3.812  1.00 4.19  ? 127 TRP A CA  1 
ATOM   945  C  C   . TRP A 1 127 ? 4.021   -8.595  -4.419  1.00 4.00  ? 127 TRP A C   1 
ATOM   946  O  O   . TRP A 1 127 ? 2.998   -8.542  -3.714  1.00 5.45  ? 127 TRP A O   1 
ATOM   947  C  CB  . TRP A 1 127 ? 5.820   -6.815  -4.190  1.00 4.71  ? 127 TRP A CB  1 
ATOM   948  C  CG  . TRP A 1 127 ? 6.793   -6.318  -3.147  1.00 3.86  ? 127 TRP A CG  1 
ATOM   949  C  CD1 . TRP A 1 127 ? 8.150   -6.396  -3.186  1.00 4.48  ? 127 TRP A CD1 1 
ATOM   950  C  CD2 . TRP A 1 127 ? 6.440   -5.685  -1.911  1.00 4.04  ? 127 TRP A CD2 1 
ATOM   951  N  NE1 . TRP A 1 127 ? 8.670   -5.841  -2.045  1.00 5.12  ? 127 TRP A NE1 1 
ATOM   952  C  CE2 . TRP A 1 127 ? 7.658   -5.393  -1.241  1.00 4.34  ? 127 TRP A CE2 1 
ATOM   953  C  CE3 . TRP A 1 127 ? 5.255   -5.316  -1.287  1.00 4.84  ? 127 TRP A CE3 1 
ATOM   954  C  CZ2 . TRP A 1 127 ? 7.664   -4.769  -0.004  1.00 4.62  ? 127 TRP A CZ2 1 
ATOM   955  C  CZ3 . TRP A 1 127 ? 5.274   -4.687  -0.043  1.00 5.51  ? 127 TRP A CZ3 1 
ATOM   956  C  CH2 . TRP A 1 127 ? 6.483   -4.407  0.613   1.00 5.16  ? 127 TRP A CH2 1 
ATOM   957  N  N   . THR A 1 128 ? 3.991   -9.134  -5.624  1.00 4.68  ? 128 THR A N   1 
ATOM   958  C  CA  . THR A 1 128 ? 2.742   -9.600  -6.229  1.00 5.72  ? 128 THR A CA  1 
ATOM   959  C  C   . THR A 1 128 ? 2.145   -10.763 -5.452  1.00 4.86  ? 128 THR A C   1 
ATOM   960  O  O   . THR A 1 128 ? 0.913   -10.823 -5.253  1.00 6.83  ? 128 THR A O   1 
ATOM   961  C  CB  . THR A 1 128 ? 2.995   -9.996  -7.717  1.00 6.14  ? 128 THR A CB  1 
ATOM   962  O  OG1 . THR A 1 128 ? 3.405   -8.831  -8.433  1.00 8.66  ? 128 THR A OG1 1 
ATOM   963  C  CG2 . THR A 1 128 ? 1.725   -10.545 -8.324  1.00 10.01 ? 128 THR A CG2 1 
ATOM   964  N  N   . ALA A 1 129 ? 3.004   -11.695 -5.033  1.00 5.99  ? 129 ALA A N   1 
ATOM   965  C  CA  . ALA A 1 129 ? 2.523   -12.856 -4.264  1.00 5.38  ? 129 ALA A CA  1 
ATOM   966  C  C   . ALA A 1 129 ? 1.960   -12.416 -2.924  1.00 5.81  ? 129 ALA A C   1 
ATOM   967  O  O   . ALA A 1 129 ? 0.920   -12.899 -2.471  1.00 6.31  ? 129 ALA A O   1 
ATOM   968  C  CB  . ALA A 1 129 ? 3.641   -13.907 -4.167  1.00 5.39  ? 129 ALA A CB  1 
ATOM   969  N  N   . VAL A 1 130 ? 2.648   -11.504 -2.230  1.00 4.86  ? 130 VAL A N   1 
ATOM   970  C  CA  . VAL A 1 130 ? 2.148   -11.035 -0.944  1.00 5.56  ? 130 VAL A CA  1 
ATOM   971  C  C   . VAL A 1 130 ? 0.823   -10.302 -1.123  1.00 6.02  ? 130 VAL A C   1 
ATOM   972  O  O   . VAL A 1 130 ? -0.142  -10.525 -0.373  1.00 6.52  ? 130 VAL A O   1 
ATOM   973  C  CB  . VAL A 1 130 ? 3.192   -10.145 -0.244  1.00 5.75  ? 130 VAL A CB  1 
ATOM   974  C  CG1 . VAL A 1 130 ? 2.567   -9.379  0.911   1.00 7.84  ? 130 VAL A CG1 1 
ATOM   975  C  CG2 . VAL A 1 130 ? 4.359   -10.969 0.298   1.00 7.62  ? 130 VAL A CG2 1 
ATOM   976  N  N   . ALA A 1 131 ? 0.727   -9.448  -2.134  1.00 5.44  ? 131 ALA A N   1 
ATOM   977  C  CA  . ALA A 1 131 ? -0.498  -8.723  -2.425  1.00 5.67  ? 131 ALA A CA  1 
ATOM   978  C  C   . ALA A 1 131 ? -1.647  -9.669  -2.757  1.00 5.85  ? 131 ALA A C   1 
ATOM   979  O  O   . ALA A 1 131 ? -2.776  -9.457  -2.329  1.00 6.35  ? 131 ALA A O   1 
ATOM   980  C  CB  . ALA A 1 131 ? -0.305  -7.723  -3.552  1.00 7.01  ? 131 ALA A CB  1 
ATOM   981  N  N   . GLY A 1 132 ? -1.351  -10.753 -3.476  1.00 7.01  ? 132 GLY A N   1 
ATOM   982  C  CA  . GLY A 1 132 ? -2.390  -11.721 -3.818  1.00 7.13  ? 132 GLY A CA  1 
ATOM   983  C  C   . GLY A 1 132 ? -2.906  -12.357 -2.543  1.00 7.27  ? 132 GLY A C   1 
ATOM   984  O  O   . GLY A 1 132 ? -4.100  -12.620 -2.414  1.00 8.00  ? 132 GLY A O   1 
ATOM   985  N  N   . ALA A 1 133 ? -1.998  -12.711 -1.621  1.00 7.13  ? 133 ALA A N   1 
ATOM   986  C  CA  . ALA A 1 133 ? -2.436  -13.305 -0.356  1.00 6.87  ? 133 ALA A CA  1 
ATOM   987  C  C   . ALA A 1 133 ? -3.323  -12.348 0.420   1.00 6.18  ? 133 ALA A C   1 
ATOM   988  O  O   . ALA A 1 133 ? -4.411  -12.709 0.905   1.00 8.84  ? 133 ALA A O   1 
ATOM   989  C  CB  . ALA A 1 133 ? -1.220  -13.707 0.455   1.00 8.84  ? 133 ALA A CB  1 
ATOM   990  N  N   . LEU A 1 134 ? -2.876  -11.090 0.498   1.00 5.70  ? 134 LEU A N   1 
ATOM   991  C  CA  . LEU A 1 134 ? -3.680  -10.114 1.240   1.00 5.04  ? 134 LEU A CA  1 
ATOM   992  C  C   . LEU A 1 134 ? -5.017  -9.851  0.549   1.00 5.49  ? 134 LEU A C   1 
ATOM   993  O  O   . LEU A 1 134 ? -6.064  -9.820  1.195   1.00 6.18  ? 134 LEU A O   1 
ATOM   994  C  CB  . LEU A 1 134 ? -2.896  -8.808  1.434   1.00 5.86  ? 134 LEU A CB  1 
ATOM   995  C  CG  . LEU A 1 134 ? -1.622  -8.888  2.259   1.00 5.97  ? 134 LEU A CG  1 
ATOM   996  C  CD1 . LEU A 1 134 ? -0.793  -7.618  2.066   1.00 7.08  ? 134 LEU A CD1 1 
ATOM   997  C  CD2 . LEU A 1 134 ? -1.971  -9.145  3.719   1.00 9.98  ? 134 LEU A CD2 1 
ATOM   998  N  N   . MET A 1 135 ? -5.027  -9.737  -0.780  1.00 5.83  ? 135 MET A N   1 
ATOM   999  C  CA  . MET A 1 135 ? -6.293  -9.501  -1.478  1.00 6.16  ? 135 MET A CA  1 
ATOM   1000 C  C   . MET A 1 135 ? -7.261  -10.661 -1.293  1.00 5.92  ? 135 MET A C   1 
ATOM   1001 O  O   . MET A 1 135 ? -8.467  -10.437 -1.228  1.00 8.43  ? 135 MET A O   1 
ATOM   1002 C  CB  . MET A 1 135 ? -6.042  -9.193  -2.940  1.00 7.33  ? 135 MET A CB  1 
ATOM   1003 C  CG  . MET A 1 135 ? -5.483  -7.797  -3.212  1.00 8.90  ? 135 MET A CG  1 
ATOM   1004 S  SD  . MET A 1 135 ? -6.494  -6.440  -2.605  1.00 9.40  ? 135 MET A SD  1 
ATOM   1005 C  CE  . MET A 1 135 ? -8.079  -6.840  -3.346  1.00 15.00 ? 135 MET A CE  1 
ATOM   1006 N  N   . GLY A 1 136 ? -6.785  -11.888 -1.154  1.00 7.59  ? 136 GLY A N   1 
ATOM   1007 C  CA  . GLY A 1 136 ? -7.671  -13.014 -0.878  1.00 8.31  ? 136 GLY A CA  1 
ATOM   1008 C  C   . GLY A 1 136 ? -8.368  -12.885 0.460   1.00 8.16  ? 136 GLY A C   1 
ATOM   1009 O  O   . GLY A 1 136 ? -9.478  -13.387 0.638   1.00 10.19 ? 136 GLY A O   1 
ATOM   1010 N  N   . MET A 1 137 ? -7.756  -12.189 1.412   1.00 7.05  ? 137 MET A N   1 
ATOM   1011 C  CA  . MET A 1 137 ? -8.375  -11.912 2.704   1.00 7.75  ? 137 MET A CA  1 
ATOM   1012 C  C   . MET A 1 137 ? -9.311  -10.709 2.622   1.00 7.75  ? 137 MET A C   1 
ATOM   1013 O  O   . MET A 1 137 ? -10.297 -10.650 3.322   1.00 9.94  ? 137 MET A O   1 
ATOM   1014 C  CB  . MET A 1 137 ? -7.308  -11.684 3.788   1.00 9.30  ? 137 MET A CB  1 
ATOM   1015 C  CG  . MET A 1 137 ? -6.323  -12.844 3.938   1.00 9.41  ? 137 MET A CG  1 
ATOM   1016 S  SD  . MET A 1 137 ? -4.927  -12.430 5.015   1.00 10.62 ? 137 MET A SD  1 
ATOM   1017 C  CE  . MET A 1 137 ? -4.011  -13.965 4.965   1.00 11.15 ? 137 MET A CE  1 
ATOM   1018 N  N   . ILE A 1 138 ? -8.903  -9.694  1.847   1.00 7.86  ? 138 ILE A N   1 
ATOM   1019 C  CA  . ILE A 1 138 ? -9.583  -8.421  1.749   1.00 8.23  ? 138 ILE A CA  1 
ATOM   1020 C  C   . ILE A 1 138 ? -10.857 -8.506  0.929   1.00 9.50  ? 138 ILE A C   1 
ATOM   1021 O  O   . ILE A 1 138 ? -11.875 -7.984  1.387   1.00 10.05 ? 138 ILE A O   1 
ATOM   1022 C  CB  . ILE A 1 138 ? -8.623  -7.353  1.159   1.00 8.54  ? 138 ILE A CB  1 
ATOM   1023 C  CG1 . ILE A 1 138 ? -7.492  -7.022  2.133   1.00 7.89  ? 138 ILE A CG1 1 
ATOM   1024 C  CG2 . ILE A 1 138 ? -9.363  -6.103  0.685   1.00 9.04  ? 138 ILE A CG2 1 
ATOM   1025 C  CD1 . ILE A 1 138 ? -6.249  -6.407  1.541   1.00 8.23  ? 138 ILE A CD1 1 
ATOM   1026 N  N   . ARG A 1 139 ? -10.771 -9.084  -0.242  1.00 11.88 ? 139 ARG A N   1 
ATOM   1027 C  CA  . ARG A 1 139 ? -11.893 -9.098  -1.190  1.00 14.34 ? 139 ARG A CA  1 
ATOM   1028 C  C   . ARG A 1 139 ? -13.218 -9.526  -0.572  1.00 15.45 ? 139 ARG A C   1 
ATOM   1029 O  O   . ARG A 1 139 ? -14.255 -8.872  -0.819  1.00 16.16 ? 139 ARG A O   1 
ATOM   1030 C  CB  . ARG A 1 139 ? -11.497 -10.012 -2.362  1.00 17.84 ? 139 ARG A CB  1 
ATOM   1031 C  CG  . ARG A 1 139 ? -11.750 -9.504  -3.744  1.00 20.98 ? 139 ARG A CG  1 
ATOM   1032 C  CD  . ARG A 1 139 ? -11.073 -10.368 -4.790  1.00 24.93 ? 139 ARG A CD  1 
ATOM   1033 N  NE  . ARG A 1 139 ? -9.946  -9.704  -5.459  1.00 27.47 ? 139 ARG A NE  1 
ATOM   1034 C  CZ  . ARG A 1 139 ? -8.730  -10.259 -5.530  1.00 30.86 ? 139 ARG A CZ  1 
ATOM   1035 N  NH1 . ARG A 1 139 ? -8.503  -11.456 -4.976  1.00 32.30 ? 139 ARG A NH1 1 
ATOM   1036 N  NH2 . ARG A 1 139 ? -7.721  -9.641  -6.141  1.00 35.16 ? 139 ARG A NH2 1 
ATOM   1037 N  N   . PRO A 1 140 ? -13.276 -10.598 0.232   1.00 15.43 ? 140 PRO A N   1 
ATOM   1038 C  CA  . PRO A 1 140 ? -14.573 -11.055 0.783   1.00 17.79 ? 140 PRO A CA  1 
ATOM   1039 C  C   . PRO A 1 140 ? -15.250 -9.970  1.612   1.00 19.13 ? 140 PRO A C   1 
ATOM   1040 O  O   . PRO A 1 140 ? -16.468 -10.033 1.853   1.00 20.28 ? 140 PRO A O   1 
ATOM   1041 C  CB  . PRO A 1 140 ? -14.201 -12.244 1.670   1.00 18.69 ? 140 PRO A CB  1 
ATOM   1042 C  CG  . PRO A 1 140 ? -12.960 -12.779 1.065   1.00 18.27 ? 140 PRO A CG  1 
ATOM   1043 C  CD  . PRO A 1 140 ? -12.216 -11.595 0.494   1.00 16.53 ? 140 PRO A CD  1 
ATOM   1044 N  N   . ASP A 1 141 ? -14.454 -9.048  2.111   1.00 18.13 ? 141 ASP A N   1 
ATOM   1045 C  CA  . ASP A 1 141 ? -14.902 -7.982  2.992   1.00 17.28 ? 141 ASP A CA  1 
ATOM   1046 C  C   . ASP A 1 141 ? -15.100 -6.654  2.283   1.00 17.32 ? 141 ASP A C   1 
ATOM   1047 O  O   . ASP A 1 141 ? -15.486 -5.658  2.914   1.00 21.26 ? 141 ASP A O   1 
ATOM   1048 C  CB  . ASP A 1 141 ? -13.902 -7.869  4.157   1.00 17.49 ? 141 ASP A CB  1 
ATOM   1049 C  CG  . ASP A 1 141 ? -13.995 -9.019  5.146   1.00 20.98 ? 141 ASP A CG  1 
ATOM   1050 O  OD1 . ASP A 1 141 ? -15.185 -9.286  5.672   1.00 28.16 ? 141 ASP A OD1 1 
ATOM   1051 O  OD2 . ASP A 1 141 ? -12.979 -9.517  5.619   1.00 28.04 ? 141 ASP A OD2 1 
ATOM   1052 N  N   . MET A 1 142 ? -15.036 -6.640  0.954   1.00 17.41 ? 142 MET A N   1 
ATOM   1053 C  CA  . MET A 1 142 ? -15.189 -5.390  0.218   1.00 17.56 ? 142 MET A CA  1 
ATOM   1054 C  C   . MET A 1 142 ? -16.549 -5.294  -0.459  1.00 22.13 ? 142 MET A C   1 
ATOM   1055 O  O   . MET A 1 142 ? -17.431 -6.125  -0.230  1.00 22.98 ? 142 MET A O   1 
ATOM   1056 C  CB  . MET A 1 142 ? -14.065 -5.250  -0.818  1.00 16.59 ? 142 MET A CB  1 
ATOM   1057 C  CG  . MET A 1 142 ? -12.691 -4.938  -0.242  1.00 14.05 ? 142 MET A CG  1 
ATOM   1058 S  SD  . MET A 1 142 ? -12.659 -3.534  0.878   1.00 12.71 ? 142 MET A SD  1 
ATOM   1059 C  CE  . MET A 1 142 ? -12.758 -2.162  -0.284  1.00 12.94 ? 142 MET A CE  1 
ATOM   1060 O  OXT . MET A 1 142 ? -16.817 -4.168  -0.949  1.00 31.16 ? 142 MET A OXT 1 
HETATM 1061 C  C   . CYN B 2 .   ? -4.201  5.028   2.169   1.00 4.83  ? 145 CYN A C   1 
HETATM 1062 N  N   . CYN B 2 .   ? -3.230  5.610   1.954   1.00 7.18  ? 145 CYN A N   1 
HETATM 1063 C  CHA . HEM C 3 .   ? -6.513  5.950   5.346   1.00 5.47  ? 144 HEM A CHA 1 
HETATM 1064 C  CHB . HEM C 3 .   ? -3.583  2.154   4.465   1.00 5.39  ? 144 HEM A CHB 1 
HETATM 1065 C  CHC . HEM C 3 .   ? -5.167  1.933   -0.082  1.00 5.30  ? 144 HEM A CHC 1 
HETATM 1066 C  CHD . HEM C 3 .   ? -7.819  5.925   0.532   1.00 4.61  ? 144 HEM A CHD 1 
HETATM 1067 C  C1A . HEM C 3 .   ? -5.687  4.837   5.418   1.00 5.75  ? 144 HEM A C1A 1 
HETATM 1068 C  C2A . HEM C 3 .   ? -5.171  4.404   6.728   1.00 5.22  ? 144 HEM A C2A 1 
HETATM 1069 C  C3A . HEM C 3 .   ? -4.366  3.340   6.562   1.00 5.61  ? 144 HEM A C3A 1 
HETATM 1070 C  C4A . HEM C 3 .   ? -4.321  3.122   5.050   1.00 5.43  ? 144 HEM A C4A 1 
HETATM 1071 C  CMA . HEM C 3 .   ? -3.527  2.607   7.593   1.00 6.13  ? 144 HEM A CMA 1 
HETATM 1072 C  CAA . HEM C 3 .   ? -5.466  5.102   8.139   1.00 5.94  ? 144 HEM A CAA 1 
HETATM 1073 C  CBA . HEM C 3 .   ? -6.629  4.292   8.904   1.00 6.70  ? 144 HEM A CBA 1 
HETATM 1074 C  CGA . HEM C 3 .   ? -7.941  4.637   8.249   1.00 6.82  ? 144 HEM A CGA 1 
HETATM 1075 O  O1A . HEM C 3 .   ? -8.555  5.602   8.354   1.00 10.55 ? 144 HEM A O1A 1 
HETATM 1076 O  O2A . HEM C 3 .   ? -8.344  3.678   7.444   1.00 7.60  ? 144 HEM A O2A 1 
HETATM 1077 C  C1B . HEM C 3 .   ? -3.646  1.841   3.089   1.00 4.38  ? 144 HEM A C1B 1 
HETATM 1078 C  C2B . HEM C 3 .   ? -2.921  0.810   2.537   1.00 4.47  ? 144 HEM A C2B 1 
HETATM 1079 C  C3B . HEM C 3 .   ? -3.454  0.660   1.324   1.00 5.15  ? 144 HEM A C3B 1 
HETATM 1080 C  C4B . HEM C 3 .   ? -4.495  1.649   1.138   1.00 4.95  ? 144 HEM A C4B 1 
HETATM 1081 C  CMB . HEM C 3 .   ? -1.815  0.014   3.137   1.00 4.75  ? 144 HEM A CMB 1 
HETATM 1082 C  CAB . HEM C 3 .   ? -3.043  -0.235  0.338   1.00 8.00  ? 144 HEM A CAB 1 
HETATM 1083 C  CBB . HEM C 3 .   ? -3.052  -1.009  -0.195  1.00 14.94 ? 144 HEM A CBB 1 
HETATM 1084 C  C1C . HEM C 3 .   ? -6.036  3.029   -0.379  1.00 5.01  ? 144 HEM A C1C 1 
HETATM 1085 C  C2C . HEM C 3 .   ? -6.636  3.291   -1.667  1.00 4.41  ? 144 HEM A C2C 1 
HETATM 1086 C  C3C . HEM C 3 .   ? -7.351  4.478   -1.425  1.00 4.39  ? 144 HEM A C3C 1 
HETATM 1087 C  C4C . HEM C 3 .   ? -7.194  4.906   -0.032  1.00 5.18  ? 144 HEM A C4C 1 
HETATM 1088 C  CMC . HEM C 3 .   ? -6.467  2.520   -2.877  1.00 6.99  ? 144 HEM A CMC 1 
HETATM 1089 C  CAC . HEM C 3 .   ? -8.184  5.234   -2.339  1.00 5.45  ? 144 HEM A CAC 1 
HETATM 1090 C  CBC . HEM C 3 .   ? -8.821  4.802   -3.477  1.00 5.47  ? 144 HEM A CBC 1 
HETATM 1091 C  C1D . HEM C 3 .   ? -7.698  6.283   1.837   1.00 4.55  ? 144 HEM A C1D 1 
HETATM 1092 C  C2D . HEM C 3 .   ? -8.258  7.505   2.545   1.00 5.55  ? 144 HEM A C2D 1 
HETATM 1093 C  C3D . HEM C 3 .   ? -7.775  7.584   3.933   1.00 5.27  ? 144 HEM A C3D 1 
HETATM 1094 C  C4D . HEM C 3 .   ? -7.068  6.323   4.111   1.00 4.70  ? 144 HEM A C4D 1 
HETATM 1095 C  CMD . HEM C 3 .   ? -9.081  8.467   1.773   1.00 7.23  ? 144 HEM A CMD 1 
HETATM 1096 C  CAD . HEM C 3 .   ? -8.205  8.553   4.927   1.00 6.94  ? 144 HEM A CAD 1 
HETATM 1097 C  CBD . HEM C 3 .   ? -7.450  9.810   4.557   1.00 8.53  ? 144 HEM A CBD 1 
HETATM 1098 C  CGD . HEM C 3 .   ? -7.915  10.697  5.472   1.00 10.98 ? 144 HEM A CGD 1 
HETATM 1099 O  O1D . HEM C 3 .   ? -7.455  10.898  6.656   1.00 14.41 ? 144 HEM A O1D 1 
HETATM 1100 O  O2D . HEM C 3 .   ? -8.660  11.649  5.324   1.00 13.97 ? 144 HEM A O2D 1 
HETATM 1101 N  NA  . HEM C 3 .   ? -5.208  3.934   4.428   1.00 5.26  ? 144 HEM A NA  1 
HETATM 1102 N  NB  . HEM C 3 .   ? -4.610  2.355   2.233   1.00 4.53  ? 144 HEM A NB  1 
HETATM 1103 N  NC  . HEM C 3 .   ? -6.384  3.941   0.655   1.00 5.23  ? 144 HEM A NC  1 
HETATM 1104 N  ND  . HEM C 3 .   ? -6.900  5.613   2.857   1.00 4.60  ? 144 HEM A ND  1 
HETATM 1105 FE FE  . HEM C 3 .   ? -5.801  3.990   2.570   1.00 5.39  ? 144 HEM A FE  1 
HETATM 1106 O  O   . HOH D 4 .   ? -6.288  17.093  -9.896  1.00 11.09 ? 501 HOH A O   1 
HETATM 1107 O  O   . HOH D 4 .   ? 12.808  8.441   5.540   1.00 9.56  ? 502 HOH A O   1 
HETATM 1108 O  O   . HOH D 4 .   ? -7.686  1.058   7.422   1.00 10.25 ? 503 HOH A O   1 
HETATM 1109 O  O   . HOH D 4 .   ? 11.640  -20.166 -0.639  1.00 8.63  ? 504 HOH A O   1 
HETATM 1110 O  O   . HOH D 4 .   ? -0.540  -18.976 9.679   1.00 7.50  ? 505 HOH A O   1 
HETATM 1111 O  O   . HOH D 4 .   ? 12.890  9.207   -2.368  1.00 8.77  ? 506 HOH A O   1 
HETATM 1112 O  O   . HOH D 4 .   ? -5.575  -2.688  9.982   1.00 9.47  ? 507 HOH A O   1 
HETATM 1113 O  O   . HOH D 4 .   ? -8.707  1.739   -10.032 0.50 11.97 ? 508 HOH A O   1 
HETATM 1114 O  O   . HOH D 4 .   ? -5.904  -12.771 -4.526  1.00 19.97 ? 509 HOH A O   1 
HETATM 1115 O  O   . HOH D 4 .   ? -0.274  9.667   10.138  1.00 16.93 ? 510 HOH A O   1 
HETATM 1116 O  O   . HOH D 4 .   ? 4.142   -13.735 -8.101  1.00 12.40 ? 511 HOH A O   1 
HETATM 1117 O  O   . HOH D 4 .   ? -0.794  2.811   9.976   1.00 6.61  ? 512 HOH A O   1 
HETATM 1118 O  O   . HOH D 4 .   ? 8.714   -13.922 -7.255  1.00 9.49  ? 513 HOH A O   1 
HETATM 1119 O  O   . HOH D 4 .   ? -5.295  -15.311 0.858   1.00 16.48 ? 514 HOH A O   1 
HETATM 1120 O  O   . HOH D 4 .   ? 6.541   9.581   -8.167  1.00 15.39 ? 515 HOH A O   1 
HETATM 1121 O  O   . HOH D 4 .   ? 2.909   -20.483 10.244  1.00 13.13 ? 516 HOH A O   1 
HETATM 1122 O  O   . HOH D 4 .   ? -6.794  -3.407  -10.042 0.50 19.55 ? 517 HOH A O   1 
HETATM 1123 O  O   . HOH D 4 .   ? -4.537  23.198  -6.703  1.00 13.42 ? 518 HOH A O   1 
HETATM 1124 O  O   . HOH D 4 .   ? 11.311  -7.537  -10.116 1.00 13.30 ? 519 HOH A O   1 
HETATM 1125 O  O   . HOH D 4 .   ? -14.674 3.833   -5.916  1.00 13.76 ? 520 HOH A O   1 
HETATM 1126 O  O   . HOH D 4 .   ? 4.803   15.756  1.865   1.00 11.55 ? 521 HOH A O   1 
HETATM 1127 O  O   . HOH D 4 .   ? 12.372  -14.465 -6.133  1.00 14.61 ? 522 HOH A O   1 
HETATM 1128 O  O   . HOH D 4 .   ? 14.371  6.926   -2.024  1.00 11.54 ? 523 HOH A O   1 
HETATM 1129 O  O   . HOH D 4 .   ? 3.231   -0.663  12.271  1.00 25.24 ? 524 HOH A O   1 
HETATM 1130 O  O   . HOH D 4 .   ? -12.464 8.829   0.763   1.00 11.23 ? 525 HOH A O   1 
HETATM 1131 O  O   . HOH D 4 .   ? -0.002  -15.456 -3.062  1.00 11.20 ? 526 HOH A O   1 
HETATM 1132 O  O   . HOH D 4 .   ? -2.567  18.787  -11.336 1.00 23.19 ? 527 HOH A O   1 
HETATM 1133 O  O   . HOH D 4 .   ? 16.995  -4.822  4.265   1.00 16.68 ? 528 HOH A O   1 
HETATM 1134 O  O   . HOH D 4 .   ? -10.252 12.256  1.265   1.00 13.04 ? 529 HOH A O   1 
HETATM 1135 O  O   . HOH D 4 .   ? 10.928  -18.737 -4.155  1.00 11.10 ? 530 HOH A O   1 
HETATM 1136 O  O   . HOH D 4 .   ? 13.970  0.103   8.112   1.00 15.56 ? 531 HOH A O   1 
HETATM 1137 O  O   . HOH D 4 .   ? 2.604   6.108   -12.231 1.00 18.85 ? 532 HOH A O   1 
HETATM 1138 O  O   . HOH D 4 .   ? 8.990   7.366   7.513   1.00 24.28 ? 533 HOH A O   1 
HETATM 1139 O  O   . HOH D 4 .   ? -12.825 7.093   -6.961  1.00 12.47 ? 534 HOH A O   1 
HETATM 1140 O  O   . HOH D 4 .   ? -1.343  0.102   -11.779 0.50 16.57 ? 535 HOH A O   1 
HETATM 1141 O  O   . HOH D 4 .   ? 11.662  -23.089 -3.814  1.00 24.04 ? 536 HOH A O   1 
HETATM 1142 O  O   . HOH D 4 .   ? 11.246  -16.641 -5.925  1.00 17.93 ? 537 HOH A O   1 
HETATM 1143 O  O   . HOH D 4 .   ? -12.190 8.904   6.678   1.00 30.59 ? 538 HOH A O   1 
HETATM 1144 O  O   . HOH D 4 .   ? 10.799  -16.529 5.566   1.00 33.35 ? 539 HOH A O   1 
HETATM 1145 O  O   . HOH D 4 .   ? -3.669  20.077  -0.297  0.50 5.22  ? 540 HOH A O   1 
HETATM 1146 O  O   . HOH D 4 .   ? 14.319  5.702   -6.990  1.00 18.05 ? 541 HOH A O   1 
HETATM 1147 O  O   . HOH D 4 .   ? 4.861   -18.158 -5.310  1.00 13.98 ? 542 HOH A O   1 
HETATM 1148 O  O   . HOH D 4 .   ? 10.001  -12.150 -10.277 1.00 28.06 ? 543 HOH A O   1 
HETATM 1149 O  O   . HOH D 4 .   ? 11.930  5.427   -5.350  1.00 18.03 ? 544 HOH A O   1 
HETATM 1150 O  O   . HOH D 4 .   ? -3.591  9.749   7.193   1.00 28.84 ? 545 HOH A O   1 
HETATM 1151 O  O   . HOH D 4 .   ? -1.916  21.294  -2.242  1.00 15.97 ? 546 HOH A O   1 
HETATM 1152 O  O   . HOH D 4 .   ? 10.637  -5.089  7.177   1.00 17.34 ? 547 HOH A O   1 
HETATM 1153 O  O   . HOH D 4 .   ? -8.083  16.955  -4.229  1.00 19.64 ? 548 HOH A O   1 
HETATM 1154 O  O   . HOH D 4 .   ? 10.712  3.396   -6.964  1.00 12.97 ? 549 HOH A O   1 
HETATM 1155 O  O   . HOH D 4 .   ? 4.753   -14.281 10.844  1.00 13.19 ? 550 HOH A O   1 
HETATM 1156 O  O   . HOH D 4 .   ? -7.717  3.480   -12.445 0.50 8.48  ? 551 HOH A O   1 
HETATM 1157 O  O   . HOH D 4 .   ? -7.111  19.064  -11.634 1.00 10.65 ? 552 HOH A O   1 
HETATM 1158 O  O   . HOH D 4 .   ? -1.439  -20.382 7.374   1.00 13.16 ? 553 HOH A O   1 
HETATM 1159 O  O   . HOH D 4 .   ? -12.325 9.505   3.405   1.00 20.31 ? 554 HOH A O   1 
HETATM 1160 O  O   . HOH D 4 .   ? -13.545 -3.667  -7.661  1.00 12.20 ? 555 HOH A O   1 
HETATM 1161 O  O   . HOH D 4 .   ? -17.406 -0.704  6.143   1.00 13.18 ? 556 HOH A O   1 
HETATM 1162 O  O   . HOH D 4 .   ? -1.245  -9.476  -6.745  1.00 26.25 ? 557 HOH A O   1 
HETATM 1163 O  O   . HOH D 4 .   ? -11.678 18.756  3.223   1.00 18.52 ? 558 HOH A O   1 
HETATM 1164 O  O   . HOH D 4 .   ? -13.860 4.860   7.007   1.00 18.30 ? 559 HOH A O   1 
HETATM 1165 O  O   . HOH D 4 .   ? -11.186 -12.886 4.357   1.00 29.65 ? 560 HOH A O   1 
HETATM 1166 O  O   . HOH D 4 .   ? -7.609  17.683  5.298   1.00 25.17 ? 561 HOH A O   1 
HETATM 1167 O  O   . HOH D 4 .   ? 3.649   20.031  -3.233  0.50 20.94 ? 562 HOH A O   1 
HETATM 1168 O  O   . HOH D 4 .   ? -14.135 6.938   -9.159  1.00 38.34 ? 563 HOH A O   1 
HETATM 1169 O  O   . HOH D 4 .   ? 4.062   22.642  2.301   0.50 18.94 ? 564 HOH A O   1 
HETATM 1170 O  O   . HOH D 4 .   ? -4.555  -9.039  13.660  1.00 14.57 ? 565 HOH A O   1 
HETATM 1171 O  O   . HOH D 4 .   ? -2.093  21.539  2.737   0.50 14.44 ? 566 HOH A O   1 
HETATM 1172 O  O   . HOH D 4 .   ? -2.307  -6.112  -7.144  1.00 27.85 ? 567 HOH A O   1 
HETATM 1173 O  O   . HOH D 4 .   ? -6.056  7.411   -14.383 1.00 19.57 ? 568 HOH A O   1 
HETATM 1174 O  O   . HOH D 4 .   ? -15.140 8.692   -0.021  1.00 13.85 ? 569 HOH A O   1 
HETATM 1175 O  O   . HOH D 4 .   ? 3.031   -4.637  -10.287 1.00 11.31 ? 570 HOH A O   1 
HETATM 1176 O  O   . HOH D 4 .   ? 3.465   -13.420 13.268  1.00 12.40 ? 571 HOH A O   1 
HETATM 1177 O  O   . HOH D 4 .   ? 7.171   12.751  4.244   1.00 14.40 ? 572 HOH A O   1 
HETATM 1178 O  O   . HOH D 4 .   ? 1.668   -6.770  -9.095  1.00 12.96 ? 573 HOH A O   1 
HETATM 1179 O  O   . HOH D 4 .   ? 4.656   4.956   9.640   1.00 13.02 ? 574 HOH A O   1 
HETATM 1180 O  O   . HOH D 4 .   ? 6.996   -11.808 8.234   1.00 15.19 ? 575 HOH A O   1 
HETATM 1181 O  O   . HOH D 4 .   ? 6.708   8.249   6.741   1.00 25.93 ? 576 HOH A O   1 
HETATM 1182 O  O   . HOH D 4 .   ? -10.721 11.607  3.814   1.00 14.06 ? 577 HOH A O   1 
HETATM 1183 O  O   . HOH D 4 .   ? 12.902  11.359  -4.010  1.00 17.83 ? 578 HOH A O   1 
HETATM 1184 O  O   . HOH D 4 .   ? -6.810  -4.677  13.264  1.00 15.78 ? 579 HOH A O   1 
HETATM 1185 O  O   . HOH D 4 .   ? 9.455   -5.148  -6.112  1.00 12.68 ? 580 HOH A O   1 
HETATM 1186 O  O   . HOH D 4 .   ? -7.474  7.963   9.317   1.00 21.23 ? 581 HOH A O   1 
HETATM 1187 O  O   . HOH D 4 .   ? 4.616   -16.522 -7.241  1.00 16.73 ? 582 HOH A O   1 
HETATM 1188 O  O   . HOH D 4 .   ? 7.091   15.191  3.131   1.00 20.08 ? 583 HOH A O   1 
HETATM 1189 O  O   . HOH D 4 .   ? -14.100 -5.985  7.176   1.00 17.92 ? 584 HOH A O   1 
HETATM 1190 O  O   . HOH D 4 .   ? -12.043 21.154  2.235   1.00 18.10 ? 585 HOH A O   1 
HETATM 1191 O  O   . HOH D 4 .   ? -15.712 -4.793  5.459   1.00 19.38 ? 586 HOH A O   1 
HETATM 1192 O  O   . HOH D 4 .   ? -10.118 -0.559  -9.935  1.00 23.55 ? 587 HOH A O   1 
HETATM 1193 O  O   . HOH D 4 .   ? -0.698  -8.339  10.079  1.00 21.01 ? 588 HOH A O   1 
HETATM 1194 O  O   . HOH D 4 .   ? -6.349  -7.116  14.246  1.00 24.89 ? 589 HOH A O   1 
HETATM 1195 O  O   . HOH D 4 .   ? -3.214  23.791  -9.109  1.00 18.32 ? 590 HOH A O   1 
HETATM 1196 O  O   . HOH D 4 .   ? 6.626   -21.633 -3.990  1.00 23.72 ? 591 HOH A O   1 
HETATM 1197 O  O   . HOH D 4 .   ? -10.772 -14.756 -1.265  1.00 23.45 ? 592 HOH A O   1 
HETATM 1198 O  O   . HOH D 4 .   ? 0.225   -6.622  -6.763  1.00 24.12 ? 593 HOH A O   1 
HETATM 1199 O  O   . HOH D 4 .   ? -19.318 0.032   4.552   1.00 24.16 ? 594 HOH A O   1 
HETATM 1200 O  O   . HOH D 4 .   ? 7.080   1.061   10.425  1.00 22.61 ? 595 HOH A O   1 
HETATM 1201 O  O   . HOH D 4 .   ? 13.902  -7.016  -9.418  1.00 22.10 ? 596 HOH A O   1 
HETATM 1202 O  O   . HOH D 4 .   ? -0.859  -16.990 -1.063  0.50 13.31 ? 597 HOH A O   1 
HETATM 1203 O  O   . HOH D 4 .   ? -17.309 0.384   -1.125  0.50 14.82 ? 598 HOH A O   1 
HETATM 1204 O  O   . HOH D 4 .   ? -10.804 -8.829  5.246   1.00 27.29 ? 599 HOH A O   1 
HETATM 1205 O  O   . HOH D 4 .   ? 11.517  -13.722 -4.138  1.00 33.10 ? 600 HOH A O   1 
HETATM 1206 O  O   . HOH D 4 .   ? 14.771  -4.935  -7.744  1.00 20.95 ? 601 HOH A O   1 
HETATM 1207 O  O   . HOH D 4 .   ? -9.627  -10.524 6.978   1.00 24.51 ? 602 HOH A O   1 
HETATM 1208 O  O   . HOH D 4 .   ? 5.297   2.821   11.207  1.00 20.84 ? 603 HOH A O   1 
HETATM 1209 O  O   . HOH D 4 .   ? 2.518   -5.249  -3.530  1.00 21.03 ? 604 HOH A O   1 
HETATM 1210 O  O   . HOH D 4 .   ? 4.908   1.422   -10.008 1.00 23.37 ? 605 HOH A O   1 
HETATM 1211 O  O   . HOH D 4 .   ? -6.146  14.951  -11.564 1.00 25.34 ? 606 HOH A O   1 
HETATM 1212 O  O   . HOH D 4 .   ? -8.637  14.650  -5.005  1.00 25.83 ? 607 HOH A O   1 
HETATM 1213 O  O   . HOH D 4 .   ? -2.598  -7.596  14.530  1.00 24.78 ? 608 HOH A O   1 
HETATM 1214 O  O   . HOH D 4 .   ? 6.560   -18.358 -6.884  1.00 38.43 ? 609 HOH A O   1 
HETATM 1215 O  O   . HOH D 4 .   ? 2.308   17.427  -6.408  0.50 13.38 ? 610 HOH A O   1 
HETATM 1216 O  O   . HOH D 4 .   ? 7.151   -19.654 4.222   1.00 19.72 ? 611 HOH A O   1 
HETATM 1217 O  O   . HOH D 4 .   ? 3.729   -7.184  14.380  1.00 27.37 ? 612 HOH A O   1 
HETATM 1218 O  O   . HOH D 4 .   ? -3.021  12.235  6.015   1.00 23.89 ? 613 HOH A O   1 
HETATM 1219 O  O   . HOH D 4 .   ? 5.987   10.993  5.948   1.00 11.84 ? 614 HOH A O   1 
HETATM 1220 O  O   . HOH D 4 .   ? -17.845 -3.324  6.436   1.00 17.36 ? 615 HOH A O   1 
HETATM 1221 O  O   . HOH D 4 .   ? 1.179   -9.883  15.001  1.00 24.17 ? 616 HOH A O   1 
HETATM 1222 O  O   . HOH D 4 .   ? 5.392   11.814  13.175  1.00 20.61 ? 617 HOH A O   1 
HETATM 1223 O  O   . HOH D 4 .   ? 3.302   -19.491 2.617   1.00 29.41 ? 618 HOH A O   1 
HETATM 1224 O  O   . HOH D 4 .   ? -2.697  21.621  6.434   1.00 28.69 ? 619 HOH A O   1 
HETATM 1225 O  O   . HOH D 4 .   ? -7.950  0.993   -12.219 0.50 22.71 ? 620 HOH A O   1 
HETATM 1226 O  O   . HOH D 4 .   ? -9.464  17.270  -6.040  1.00 21.20 ? 621 HOH A O   1 
HETATM 1227 O  O   . HOH D 4 .   ? -10.098 -11.584 11.790  1.00 29.12 ? 622 HOH A O   1 
HETATM 1228 O  O   . HOH D 4 .   ? -8.126  -13.337 12.139  1.00 24.03 ? 623 HOH A O   1 
HETATM 1229 O  O   . HOH D 4 .   ? 4.652   16.428  -7.981  1.00 31.78 ? 624 HOH A O   1 
HETATM 1230 O  O   . HOH D 4 .   ? 9.633   13.046  -1.743  1.00 25.32 ? 625 HOH A O   1 
HETATM 1231 O  O   . HOH D 4 .   ? -3.406  -9.051  17.227  1.00 28.95 ? 626 HOH A O   1 
HETATM 1232 O  O   . HOH D 4 .   ? 7.075   13.339  11.729  1.00 26.31 ? 627 HOH A O   1 
HETATM 1233 O  O   . HOH D 4 .   ? 6.098   -20.758 2.064   1.00 24.12 ? 628 HOH A O   1 
HETATM 1234 O  O   . HOH D 4 .   ? -13.128 9.660   -10.411 1.00 30.95 ? 629 HOH A O   1 
HETATM 1235 O  O   . HOH D 4 .   ? -2.161  20.213  8.796   1.00 31.08 ? 630 HOH A O   1 
HETATM 1236 O  O   . HOH D 4 .   ? 5.042   -9.781  -10.619 1.00 30.83 ? 631 HOH A O   1 
HETATM 1237 O  O   . HOH D 4 .   ? -16.481 -1.542  -1.842  0.50 20.58 ? 632 HOH A O   1 
HETATM 1238 O  O   . HOH D 4 .   ? 6.904   11.887  15.705  1.00 24.96 ? 633 HOH A O   1 
HETATM 1239 O  O   . HOH D 4 .   ? -15.430 -5.552  9.909   1.00 29.79 ? 634 HOH A O   1 
HETATM 1240 O  O   . HOH D 4 .   ? -18.815 4.853   -5.911  1.00 29.91 ? 635 HOH A O   1 
HETATM 1241 O  O   . HOH D 4 .   ? 10.355  11.314  7.876   1.00 31.10 ? 636 HOH A O   1 
HETATM 1242 O  O   . HOH D 4 .   ? -9.369  14.184  6.283   1.00 33.92 ? 637 HOH A O   1 
HETATM 1243 O  O   . HOH D 4 .   ? 8.739   -18.093 5.985   0.50 12.22 ? 638 HOH A O   1 
HETATM 1244 O  O   . HOH D 4 .   ? -0.139  23.267  2.270   0.50 17.61 ? 639 HOH A O   1 
HETATM 1245 O  O   . HOH D 4 .   ? 6.602   7.324   9.502   1.00 31.39 ? 640 HOH A O   1 
HETATM 1246 O  O   . HOH D 4 .   ? 9.743   -20.536 8.397   0.50 19.04 ? 641 HOH A O   1 
HETATM 1247 O  O   . HOH D 4 .   ? 6.728   3.766   -9.752  0.50 18.63 ? 642 HOH A O   1 
HETATM 1248 O  O   . HOH D 4 .   ? 8.025   15.216  0.122   1.00 34.21 ? 643 HOH A O   1 
HETATM 1249 O  O   . HOH D 4 .   ? 13.643  -10.859 5.661   1.00 26.67 ? 644 HOH A O   1 
HETATM 1250 O  O   . HOH D 4 .   ? 9.399   -23.462 0.151   0.50 21.04 ? 645 HOH A O   1 
HETATM 1251 O  O   . HOH D 4 .   ? 8.453   -15.383 6.695   1.00 39.47 ? 646 HOH A O   1 
HETATM 1252 O  O   . HOH D 4 .   ? 4.565   9.591   -11.111 1.00 34.84 ? 647 HOH A O   1 
HETATM 1253 O  O   . HOH D 4 .   ? 9.548   -7.849  8.988   1.00 25.42 ? 648 HOH A O   1 
HETATM 1254 O  O   . HOH D 4 .   ? -3.704  -9.035  -5.873  1.00 34.35 ? 649 HOH A O   1 
HETATM 1255 O  O   . HOH D 4 .   ? 2.081   22.710  1.415   0.50 14.70 ? 650 HOH A O   1 
HETATM 1256 O  O   . HOH D 4 .   ? 9.137   -22.074 0.793   0.50 10.02 ? 651 HOH A O   1 
HETATM 1257 O  O   . HOH D 4 .   ? 7.037   12.497  -7.613  0.50 16.71 ? 652 HOH A O   1 
HETATM 1258 O  O   . HOH D 4 .   ? 3.158   2.353   -11.703 0.50 18.95 ? 653 HOH A O   1 
HETATM 1259 O  O   . HOH D 4 .   ? -6.178  -1.943  12.955  0.50 14.70 ? 654 HOH A O   1 
HETATM 1260 O  O   . HOH D 4 .   ? -2.522  11.201  10.289  0.50 23.46 ? 655 HOH A O   1 
HETATM 1261 O  O   . HOH D 4 .   ? 8.558   -4.098  8.402   0.50 18.80 ? 656 HOH A O   1 
HETATM 1262 O  O   . HOH D 4 .   ? -7.284  -15.369 -3.952  1.00 33.54 ? 657 HOH A O   1 
HETATM 1263 O  O   . HOH D 4 .   ? -8.689  2.498   -12.935 0.50 12.90 ? 658 HOH A O   1 
HETATM 1264 O  O   . HOH D 4 .   ? -0.550  -7.997  13.585  1.00 23.50 ? 659 HOH A O   1 
HETATM 1265 O  O   . HOH D 4 .   ? 5.606   14.030  -8.553  1.00 27.86 ? 660 HOH A O   1 
HETATM 1266 O  O   . HOH D 4 .   ? -10.076 13.834  -9.426  1.00 42.67 ? 661 HOH A O   1 
HETATM 1267 O  O   . HOH D 4 .   ? -16.128 5.731   -6.832  1.00 30.58 ? 662 HOH A O   1 
HETATM 1268 O  O   . HOH D 4 .   ? -0.147  -7.760  -10.762 1.00 30.28 ? 663 HOH A O   1 
HETATM 1269 O  O   . HOH D 4 .   ? 11.344  8.939   7.675   1.00 27.92 ? 664 HOH A O   1 
HETATM 1270 O  O   . HOH D 4 .   ? 2.783   -20.780 0.033   1.00 33.38 ? 665 HOH A O   1 
HETATM 1271 O  O   . HOH D 4 .   ? 12.657  2.438   9.094   1.00 27.26 ? 666 HOH A O   1 
HETATM 1272 O  O   . HOH D 4 .   ? 1.383   6.688   -14.955 1.00 32.34 ? 667 HOH A O   1 
HETATM 1273 O  O   . HOH D 4 .   ? -10.177 14.735  -7.315  1.00 34.11 ? 668 HOH A O   1 
HETATM 1274 O  O   . HOH D 4 .   ? -5.642  8.773   7.502   1.00 26.35 ? 669 HOH A O   1 
HETATM 1275 O  O   . HOH D 4 .   ? -6.119  -17.161 5.699   0.50 21.30 ? 670 HOH A O   1 
HETATM 1276 O  O   . HOH D 4 .   ? -12.497 14.201  -7.109  1.00 41.29 ? 671 HOH A O   1 
HETATM 1277 O  O   . HOH D 4 .   ? 9.612   -6.837  -12.708 1.00 31.38 ? 672 HOH A O   1 
HETATM 1278 O  O   . HOH D 4 .   ? 10.490  0.820   -9.819  1.00 29.78 ? 673 HOH A O   1 
HETATM 1279 O  O   . HOH D 4 .   ? -20.527 -3.541  5.560   1.00 44.07 ? 674 HOH A O   1 
HETATM 1280 O  O   . HOH D 4 .   ? 13.306  0.587   -10.536 1.00 40.33 ? 675 HOH A O   1 
HETATM 1281 O  O   . HOH D 4 .   ? -15.540 3.620   9.005   1.00 40.21 ? 676 HOH A O   1 
HETATM 1282 O  O   . HOH D 4 .   ? -17.499 -3.771  9.790   1.00 53.32 ? 677 HOH A O   1 
HETATM 1283 O  O   . HOH D 4 .   ? -16.554 9.077   2.341   1.00 40.06 ? 678 HOH A O   1 
HETATM 1284 O  O   . HOH D 4 .   ? -12.220 -4.568  12.385  1.00 47.21 ? 679 HOH A O   1 
HETATM 1285 O  O   . HOH D 4 .   ? 0.367   -1.455  15.809  1.00 46.49 ? 680 HOH A O   1 
HETATM 1286 O  O   . HOH D 4 .   ? -10.131 -7.392  -7.127  1.00 36.83 ? 681 HOH A O   1 
HETATM 1287 O  O   . HOH D 4 .   ? -0.881  23.215  5.586   1.00 34.60 ? 682 HOH A O   1 
HETATM 1288 O  O   . HOH D 4 .   ? 3.928   13.418  -10.378 1.00 44.28 ? 683 HOH A O   1 
HETATM 1289 O  O   . HOH D 4 .   ? 10.900  3.231   10.343  1.00 41.30 ? 684 HOH A O   1 
HETATM 1290 O  O   . HOH D 4 .   ? -10.984 23.649  3.353   1.00 43.63 ? 685 HOH A O   1 
HETATM 1291 O  O   . HOH D 4 .   ? 3.606   18.399  -10.241 0.50 22.45 ? 686 HOH A O   1 
HETATM 1292 O  O   . HOH D 4 .   ? -15.673 7.167   6.080   1.00 42.58 ? 687 HOH A O   1 
HETATM 1293 O  O   . HOH D 4 .   ? 6.779   -15.216 12.609  0.50 21.14 ? 688 HOH A O   1 
HETATM 1294 O  O   . HOH D 4 .   ? -10.306 -9.415  13.351  1.00 34.64 ? 689 HOH A O   1 
HETATM 1295 O  O   . HOH D 4 .   ? -7.567  12.861  -15.338 1.00 40.01 ? 690 HOH A O   1 
HETATM 1296 O  O   . HOH D 4 .   ? -7.644  -15.782 1.710   1.00 47.62 ? 691 HOH A O   1 
HETATM 1297 O  O   . HOH D 4 .   ? -10.573 22.148  6.198   1.00 44.30 ? 692 HOH A O   1 
HETATM 1298 O  O   . HOH D 4 .   ? 0.625   -2.041  13.136  1.00 22.01 ? 693 HOH A O   1 
HETATM 1299 O  O   . HOH D 4 .   ? 11.368  7.529   -4.008  0.50 18.38 ? 694 HOH A O   1 
HETATM 1300 O  O   . HOH D 4 .   ? -20.484 2.287   5.610   1.00 37.06 ? 695 HOH A O   1 
HETATM 1301 O  O   . HOH D 4 .   ? -17.263 5.962   -4.643  1.00 33.66 ? 696 HOH A O   1 
HETATM 1302 O  O   . HOH D 4 .   ? -15.380 0.574   9.963   1.00 41.43 ? 697 HOH A O   1 
HETATM 1303 O  O   . HOH D 4 .   ? 11.316  -22.721 1.125   1.00 40.06 ? 698 HOH A O   1 
HETATM 1304 O  O   . HOH D 4 .   ? -4.317  22.557  0.750   1.00 40.39 ? 700 HOH A O   1 
HETATM 1305 O  O   . HOH D 4 .   ? -7.737  15.220  -13.466 1.00 39.75 ? 702 HOH A O   1 
HETATM 1306 O  O   . HOH D 4 .   ? 22.474  -1.878  1.429   1.00 38.15 ? 703 HOH A O   1 
HETATM 1307 O  O   . HOH D 4 .   ? -18.146 7.457   -2.241  1.00 37.00 ? 705 HOH A O   1 
# 
